data_2NCP
#
_entry.id   2NCP
#
_entity_poly.entity_id   1
_entity_poly.type   'polypeptide(L)'
_entity_poly.pdbx_seq_one_letter_code
;SSKPKYNPEVEAKLDVARRLFKRYDKDGSGQLQDDEIAGLLKDTYAEMGMSNFTPTKEDVKIWLQMADTNSDGSVSLEEY
EDLIIKSLQKAGIRVEKQSLVF
;
_entity_poly.pdbx_strand_id   A
#
# COMPACT_ATOMS: atom_id res chain seq x y z
N SER A 1 -14.87 16.81 -2.66
CA SER A 1 -15.22 17.50 -3.89
C SER A 1 -13.99 17.65 -4.78
N SER A 2 -12.90 18.13 -4.21
CA SER A 2 -11.66 18.33 -4.96
C SER A 2 -10.54 17.47 -4.39
N LYS A 3 -9.69 16.96 -5.27
CA LYS A 3 -8.57 16.12 -4.87
C LYS A 3 -7.27 16.92 -4.82
N PRO A 4 -6.28 16.39 -4.10
CA PRO A 4 -4.97 17.04 -3.96
C PRO A 4 -4.16 17.01 -5.26
N LYS A 5 -2.91 17.41 -5.19
CA LYS A 5 -2.04 17.43 -6.35
C LYS A 5 -0.72 16.70 -6.07
N TYR A 6 -0.61 15.49 -6.60
CA TYR A 6 0.60 14.69 -6.40
C TYR A 6 1.50 14.75 -7.63
N ASN A 7 2.81 14.61 -7.41
CA ASN A 7 3.78 14.65 -8.50
C ASN A 7 3.59 13.44 -9.42
N PRO A 8 4.14 13.55 -10.64
CA PRO A 8 4.06 12.48 -11.65
C PRO A 8 4.91 11.28 -11.26
N GLU A 9 5.86 11.49 -10.37
CA GLU A 9 6.75 10.41 -9.93
C GLU A 9 6.07 9.56 -8.85
N VAL A 10 5.10 10.15 -8.16
CA VAL A 10 4.38 9.46 -7.09
C VAL A 10 3.38 8.47 -7.68
N GLU A 11 2.40 8.98 -8.40
CA GLU A 11 1.37 8.14 -9.02
C GLU A 11 2.01 7.01 -9.83
N ALA A 12 3.19 7.28 -10.38
CA ALA A 12 3.91 6.29 -11.17
C ALA A 12 4.08 4.99 -10.41
N LYS A 13 4.33 5.10 -9.10
CA LYS A 13 4.52 3.94 -8.26
C LYS A 13 3.19 3.44 -7.70
N LEU A 14 2.22 4.35 -7.60
CA LEU A 14 0.90 4.01 -7.09
C LEU A 14 0.12 3.19 -8.11
N ASP A 15 0.44 3.38 -9.39
CA ASP A 15 -0.23 2.65 -10.46
C ASP A 15 0.10 1.16 -10.40
N VAL A 16 1.39 0.85 -10.33
CA VAL A 16 1.84 -0.54 -10.28
C VAL A 16 1.30 -1.22 -9.02
N ALA A 17 1.02 -0.44 -7.99
CA ALA A 17 0.51 -0.97 -6.73
C ALA A 17 -1.00 -1.23 -6.82
N ARG A 18 -1.66 -0.50 -7.70
CA ARG A 18 -3.11 -0.65 -7.89
C ARG A 18 -3.44 -2.01 -8.48
N ARG A 19 -2.71 -2.39 -9.53
CA ARG A 19 -2.94 -3.67 -10.19
C ARG A 19 -2.64 -4.83 -9.24
N LEU A 20 -1.65 -4.65 -8.38
CA LEU A 20 -1.26 -5.67 -7.43
C LEU A 20 -2.37 -5.90 -6.39
N PHE A 21 -3.13 -4.85 -6.11
CA PHE A 21 -4.23 -4.93 -5.16
C PHE A 21 -5.31 -5.87 -5.65
N LYS A 22 -5.88 -5.55 -6.80
CA LYS A 22 -6.95 -6.36 -7.40
C LYS A 22 -6.42 -7.74 -7.76
N ARG A 23 -5.13 -7.84 -8.06
CA ARG A 23 -4.51 -9.09 -8.43
C ARG A 23 -4.74 -10.15 -7.34
N TYR A 24 -4.93 -9.69 -6.11
CA TYR A 24 -5.15 -10.60 -4.99
C TYR A 24 -6.60 -10.52 -4.52
N ASP A 25 -7.20 -9.35 -4.67
CA ASP A 25 -8.60 -9.14 -4.27
C ASP A 25 -9.55 -9.90 -5.18
N LYS A 26 -9.76 -11.18 -4.88
CA LYS A 26 -10.65 -12.02 -5.68
C LYS A 26 -12.10 -11.87 -5.22
N ASP A 27 -12.28 -11.61 -3.92
CA ASP A 27 -13.61 -11.44 -3.37
C ASP A 27 -14.22 -10.10 -3.79
N GLY A 28 -13.38 -9.25 -4.38
CA GLY A 28 -13.84 -7.95 -4.82
C GLY A 28 -14.46 -7.14 -3.70
N SER A 29 -14.08 -7.45 -2.47
CA SER A 29 -14.59 -6.75 -1.30
C SER A 29 -13.95 -5.37 -1.16
N GLY A 30 -12.78 -5.21 -1.78
CA GLY A 30 -12.09 -3.94 -1.72
C GLY A 30 -11.23 -3.81 -0.47
N GLN A 31 -10.91 -4.94 0.15
CA GLN A 31 -10.08 -4.94 1.35
C GLN A 31 -9.24 -6.21 1.43
N LEU A 32 -7.94 -6.03 1.69
CA LEU A 32 -7.03 -7.16 1.79
C LEU A 32 -6.86 -7.61 3.24
N GLN A 33 -7.55 -8.69 3.60
CA GLN A 33 -7.48 -9.22 4.94
C GLN A 33 -6.08 -9.75 5.25
N ASP A 34 -5.87 -10.15 6.51
CA ASP A 34 -4.58 -10.67 6.93
C ASP A 34 -4.11 -11.78 6.01
N ASP A 35 -5.05 -12.51 5.43
CA ASP A 35 -4.74 -13.61 4.52
C ASP A 35 -4.31 -13.07 3.16
N GLU A 36 -5.15 -12.24 2.56
CA GLU A 36 -4.86 -11.66 1.26
C GLU A 36 -3.51 -10.94 1.27
N ILE A 37 -3.13 -10.43 2.45
CA ILE A 37 -1.87 -9.72 2.60
C ILE A 37 -0.70 -10.70 2.71
N ALA A 38 -0.99 -11.91 3.18
CA ALA A 38 0.04 -12.93 3.33
C ALA A 38 0.83 -13.12 2.04
N GLY A 39 0.12 -13.35 0.94
CA GLY A 39 0.76 -13.55 -0.34
C GLY A 39 1.11 -12.24 -1.02
N LEU A 40 0.39 -11.18 -0.66
CA LEU A 40 0.62 -9.87 -1.24
C LEU A 40 2.07 -9.43 -1.05
N LEU A 41 2.54 -9.47 0.19
CA LEU A 41 3.91 -9.09 0.50
C LEU A 41 4.90 -9.82 -0.40
N LYS A 42 4.65 -11.11 -0.62
CA LYS A 42 5.52 -11.92 -1.47
C LYS A 42 5.74 -11.25 -2.81
N ASP A 43 4.70 -10.63 -3.36
CA ASP A 43 4.78 -9.96 -4.64
C ASP A 43 5.30 -8.53 -4.47
N THR A 44 4.70 -7.79 -3.53
CA THR A 44 5.09 -6.42 -3.28
C THR A 44 6.60 -6.33 -3.01
N TYR A 45 7.17 -7.40 -2.47
CA TYR A 45 8.59 -7.43 -2.17
C TYR A 45 9.41 -7.64 -3.43
N ALA A 46 8.87 -8.39 -4.37
CA ALA A 46 9.55 -8.67 -5.63
C ALA A 46 9.81 -7.38 -6.40
N GLU A 47 9.00 -6.36 -6.14
CA GLU A 47 9.16 -5.07 -6.81
C GLU A 47 10.57 -4.52 -6.62
N MET A 48 11.21 -4.91 -5.51
CA MET A 48 12.56 -4.46 -5.21
C MET A 48 13.56 -5.60 -5.36
N GLY A 49 13.14 -6.66 -6.04
CA GLY A 49 14.02 -7.81 -6.24
C GLY A 49 14.32 -8.53 -4.95
N MET A 50 13.49 -8.32 -3.94
CA MET A 50 13.68 -8.96 -2.65
C MET A 50 13.55 -10.48 -2.76
N SER A 51 13.93 -11.18 -1.71
CA SER A 51 13.86 -12.64 -1.70
C SER A 51 12.42 -13.12 -1.63
N ASN A 52 11.50 -12.19 -1.38
CA ASN A 52 10.09 -12.51 -1.29
C ASN A 52 9.82 -13.45 -0.12
N PHE A 53 10.30 -13.08 1.06
CA PHE A 53 10.11 -13.90 2.25
C PHE A 53 8.65 -14.23 2.47
N THR A 54 8.38 -15.36 3.11
CA THR A 54 7.02 -15.79 3.39
C THR A 54 6.67 -15.64 4.86
N PRO A 55 6.12 -14.48 5.23
CA PRO A 55 5.74 -14.18 6.61
C PRO A 55 4.53 -14.99 7.06
N THR A 56 4.08 -14.76 8.28
CA THR A 56 2.93 -15.46 8.83
C THR A 56 1.84 -14.49 9.28
N LYS A 57 0.78 -15.04 9.87
CA LYS A 57 -0.32 -14.21 10.35
C LYS A 57 0.16 -13.14 11.32
N GLU A 58 1.27 -13.43 11.99
CA GLU A 58 1.85 -12.48 12.94
C GLU A 58 2.51 -11.31 12.22
N ASP A 59 3.51 -11.61 11.41
CA ASP A 59 4.23 -10.58 10.66
C ASP A 59 3.25 -9.71 9.88
N VAL A 60 2.29 -10.34 9.22
CA VAL A 60 1.30 -9.62 8.44
C VAL A 60 0.54 -8.61 9.30
N LYS A 61 0.43 -8.92 10.58
CA LYS A 61 -0.26 -8.03 11.52
C LYS A 61 0.51 -6.73 11.72
N ILE A 62 1.82 -6.85 11.92
CA ILE A 62 2.67 -5.69 12.12
C ILE A 62 2.74 -4.83 10.86
N TRP A 63 2.52 -5.46 9.71
CA TRP A 63 2.56 -4.76 8.43
C TRP A 63 1.22 -4.09 8.14
N LEU A 64 0.15 -4.68 8.64
CA LEU A 64 -1.19 -4.14 8.44
C LEU A 64 -1.37 -2.84 9.20
N GLN A 65 -0.80 -2.77 10.40
CA GLN A 65 -0.89 -1.57 11.23
C GLN A 65 -0.22 -0.39 10.56
N MET A 66 0.77 -0.67 9.70
CA MET A 66 1.48 0.37 8.99
C MET A 66 0.61 1.00 7.91
N ALA A 67 0.08 0.16 7.03
CA ALA A 67 -0.77 0.62 5.94
C ALA A 67 -2.15 1.01 6.46
N ASP A 68 -2.90 0.03 6.95
CA ASP A 68 -4.24 0.26 7.48
C ASP A 68 -4.21 1.37 8.54
N THR A 69 -5.09 2.35 8.38
CA THR A 69 -5.17 3.46 9.32
C THR A 69 -6.07 3.11 10.50
N ASN A 70 -7.00 2.18 10.28
CA ASN A 70 -7.92 1.76 11.34
C ASN A 70 -7.45 0.46 11.98
N SER A 71 -6.47 -0.19 11.35
CA SER A 71 -5.93 -1.45 11.87
C SER A 71 -7.06 -2.44 12.15
N ASP A 72 -8.07 -2.44 11.29
CA ASP A 72 -9.19 -3.35 11.44
C ASP A 72 -9.00 -4.62 10.60
N GLY A 73 -7.74 -4.94 10.31
CA GLY A 73 -7.44 -6.11 9.52
C GLY A 73 -7.90 -5.98 8.08
N SER A 74 -7.89 -4.75 7.56
CA SER A 74 -8.32 -4.50 6.20
C SER A 74 -7.61 -3.26 5.62
N VAL A 75 -6.99 -3.43 4.46
CA VAL A 75 -6.28 -2.33 3.82
C VAL A 75 -6.93 -1.97 2.49
N SER A 76 -7.64 -0.85 2.47
CA SER A 76 -8.32 -0.39 1.27
C SER A 76 -7.31 0.08 0.22
N LEU A 77 -7.80 0.34 -0.99
CA LEU A 77 -6.94 0.79 -2.08
C LEU A 77 -6.21 2.08 -1.69
N GLU A 78 -6.90 2.95 -0.96
CA GLU A 78 -6.32 4.21 -0.53
C GLU A 78 -5.42 4.01 0.70
N GLU A 79 -5.71 2.96 1.46
CA GLU A 79 -4.92 2.66 2.66
C GLU A 79 -3.65 1.92 2.30
N TYR A 80 -3.65 1.26 1.15
CA TYR A 80 -2.49 0.50 0.68
C TYR A 80 -1.49 1.42 -0.02
N GLU A 81 -1.98 2.18 -0.98
CA GLU A 81 -1.13 3.09 -1.74
C GLU A 81 -0.34 3.99 -0.80
N ASP A 82 -1.01 4.51 0.22
CA ASP A 82 -0.37 5.38 1.20
C ASP A 82 0.91 4.75 1.74
N LEU A 83 0.83 3.45 2.02
CA LEU A 83 1.97 2.72 2.56
C LEU A 83 3.21 2.90 1.68
N ILE A 84 2.98 2.98 0.37
CA ILE A 84 4.07 3.16 -0.58
C ILE A 84 4.52 4.63 -0.62
N ILE A 85 3.62 5.53 -0.27
CA ILE A 85 3.92 6.95 -0.27
C ILE A 85 5.04 7.27 0.72
N LYS A 86 4.89 6.80 1.95
CA LYS A 86 5.89 7.03 2.99
C LYS A 86 7.26 6.53 2.54
N SER A 87 7.28 5.43 1.81
CA SER A 87 8.53 4.86 1.32
C SER A 87 9.04 5.63 0.12
N LEU A 88 8.13 6.11 -0.71
CA LEU A 88 8.50 6.87 -1.91
C LEU A 88 9.23 8.15 -1.53
N GLN A 89 8.93 8.68 -0.34
CA GLN A 89 9.56 9.90 0.13
C GLN A 89 11.07 9.70 0.33
N LYS A 90 11.43 8.56 0.92
CA LYS A 90 12.83 8.25 1.17
C LYS A 90 13.46 7.58 -0.05
N ALA A 91 12.63 6.94 -0.87
CA ALA A 91 13.10 6.27 -2.07
C ALA A 91 13.68 7.27 -3.07
N GLY A 92 13.26 8.53 -2.95
CA GLY A 92 13.75 9.56 -3.84
C GLY A 92 12.65 10.14 -4.71
N ILE A 93 11.43 10.18 -4.17
CA ILE A 93 10.29 10.72 -4.90
C ILE A 93 9.65 11.87 -4.14
N ARG A 94 9.56 13.03 -4.79
CA ARG A 94 8.95 14.20 -4.17
C ARG A 94 7.44 14.17 -4.31
N VAL A 95 6.74 14.17 -3.18
CA VAL A 95 5.29 14.14 -3.17
C VAL A 95 4.72 15.30 -2.37
N GLU A 96 3.59 15.84 -2.82
CA GLU A 96 2.95 16.95 -2.15
C GLU A 96 1.45 16.71 -1.99
N LYS A 97 0.94 16.91 -0.78
CA LYS A 97 -0.47 16.71 -0.49
C LYS A 97 -1.09 17.96 0.11
N GLN A 98 -2.36 18.21 -0.20
CA GLN A 98 -3.07 19.37 0.31
C GLN A 98 -3.13 19.35 1.83
N SER A 99 -2.29 20.17 2.47
CA SER A 99 -2.25 20.23 3.93
C SER A 99 -2.41 21.68 4.41
N LEU A 100 -3.45 21.92 5.20
CA LEU A 100 -3.71 23.25 5.73
C LEU A 100 -3.36 23.32 7.22
N VAL A 101 -3.28 24.55 7.73
CA VAL A 101 -2.95 24.76 9.15
C VAL A 101 -4.14 24.40 10.04
N PHE A 102 -3.91 23.50 10.99
CA PHE A 102 -4.95 23.08 11.91
C PHE A 102 -5.39 24.23 12.81
N SER A 1 -13.96 20.04 -9.40
CA SER A 1 -12.76 19.24 -9.16
C SER A 1 -11.80 19.99 -8.24
N SER A 2 -11.24 19.28 -7.27
CA SER A 2 -10.30 19.87 -6.32
C SER A 2 -9.46 18.79 -5.65
N LYS A 3 -8.99 17.84 -6.44
CA LYS A 3 -8.16 16.75 -5.93
C LYS A 3 -6.72 17.20 -5.74
N PRO A 4 -5.97 16.46 -4.91
CA PRO A 4 -4.57 16.77 -4.63
C PRO A 4 -3.66 16.52 -5.82
N LYS A 5 -2.68 17.39 -6.01
CA LYS A 5 -1.74 17.26 -7.12
C LYS A 5 -0.52 16.43 -6.71
N TYR A 6 -0.40 15.24 -7.30
CA TYR A 6 0.72 14.36 -7.00
C TYR A 6 1.67 14.26 -8.18
N ASN A 7 2.97 14.35 -7.89
CA ASN A 7 3.99 14.28 -8.94
C ASN A 7 3.81 13.02 -9.78
N PRO A 8 4.40 13.04 -10.99
CA PRO A 8 4.32 11.91 -11.92
C PRO A 8 5.10 10.70 -11.44
N GLU A 9 6.05 10.93 -10.54
CA GLU A 9 6.87 9.86 -9.99
C GLU A 9 6.14 9.14 -8.87
N VAL A 10 5.15 9.81 -8.28
CA VAL A 10 4.38 9.23 -7.19
C VAL A 10 3.30 8.29 -7.71
N GLU A 11 2.36 8.84 -8.47
CA GLU A 11 1.27 8.05 -9.03
C GLU A 11 1.81 6.89 -9.86
N ALA A 12 3.02 7.06 -10.37
CA ALA A 12 3.66 6.02 -11.18
C ALA A 12 3.83 4.73 -10.39
N LYS A 13 4.13 4.87 -9.10
CA LYS A 13 4.31 3.71 -8.23
C LYS A 13 2.99 3.27 -7.61
N LEU A 14 2.05 4.21 -7.50
CA LEU A 14 0.74 3.92 -6.94
C LEU A 14 -0.16 3.23 -7.97
N ASP A 15 0.14 3.45 -9.24
CA ASP A 15 -0.64 2.83 -10.32
C ASP A 15 -0.41 1.33 -10.38
N VAL A 16 0.86 0.92 -10.31
CA VAL A 16 1.21 -0.49 -10.34
C VAL A 16 0.74 -1.21 -9.10
N ALA A 17 0.56 -0.46 -8.01
CA ALA A 17 0.11 -1.02 -6.74
C ALA A 17 -1.39 -1.30 -6.78
N ARG A 18 -2.10 -0.62 -7.67
CA ARG A 18 -3.54 -0.79 -7.80
C ARG A 18 -3.88 -2.17 -8.37
N ARG A 19 -3.26 -2.50 -9.50
CA ARG A 19 -3.49 -3.78 -10.14
C ARG A 19 -3.30 -4.93 -9.15
N LEU A 20 -2.42 -4.73 -8.18
CA LEU A 20 -2.15 -5.75 -7.18
C LEU A 20 -3.33 -5.90 -6.21
N PHE A 21 -3.87 -4.77 -5.77
CA PHE A 21 -5.01 -4.77 -4.85
C PHE A 21 -6.14 -5.65 -5.39
N LYS A 22 -6.48 -5.45 -6.66
CA LYS A 22 -7.54 -6.22 -7.29
C LYS A 22 -7.07 -7.63 -7.64
N ARG A 23 -5.77 -7.77 -7.88
CA ARG A 23 -5.19 -9.06 -8.20
C ARG A 23 -5.25 -10.01 -7.01
N TYR A 24 -5.28 -9.44 -5.81
CA TYR A 24 -5.34 -10.23 -4.59
C TYR A 24 -6.74 -10.20 -3.99
N ASP A 25 -7.47 -9.13 -4.27
CA ASP A 25 -8.83 -8.98 -3.76
C ASP A 25 -9.85 -9.57 -4.72
N LYS A 26 -9.77 -10.89 -4.92
CA LYS A 26 -10.69 -11.58 -5.81
C LYS A 26 -12.11 -11.57 -5.26
N ASP A 27 -12.22 -11.52 -3.94
CA ASP A 27 -13.52 -11.50 -3.28
C ASP A 27 -14.23 -10.17 -3.51
N GLY A 28 -13.50 -9.20 -4.05
CA GLY A 28 -14.08 -7.89 -4.31
C GLY A 28 -14.65 -7.26 -3.07
N SER A 29 -14.14 -7.64 -1.91
CA SER A 29 -14.61 -7.10 -0.64
C SER A 29 -14.08 -5.68 -0.42
N GLY A 30 -12.99 -5.36 -1.09
CA GLY A 30 -12.39 -4.04 -0.96
C GLY A 30 -11.52 -3.91 0.27
N GLN A 31 -11.09 -5.06 0.81
CA GLN A 31 -10.24 -5.08 1.99
C GLN A 31 -9.32 -6.28 1.99
N LEU A 32 -8.03 -6.04 2.22
CA LEU A 32 -7.04 -7.11 2.25
C LEU A 32 -6.81 -7.61 3.66
N GLN A 33 -7.41 -8.75 3.99
CA GLN A 33 -7.26 -9.34 5.31
C GLN A 33 -5.86 -9.87 5.53
N ASP A 34 -5.55 -10.28 6.76
CA ASP A 34 -4.24 -10.81 7.10
C ASP A 34 -3.84 -11.92 6.13
N ASP A 35 -4.84 -12.64 5.63
CA ASP A 35 -4.60 -13.74 4.70
C ASP A 35 -4.23 -13.21 3.32
N GLU A 36 -4.98 -12.22 2.84
CA GLU A 36 -4.74 -11.63 1.53
C GLU A 36 -3.41 -10.88 1.51
N ILE A 37 -3.10 -10.20 2.61
CA ILE A 37 -1.86 -9.45 2.72
C ILE A 37 -0.65 -10.38 2.70
N ALA A 38 -0.83 -11.59 3.22
CA ALA A 38 0.24 -12.57 3.25
C ALA A 38 0.88 -12.74 1.88
N GLY A 39 0.03 -12.87 0.85
CA GLY A 39 0.53 -13.04 -0.50
C GLY A 39 0.89 -11.72 -1.15
N LEU A 40 0.23 -10.65 -0.73
CA LEU A 40 0.48 -9.32 -1.28
C LEU A 40 1.96 -8.97 -1.18
N LEU A 41 2.50 -9.01 0.04
CA LEU A 41 3.90 -8.69 0.27
C LEU A 41 4.80 -9.50 -0.65
N LYS A 42 4.39 -10.72 -0.96
CA LYS A 42 5.15 -11.61 -1.83
C LYS A 42 5.48 -10.91 -3.14
N ASP A 43 4.46 -10.35 -3.78
CA ASP A 43 4.63 -9.64 -5.05
C ASP A 43 5.12 -8.22 -4.81
N THR A 44 4.52 -7.55 -3.85
CA THR A 44 4.89 -6.16 -3.53
C THR A 44 6.39 -6.04 -3.30
N TYR A 45 7.00 -7.12 -2.83
CA TYR A 45 8.44 -7.14 -2.55
C TYR A 45 9.23 -7.34 -3.85
N ALA A 46 8.84 -8.34 -4.62
CA ALA A 46 9.50 -8.64 -5.88
C ALA A 46 9.50 -7.43 -6.81
N GLU A 47 8.52 -6.54 -6.60
CA GLU A 47 8.41 -5.34 -7.43
C GLU A 47 9.71 -4.55 -7.41
N MET A 48 10.46 -4.68 -6.33
CA MET A 48 11.73 -3.97 -6.19
C MET A 48 12.91 -4.94 -6.24
N GLY A 49 12.68 -6.11 -6.83
CA GLY A 49 13.73 -7.10 -6.94
C GLY A 49 14.14 -7.66 -5.59
N MET A 50 13.27 -7.50 -4.59
CA MET A 50 13.54 -8.00 -3.26
C MET A 50 13.63 -9.52 -3.25
N SER A 51 14.19 -10.06 -2.17
CA SER A 51 14.35 -11.51 -2.04
C SER A 51 12.98 -12.19 -2.02
N ASN A 52 11.93 -11.42 -1.75
CA ASN A 52 10.58 -11.95 -1.71
C ASN A 52 10.44 -12.96 -0.57
N PHE A 53 10.73 -12.53 0.65
CA PHE A 53 10.64 -13.39 1.81
C PHE A 53 9.20 -13.79 2.08
N THR A 54 9.01 -14.96 2.69
CA THR A 54 7.67 -15.45 3.01
C THR A 54 7.39 -15.37 4.51
N PRO A 55 6.83 -14.23 4.95
CA PRO A 55 6.50 -14.01 6.37
C PRO A 55 5.35 -14.89 6.84
N THR A 56 4.89 -14.64 8.06
CA THR A 56 3.79 -15.42 8.63
C THR A 56 2.62 -14.51 9.00
N LYS A 57 1.58 -15.10 9.57
CA LYS A 57 0.40 -14.34 9.98
C LYS A 57 0.76 -13.27 11.00
N GLU A 58 1.85 -13.49 11.73
CA GLU A 58 2.30 -12.54 12.74
C GLU A 58 2.90 -11.31 12.09
N ASP A 59 3.97 -11.51 11.33
CA ASP A 59 4.64 -10.40 10.65
C ASP A 59 3.65 -9.58 9.82
N VAL A 60 2.84 -10.27 9.03
CA VAL A 60 1.84 -9.60 8.20
C VAL A 60 0.97 -8.67 9.02
N LYS A 61 0.71 -9.05 10.28
CA LYS A 61 -0.10 -8.25 11.17
C LYS A 61 0.54 -6.88 11.43
N ILE A 62 1.82 -6.90 11.78
CA ILE A 62 2.56 -5.67 12.05
C ILE A 62 2.60 -4.77 10.82
N TRP A 63 2.48 -5.39 9.64
CA TRP A 63 2.50 -4.66 8.39
C TRP A 63 1.16 -3.97 8.13
N LEU A 64 0.10 -4.58 8.62
CA LEU A 64 -1.25 -4.04 8.44
C LEU A 64 -1.45 -2.81 9.32
N GLN A 65 -0.84 -2.81 10.50
CA GLN A 65 -0.96 -1.70 11.43
C GLN A 65 -0.40 -0.42 10.81
N MET A 66 0.57 -0.58 9.92
CA MET A 66 1.20 0.56 9.26
C MET A 66 0.41 0.96 8.01
N ALA A 67 -0.08 -0.04 7.28
CA ALA A 67 -0.84 0.22 6.06
C ALA A 67 -2.19 0.85 6.39
N ASP A 68 -2.92 0.24 7.32
CA ASP A 68 -4.22 0.76 7.72
C ASP A 68 -4.08 1.85 8.77
N THR A 69 -4.70 3.00 8.51
CA THR A 69 -4.65 4.13 9.43
C THR A 69 -5.56 3.90 10.64
N ASN A 70 -6.75 3.38 10.38
CA ASN A 70 -7.71 3.12 11.45
C ASN A 70 -7.33 1.86 12.23
N SER A 71 -6.39 1.09 11.67
CA SER A 71 -5.94 -0.14 12.31
C SER A 71 -7.12 -1.04 12.65
N ASP A 72 -8.12 -1.06 11.78
CA ASP A 72 -9.31 -1.87 11.99
C ASP A 72 -9.05 -3.32 11.63
N GLY A 73 -7.96 -3.55 10.89
CA GLY A 73 -7.62 -4.90 10.49
C GLY A 73 -7.95 -5.17 9.02
N SER A 74 -8.03 -4.11 8.23
CA SER A 74 -8.34 -4.23 6.82
C SER A 74 -7.77 -3.05 6.02
N VAL A 75 -7.02 -3.37 4.98
CA VAL A 75 -6.41 -2.34 4.14
C VAL A 75 -7.12 -2.23 2.79
N SER A 76 -7.58 -1.04 2.46
CA SER A 76 -8.28 -0.81 1.21
C SER A 76 -7.37 -0.13 0.19
N LEU A 77 -7.93 0.23 -0.96
CA LEU A 77 -7.16 0.88 -2.02
C LEU A 77 -6.50 2.16 -1.51
N GLU A 78 -7.19 2.83 -0.59
CA GLU A 78 -6.67 4.08 -0.02
C GLU A 78 -5.55 3.80 0.98
N GLU A 79 -5.89 3.08 2.05
CA GLU A 79 -4.92 2.74 3.07
C GLU A 79 -3.68 2.10 2.46
N TYR A 80 -3.90 1.13 1.57
CA TYR A 80 -2.81 0.43 0.91
C TYR A 80 -1.96 1.40 0.09
N GLU A 81 -2.59 2.08 -0.86
CA GLU A 81 -1.89 3.03 -1.71
C GLU A 81 -1.15 4.08 -0.87
N ASP A 82 -1.68 4.34 0.31
CA ASP A 82 -1.08 5.32 1.22
C ASP A 82 0.22 4.78 1.81
N LEU A 83 0.29 3.46 1.97
CA LEU A 83 1.47 2.81 2.53
C LEU A 83 2.68 3.03 1.63
N ILE A 84 2.45 3.05 0.32
CA ILE A 84 3.52 3.24 -0.64
C ILE A 84 4.00 4.69 -0.65
N ILE A 85 3.12 5.60 -0.23
CA ILE A 85 3.45 7.02 -0.19
C ILE A 85 4.66 7.27 0.71
N LYS A 86 4.67 6.62 1.87
CA LYS A 86 5.78 6.77 2.81
C LYS A 86 7.06 6.17 2.26
N SER A 87 6.96 4.95 1.74
CA SER A 87 8.12 4.26 1.18
C SER A 87 8.83 5.15 0.15
N LEU A 88 8.04 5.83 -0.67
CA LEU A 88 8.59 6.71 -1.70
C LEU A 88 9.14 7.98 -1.08
N GLN A 89 8.52 8.45 0.00
CA GLN A 89 8.97 9.65 0.68
C GLN A 89 10.41 9.52 1.15
N LYS A 90 10.74 8.36 1.70
CA LYS A 90 12.09 8.10 2.19
C LYS A 90 12.98 7.58 1.07
N ALA A 91 12.38 6.96 0.07
CA ALA A 91 13.11 6.43 -1.06
C ALA A 91 13.77 7.54 -1.87
N GLY A 92 13.24 8.75 -1.74
CA GLY A 92 13.78 9.88 -2.46
C GLY A 92 12.81 10.45 -3.48
N ILE A 93 11.54 10.15 -3.30
CA ILE A 93 10.51 10.65 -4.21
C ILE A 93 9.58 11.63 -3.52
N ARG A 94 9.78 12.92 -3.79
CA ARG A 94 8.96 13.97 -3.20
C ARG A 94 7.55 13.96 -3.77
N VAL A 95 6.56 13.89 -2.90
CA VAL A 95 5.17 13.86 -3.31
C VAL A 95 4.41 15.07 -2.77
N GLU A 96 3.80 15.84 -3.67
CA GLU A 96 3.04 17.02 -3.28
C GLU A 96 1.71 16.63 -2.66
N LYS A 97 1.59 16.80 -1.34
CA LYS A 97 0.37 16.47 -0.63
C LYS A 97 0.09 17.48 0.47
N GLN A 98 -1.12 18.03 0.47
CA GLN A 98 -1.52 19.02 1.48
C GLN A 98 -2.74 18.54 2.26
N SER A 99 -2.91 19.08 3.45
CA SER A 99 -4.04 18.71 4.31
C SER A 99 -4.52 19.90 5.13
N LEU A 100 -5.53 19.68 5.96
CA LEU A 100 -6.09 20.73 6.80
C LEU A 100 -5.29 20.87 8.10
N VAL A 101 -4.07 21.39 7.98
CA VAL A 101 -3.21 21.57 9.14
C VAL A 101 -3.79 22.61 10.10
N PHE A 102 -3.35 22.57 11.35
CA PHE A 102 -3.82 23.52 12.35
C PHE A 102 -2.85 24.69 12.50
N SER A 1 -13.67 21.28 1.25
CA SER A 1 -13.82 19.90 0.77
C SER A 1 -12.99 19.67 -0.48
N SER A 2 -11.67 19.67 -0.32
CA SER A 2 -10.76 19.47 -1.43
C SER A 2 -9.90 18.23 -1.20
N LYS A 3 -9.09 17.88 -2.21
CA LYS A 3 -8.22 16.72 -2.12
C LYS A 3 -6.75 17.13 -2.19
N PRO A 4 -5.86 16.24 -1.73
CA PRO A 4 -4.41 16.50 -1.74
C PRO A 4 -3.83 16.50 -3.15
N LYS A 5 -2.67 17.14 -3.31
CA LYS A 5 -2.02 17.22 -4.61
C LYS A 5 -0.67 16.51 -4.57
N TYR A 6 -0.58 15.39 -5.28
CA TYR A 6 0.66 14.61 -5.33
C TYR A 6 1.44 14.90 -6.60
N ASN A 7 2.72 14.53 -6.62
CA ASN A 7 3.57 14.76 -7.77
C ASN A 7 3.30 13.72 -8.86
N PRO A 8 3.71 14.04 -10.10
CA PRO A 8 3.53 13.14 -11.24
C PRO A 8 4.41 11.91 -11.16
N GLU A 9 5.46 11.99 -10.36
CA GLU A 9 6.38 10.87 -10.19
C GLU A 9 5.85 9.87 -9.17
N VAL A 10 4.95 10.34 -8.31
CA VAL A 10 4.36 9.49 -7.28
C VAL A 10 3.31 8.56 -7.87
N GLU A 11 2.25 9.15 -8.43
CA GLU A 11 1.18 8.37 -9.03
C GLU A 11 1.73 7.35 -10.03
N ALA A 12 2.85 7.68 -10.64
CA ALA A 12 3.48 6.81 -11.62
C ALA A 12 3.83 5.46 -10.99
N LYS A 13 4.20 5.48 -9.72
CA LYS A 13 4.56 4.27 -9.00
C LYS A 13 3.32 3.62 -8.37
N LEU A 14 2.30 4.43 -8.12
CA LEU A 14 1.07 3.94 -7.52
C LEU A 14 0.17 3.29 -8.56
N ASP A 15 0.36 3.68 -9.82
CA ASP A 15 -0.43 3.13 -10.93
C ASP A 15 -0.03 1.67 -11.20
N VAL A 16 1.23 1.35 -10.92
CA VAL A 16 1.73 0.00 -11.14
C VAL A 16 1.45 -0.90 -9.93
N ALA A 17 1.27 -0.27 -8.77
CA ALA A 17 0.99 -1.01 -7.55
C ALA A 17 -0.50 -1.30 -7.41
N ARG A 18 -1.33 -0.34 -7.81
CA ARG A 18 -2.76 -0.49 -7.73
C ARG A 18 -3.23 -1.77 -8.44
N ARG A 19 -2.48 -2.16 -9.46
CA ARG A 19 -2.80 -3.36 -10.23
C ARG A 19 -2.55 -4.62 -9.40
N LEU A 20 -1.60 -4.53 -8.48
CA LEU A 20 -1.25 -5.66 -7.63
C LEU A 20 -2.21 -5.76 -6.45
N PHE A 21 -2.80 -4.63 -6.07
CA PHE A 21 -3.75 -4.60 -4.96
C PHE A 21 -5.00 -5.43 -5.29
N LYS A 22 -5.73 -5.01 -6.31
CA LYS A 22 -6.94 -5.71 -6.72
C LYS A 22 -6.63 -7.15 -7.11
N ARG A 23 -5.40 -7.38 -7.56
CA ARG A 23 -4.97 -8.71 -7.97
C ARG A 23 -5.28 -9.74 -6.88
N TYR A 24 -5.25 -9.29 -5.63
CA TYR A 24 -5.52 -10.17 -4.50
C TYR A 24 -6.94 -9.98 -3.99
N ASP A 25 -7.49 -8.79 -4.20
CA ASP A 25 -8.84 -8.47 -3.77
C ASP A 25 -9.87 -9.24 -4.59
N LYS A 26 -10.16 -10.47 -4.18
CA LYS A 26 -11.13 -11.31 -4.88
C LYS A 26 -12.54 -10.94 -4.47
N ASP A 27 -12.69 -10.40 -3.27
CA ASP A 27 -14.01 -10.00 -2.77
C ASP A 27 -14.52 -8.77 -3.51
N GLY A 28 -13.66 -8.15 -4.29
CA GLY A 28 -14.04 -6.97 -5.05
C GLY A 28 -14.52 -5.85 -4.15
N SER A 29 -14.15 -5.91 -2.88
CA SER A 29 -14.55 -4.89 -1.92
C SER A 29 -13.56 -3.72 -1.92
N GLY A 30 -12.35 -3.98 -2.39
CA GLY A 30 -11.33 -2.95 -2.44
C GLY A 30 -10.53 -2.85 -1.15
N GLN A 31 -10.52 -3.94 -0.39
CA GLN A 31 -9.79 -3.98 0.87
C GLN A 31 -9.04 -5.30 1.02
N LEU A 32 -7.80 -5.23 1.50
CA LEU A 32 -6.98 -6.41 1.70
C LEU A 32 -6.91 -6.79 3.17
N GLN A 33 -7.51 -7.94 3.51
CA GLN A 33 -7.51 -8.41 4.88
C GLN A 33 -6.19 -9.09 5.23
N ASP A 34 -6.03 -9.45 6.50
CA ASP A 34 -4.81 -10.09 6.96
C ASP A 34 -4.49 -11.32 6.11
N ASP A 35 -5.52 -11.94 5.56
CA ASP A 35 -5.36 -13.12 4.73
C ASP A 35 -4.91 -12.73 3.32
N GLU A 36 -5.44 -11.62 2.81
CA GLU A 36 -5.10 -11.14 1.49
C GLU A 36 -3.72 -10.49 1.48
N ILE A 37 -3.31 -9.98 2.64
CA ILE A 37 -2.01 -9.33 2.76
C ILE A 37 -0.89 -10.36 2.83
N ALA A 38 -1.18 -11.50 3.46
CA ALA A 38 -0.19 -12.56 3.60
C ALA A 38 0.42 -12.92 2.24
N GLY A 39 -0.43 -13.08 1.23
CA GLY A 39 0.04 -13.42 -0.09
C GLY A 39 0.50 -12.20 -0.88
N LEU A 40 0.01 -11.03 -0.49
CA LEU A 40 0.38 -9.79 -1.17
C LEU A 40 1.88 -9.54 -1.05
N LEU A 41 2.38 -9.50 0.18
CA LEU A 41 3.79 -9.27 0.42
C LEU A 41 4.65 -10.23 -0.38
N LYS A 42 4.17 -11.47 -0.53
CA LYS A 42 4.89 -12.48 -1.28
C LYS A 42 5.26 -11.97 -2.67
N ASP A 43 4.31 -11.34 -3.34
CA ASP A 43 4.55 -10.79 -4.68
C ASP A 43 5.18 -9.40 -4.59
N THR A 44 4.65 -8.57 -3.71
CA THR A 44 5.16 -7.22 -3.54
C THR A 44 6.67 -7.22 -3.31
N TYR A 45 7.17 -8.30 -2.70
CA TYR A 45 8.59 -8.42 -2.42
C TYR A 45 9.34 -8.89 -3.65
N ALA A 46 8.90 -10.01 -4.23
CA ALA A 46 9.53 -10.56 -5.42
C ALA A 46 9.58 -9.54 -6.55
N GLU A 47 8.66 -8.58 -6.51
CA GLU A 47 8.59 -7.54 -7.53
C GLU A 47 9.94 -6.83 -7.67
N MET A 48 10.67 -6.75 -6.56
CA MET A 48 11.98 -6.09 -6.56
C MET A 48 13.10 -7.13 -6.45
N GLY A 49 12.80 -8.37 -6.83
CA GLY A 49 13.79 -9.42 -6.77
C GLY A 49 14.19 -9.76 -5.34
N MET A 50 13.33 -9.42 -4.39
CA MET A 50 13.60 -9.69 -2.99
C MET A 50 13.58 -11.19 -2.71
N SER A 51 14.11 -11.58 -1.55
CA SER A 51 14.16 -12.99 -1.17
C SER A 51 12.76 -13.58 -1.11
N ASN A 52 11.76 -12.72 -0.98
CA ASN A 52 10.36 -13.17 -0.91
C ASN A 52 10.13 -14.02 0.34
N PHE A 53 10.37 -13.44 1.50
CA PHE A 53 10.19 -14.14 2.77
C PHE A 53 8.71 -14.43 3.01
N THR A 54 8.43 -15.49 3.77
CA THR A 54 7.06 -15.86 4.08
C THR A 54 6.75 -15.59 5.54
N PRO A 55 6.23 -14.39 5.82
CA PRO A 55 5.87 -13.97 7.18
C PRO A 55 4.65 -14.72 7.70
N THR A 56 4.14 -14.28 8.86
CA THR A 56 2.98 -14.91 9.47
C THR A 56 1.89 -13.89 9.77
N LYS A 57 0.82 -14.33 10.41
CA LYS A 57 -0.29 -13.46 10.76
C LYS A 57 0.20 -12.29 11.63
N GLU A 58 1.30 -12.52 12.34
CA GLU A 58 1.86 -11.49 13.22
C GLU A 58 2.56 -10.41 12.40
N ASP A 59 3.58 -10.81 11.65
CA ASP A 59 4.34 -9.88 10.83
C ASP A 59 3.41 -9.06 9.93
N VAL A 60 2.45 -9.75 9.30
CA VAL A 60 1.50 -9.09 8.41
C VAL A 60 0.75 -7.98 9.15
N LYS A 61 0.56 -8.16 10.45
CA LYS A 61 -0.13 -7.17 11.27
C LYS A 61 0.65 -5.87 11.34
N ILE A 62 1.93 -5.99 11.67
CA ILE A 62 2.81 -4.82 11.78
C ILE A 62 2.88 -4.07 10.45
N TRP A 63 2.67 -4.79 9.35
CA TRP A 63 2.71 -4.19 8.02
C TRP A 63 1.38 -3.52 7.69
N LEU A 64 0.31 -4.01 8.30
CA LEU A 64 -1.02 -3.46 8.06
C LEU A 64 -1.19 -2.13 8.79
N GLN A 65 -0.61 -2.03 9.98
CA GLN A 65 -0.70 -0.82 10.78
C GLN A 65 -0.28 0.40 9.97
N MET A 66 0.87 0.30 9.31
CA MET A 66 1.39 1.39 8.50
C MET A 66 0.52 1.60 7.26
N ALA A 67 -0.13 0.54 6.82
CA ALA A 67 -1.00 0.60 5.64
C ALA A 67 -2.30 1.32 5.96
N ASP A 68 -3.14 0.69 6.77
CA ASP A 68 -4.42 1.26 7.17
C ASP A 68 -4.22 2.56 7.93
N THR A 69 -4.75 3.66 7.39
CA THR A 69 -4.63 4.96 8.01
C THR A 69 -5.75 5.20 9.01
N ASN A 70 -6.95 4.73 8.68
CA ASN A 70 -8.11 4.88 9.54
C ASN A 70 -8.08 3.86 10.68
N SER A 71 -7.20 2.88 10.55
CA SER A 71 -7.07 1.83 11.57
C SER A 71 -8.37 1.05 11.71
N ASP A 72 -8.95 0.68 10.58
CA ASP A 72 -10.20 -0.08 10.57
C ASP A 72 -9.92 -1.58 10.56
N GLY A 73 -8.69 -1.95 10.23
CA GLY A 73 -8.32 -3.35 10.19
C GLY A 73 -8.25 -3.90 8.78
N SER A 74 -8.12 -2.99 7.80
CA SER A 74 -8.05 -3.39 6.41
C SER A 74 -7.28 -2.35 5.59
N VAL A 75 -6.66 -2.80 4.50
CA VAL A 75 -5.89 -1.91 3.65
C VAL A 75 -6.60 -1.68 2.31
N SER A 76 -7.04 -0.45 2.08
CA SER A 76 -7.74 -0.11 0.85
C SER A 76 -6.75 0.23 -0.27
N LEU A 77 -7.28 0.73 -1.38
CA LEU A 77 -6.44 1.09 -2.52
C LEU A 77 -5.46 2.20 -2.16
N GLU A 78 -6.00 3.33 -1.70
CA GLU A 78 -5.16 4.47 -1.31
C GLU A 78 -4.21 4.08 -0.17
N GLU A 79 -4.73 3.37 0.81
CA GLU A 79 -3.94 2.93 1.95
C GLU A 79 -2.70 2.18 1.49
N TYR A 80 -2.92 1.08 0.79
CA TYR A 80 -1.81 0.26 0.29
C TYR A 80 -0.83 1.10 -0.51
N GLU A 81 -1.35 1.87 -1.46
CA GLU A 81 -0.52 2.73 -2.29
C GLU A 81 0.26 3.74 -1.45
N ASP A 82 -0.28 4.03 -0.27
CA ASP A 82 0.36 4.98 0.65
C ASP A 82 1.65 4.40 1.21
N LEU A 83 1.72 3.07 1.27
CA LEU A 83 2.90 2.39 1.80
C LEU A 83 4.11 2.60 0.89
N ILE A 84 3.86 2.58 -0.43
CA ILE A 84 4.92 2.77 -1.41
C ILE A 84 5.44 4.19 -1.39
N ILE A 85 4.60 5.12 -0.93
CA ILE A 85 4.98 6.53 -0.85
C ILE A 85 6.24 6.72 -0.03
N LYS A 86 6.28 6.11 1.16
CA LYS A 86 7.43 6.22 2.03
C LYS A 86 8.72 5.82 1.29
N SER A 87 8.78 4.58 0.84
CA SER A 87 9.95 4.08 0.12
C SER A 87 10.28 5.00 -1.07
N LEU A 88 9.26 5.66 -1.60
CA LEU A 88 9.44 6.56 -2.73
C LEU A 88 10.30 7.75 -2.34
N GLN A 89 10.04 8.31 -1.15
CA GLN A 89 10.80 9.45 -0.66
C GLN A 89 12.30 9.19 -0.72
N LYS A 90 12.69 7.95 -0.39
CA LYS A 90 14.09 7.57 -0.40
C LYS A 90 14.52 7.10 -1.79
N ALA A 91 13.55 6.66 -2.58
CA ALA A 91 13.82 6.19 -3.93
C ALA A 91 14.31 7.32 -4.82
N GLY A 92 13.99 8.55 -4.43
CA GLY A 92 14.41 9.71 -5.20
C GLY A 92 13.24 10.46 -5.80
N ILE A 93 12.10 10.42 -5.11
CA ILE A 93 10.90 11.10 -5.59
C ILE A 93 10.34 12.03 -4.52
N ARG A 94 9.93 13.22 -4.92
CA ARG A 94 9.38 14.21 -4.00
C ARG A 94 7.85 14.19 -4.05
N VAL A 95 7.23 13.78 -2.94
CA VAL A 95 5.78 13.72 -2.86
C VAL A 95 5.24 14.73 -1.85
N GLU A 96 4.08 15.30 -2.15
CA GLU A 96 3.47 16.28 -1.25
C GLU A 96 2.02 15.90 -0.94
N LYS A 97 1.71 15.82 0.34
CA LYS A 97 0.36 15.46 0.78
C LYS A 97 -0.26 16.58 1.61
N GLN A 98 -1.53 16.86 1.37
CA GLN A 98 -2.24 17.91 2.09
C GLN A 98 -3.64 17.45 2.48
N SER A 99 -3.83 17.15 3.76
CA SER A 99 -5.13 16.69 4.25
C SER A 99 -6.01 17.88 4.62
N LEU A 100 -7.19 17.59 5.16
CA LEU A 100 -8.12 18.63 5.57
C LEU A 100 -8.14 18.80 7.08
N VAL A 101 -8.09 20.05 7.54
CA VAL A 101 -8.10 20.34 8.97
C VAL A 101 -9.27 21.25 9.33
N PHE A 102 -9.79 21.08 10.54
CA PHE A 102 -10.91 21.89 11.02
C PHE A 102 -10.40 23.14 11.75
N SER A 1 -14.22 18.70 -1.69
CA SER A 1 -14.45 18.76 -3.13
C SER A 1 -13.14 18.67 -3.89
N SER A 2 -12.11 19.34 -3.38
CA SER A 2 -10.81 19.35 -4.01
C SER A 2 -10.02 18.10 -3.65
N LYS A 3 -8.95 17.84 -4.39
CA LYS A 3 -8.11 16.66 -4.15
C LYS A 3 -6.65 17.07 -3.97
N PRO A 4 -5.87 16.21 -3.31
CA PRO A 4 -4.45 16.46 -3.06
C PRO A 4 -3.62 16.37 -4.34
N LYS A 5 -2.83 17.41 -4.60
CA LYS A 5 -1.98 17.44 -5.78
C LYS A 5 -0.68 16.66 -5.56
N TYR A 6 -0.63 15.45 -6.11
CA TYR A 6 0.55 14.60 -5.97
C TYR A 6 1.43 14.68 -7.22
N ASN A 7 2.73 14.52 -7.01
CA ASN A 7 3.69 14.56 -8.12
C ASN A 7 3.45 13.41 -9.09
N PRO A 8 3.96 13.55 -10.33
CA PRO A 8 3.83 12.54 -11.37
C PRO A 8 4.64 11.29 -11.07
N GLU A 9 5.64 11.43 -10.21
CA GLU A 9 6.49 10.31 -9.83
C GLU A 9 5.84 9.46 -8.74
N VAL A 10 4.91 10.06 -8.02
CA VAL A 10 4.20 9.37 -6.94
C VAL A 10 3.15 8.41 -7.50
N GLU A 11 2.16 8.98 -8.18
CA GLU A 11 1.08 8.17 -8.77
C GLU A 11 1.66 7.04 -9.63
N ALA A 12 2.82 7.29 -10.21
CA ALA A 12 3.48 6.29 -11.05
C ALA A 12 3.66 4.98 -10.31
N LYS A 13 3.94 5.07 -9.01
CA LYS A 13 4.15 3.88 -8.18
C LYS A 13 2.81 3.32 -7.72
N LEU A 14 1.80 4.18 -7.63
CA LEU A 14 0.47 3.76 -7.20
C LEU A 14 -0.28 3.07 -8.33
N ASP A 15 0.08 3.41 -9.57
CA ASP A 15 -0.56 2.82 -10.74
C ASP A 15 -0.18 1.36 -10.89
N VAL A 16 1.03 1.01 -10.46
CA VAL A 16 1.50 -0.37 -10.53
C VAL A 16 1.06 -1.17 -9.32
N ALA A 17 0.80 -0.48 -8.21
CA ALA A 17 0.37 -1.13 -6.98
C ALA A 17 -1.11 -1.52 -7.07
N ARG A 18 -1.92 -0.62 -7.57
CA ARG A 18 -3.36 -0.87 -7.70
C ARG A 18 -3.61 -2.19 -8.44
N ARG A 19 -2.70 -2.55 -9.32
CA ARG A 19 -2.82 -3.79 -10.09
C ARG A 19 -2.48 -5.00 -9.23
N LEU A 20 -1.51 -4.82 -8.34
CA LEU A 20 -1.09 -5.91 -7.45
C LEU A 20 -2.17 -6.22 -6.42
N PHE A 21 -3.02 -5.24 -6.13
CA PHE A 21 -4.10 -5.42 -5.17
C PHE A 21 -5.08 -6.47 -5.65
N LYS A 22 -5.76 -6.19 -6.76
CA LYS A 22 -6.73 -7.11 -7.33
C LYS A 22 -6.10 -8.46 -7.62
N ARG A 23 -4.79 -8.46 -7.87
CA ARG A 23 -4.06 -9.69 -8.15
C ARG A 23 -4.30 -10.72 -7.06
N TYR A 24 -4.55 -10.25 -5.84
CA TYR A 24 -4.79 -11.13 -4.71
C TYR A 24 -6.26 -11.11 -4.29
N ASP A 25 -6.92 -9.99 -4.57
CA ASP A 25 -8.33 -9.82 -4.22
C ASP A 25 -9.22 -10.58 -5.20
N LYS A 26 -9.17 -11.91 -5.12
CA LYS A 26 -9.98 -12.75 -5.99
C LYS A 26 -11.47 -12.61 -5.68
N ASP A 27 -11.77 -12.26 -4.44
CA ASP A 27 -13.15 -12.09 -4.00
C ASP A 27 -13.70 -10.75 -4.49
N GLY A 28 -12.83 -9.91 -5.01
CA GLY A 28 -13.25 -8.60 -5.50
C GLY A 28 -13.95 -7.78 -4.43
N SER A 29 -13.66 -8.08 -3.18
CA SER A 29 -14.27 -7.37 -2.06
C SER A 29 -13.63 -6.00 -1.86
N GLY A 30 -12.40 -5.86 -2.36
CA GLY A 30 -11.69 -4.59 -2.23
C GLY A 30 -11.02 -4.44 -0.89
N GLN A 31 -10.74 -5.56 -0.23
CA GLN A 31 -10.10 -5.54 1.08
C GLN A 31 -9.21 -6.77 1.26
N LEU A 32 -8.00 -6.54 1.77
CA LEU A 32 -7.05 -7.63 2.00
C LEU A 32 -6.93 -7.95 3.48
N GLN A 33 -7.59 -9.02 3.91
CA GLN A 33 -7.55 -9.43 5.31
C GLN A 33 -6.13 -9.79 5.74
N ASP A 34 -5.96 -10.07 7.02
CA ASP A 34 -4.66 -10.43 7.56
C ASP A 34 -4.07 -11.61 6.79
N ASP A 35 -4.93 -12.44 6.22
CA ASP A 35 -4.50 -13.60 5.46
C ASP A 35 -4.15 -13.21 4.02
N GLU A 36 -5.07 -12.51 3.37
CA GLU A 36 -4.86 -12.08 1.99
C GLU A 36 -3.57 -11.29 1.86
N ILE A 37 -3.20 -10.58 2.92
CA ILE A 37 -1.97 -9.78 2.92
C ILE A 37 -0.74 -10.68 3.03
N ALA A 38 -0.90 -11.85 3.62
CA ALA A 38 0.20 -12.79 3.77
C ALA A 38 0.90 -13.04 2.43
N GLY A 39 0.11 -13.30 1.39
CA GLY A 39 0.66 -13.55 0.08
C GLY A 39 0.97 -12.27 -0.68
N LEU A 40 0.30 -11.19 -0.30
CA LEU A 40 0.50 -9.90 -0.95
C LEU A 40 1.95 -9.46 -0.84
N LEU A 41 2.46 -9.40 0.39
CA LEU A 41 3.83 -8.99 0.63
C LEU A 41 4.79 -9.80 -0.24
N LYS A 42 4.45 -11.05 -0.50
CA LYS A 42 5.28 -11.93 -1.31
C LYS A 42 5.62 -11.27 -2.65
N ASP A 43 4.58 -10.96 -3.42
CA ASP A 43 4.77 -10.32 -4.73
C ASP A 43 5.15 -8.86 -4.55
N THR A 44 4.55 -8.19 -3.57
CA THR A 44 4.82 -6.79 -3.31
C THR A 44 6.30 -6.56 -3.04
N TYR A 45 6.96 -7.57 -2.48
CA TYR A 45 8.39 -7.48 -2.17
C TYR A 45 9.24 -7.78 -3.40
N ALA A 46 9.00 -8.93 -4.01
CA ALA A 46 9.74 -9.33 -5.20
C ALA A 46 9.63 -8.28 -6.29
N GLU A 47 8.56 -7.51 -6.26
CA GLU A 47 8.34 -6.45 -7.25
C GLU A 47 9.52 -5.49 -7.29
N MET A 48 10.24 -5.39 -6.18
CA MET A 48 11.38 -4.50 -6.09
C MET A 48 12.69 -5.31 -6.01
N GLY A 49 12.62 -6.57 -6.42
CA GLY A 49 13.80 -7.42 -6.38
C GLY A 49 14.26 -7.71 -4.98
N MET A 50 13.36 -7.53 -4.00
CA MET A 50 13.68 -7.77 -2.61
C MET A 50 13.97 -9.26 -2.37
N SER A 51 14.41 -9.58 -1.16
CA SER A 51 14.73 -10.96 -0.81
C SER A 51 13.51 -11.85 -0.96
N ASN A 52 12.33 -11.24 -0.94
CA ASN A 52 11.08 -11.97 -1.06
C ASN A 52 10.88 -12.93 0.11
N PHE A 53 10.86 -12.38 1.32
CA PHE A 53 10.68 -13.19 2.52
C PHE A 53 9.22 -13.57 2.71
N THR A 54 9.00 -14.71 3.37
CA THR A 54 7.65 -15.19 3.61
C THR A 54 7.27 -15.04 5.08
N PRO A 55 6.66 -13.89 5.41
CA PRO A 55 6.23 -13.60 6.79
C PRO A 55 5.05 -14.46 7.23
N THR A 56 4.74 -14.42 8.51
CA THR A 56 3.63 -15.19 9.06
C THR A 56 2.46 -14.29 9.45
N LYS A 57 1.41 -14.89 10.00
CA LYS A 57 0.24 -14.15 10.41
C LYS A 57 0.62 -13.04 11.40
N GLU A 58 1.73 -13.23 12.10
CA GLU A 58 2.20 -12.25 13.07
C GLU A 58 2.78 -11.02 12.37
N ASP A 59 3.82 -11.24 11.58
CA ASP A 59 4.47 -10.16 10.85
C ASP A 59 3.44 -9.36 10.05
N VAL A 60 2.45 -10.05 9.51
CA VAL A 60 1.41 -9.41 8.71
C VAL A 60 0.64 -8.39 9.55
N LYS A 61 0.35 -8.75 10.79
CA LYS A 61 -0.38 -7.86 11.69
C LYS A 61 0.31 -6.50 11.79
N ILE A 62 1.64 -6.52 11.86
CA ILE A 62 2.41 -5.28 11.95
C ILE A 62 2.36 -4.50 10.65
N TRP A 63 2.14 -5.21 9.54
CA TRP A 63 2.06 -4.59 8.23
C TRP A 63 0.66 -4.03 7.97
N LEU A 64 -0.34 -4.69 8.54
CA LEU A 64 -1.73 -4.26 8.37
C LEU A 64 -2.05 -3.07 9.27
N GLN A 65 -1.64 -3.17 10.53
CA GLN A 65 -1.89 -2.10 11.49
C GLN A 65 -1.41 -0.76 10.95
N MET A 66 -0.35 -0.80 10.15
CA MET A 66 0.21 0.41 9.56
C MET A 66 -0.44 0.72 8.21
N ALA A 67 -0.94 -0.32 7.56
CA ALA A 67 -1.59 -0.16 6.25
C ALA A 67 -2.98 0.47 6.41
N ASP A 68 -3.79 -0.11 7.28
CA ASP A 68 -5.14 0.39 7.52
C ASP A 68 -5.12 1.51 8.56
N THR A 69 -5.73 2.64 8.22
CA THR A 69 -5.78 3.78 9.11
C THR A 69 -6.69 3.50 10.31
N ASN A 70 -7.63 2.58 10.12
CA ASN A 70 -8.57 2.22 11.18
C ASN A 70 -8.12 0.95 11.89
N SER A 71 -7.12 0.29 11.32
CA SER A 71 -6.60 -0.95 11.90
C SER A 71 -7.72 -1.95 12.15
N ASP A 72 -8.70 -1.97 11.25
CA ASP A 72 -9.83 -2.88 11.37
C ASP A 72 -9.45 -4.29 10.91
N GLY A 73 -8.33 -4.39 10.19
CA GLY A 73 -7.88 -5.67 9.70
C GLY A 73 -8.14 -5.86 8.22
N SER A 74 -8.28 -4.75 7.51
CA SER A 74 -8.56 -4.80 6.07
C SER A 74 -7.97 -3.57 5.38
N VAL A 75 -7.17 -3.81 4.34
CA VAL A 75 -6.55 -2.73 3.58
C VAL A 75 -7.16 -2.61 2.19
N SER A 76 -7.86 -1.50 1.96
CA SER A 76 -8.50 -1.26 0.67
C SER A 76 -7.49 -0.75 -0.36
N LEU A 77 -7.98 -0.40 -1.54
CA LEU A 77 -7.13 0.10 -2.60
C LEU A 77 -6.53 1.46 -2.23
N GLU A 78 -7.30 2.25 -1.49
CA GLU A 78 -6.85 3.57 -1.07
C GLU A 78 -5.93 3.47 0.15
N GLU A 79 -6.25 2.54 1.04
CA GLU A 79 -5.46 2.34 2.25
C GLU A 79 -4.13 1.67 1.92
N TYR A 80 -4.07 0.99 0.78
CA TYR A 80 -2.86 0.31 0.35
C TYR A 80 -1.92 1.27 -0.36
N GLU A 81 -2.45 1.97 -1.36
CA GLU A 81 -1.65 2.93 -2.12
C GLU A 81 -0.96 3.93 -1.20
N ASP A 82 -1.71 4.42 -0.22
CA ASP A 82 -1.17 5.39 0.73
C ASP A 82 0.04 4.82 1.47
N LEU A 83 0.08 3.49 1.58
CA LEU A 83 1.18 2.82 2.26
C LEU A 83 2.49 2.98 1.49
N ILE A 84 2.39 2.93 0.16
CA ILE A 84 3.57 3.06 -0.69
C ILE A 84 4.04 4.52 -0.73
N ILE A 85 3.12 5.44 -0.46
CA ILE A 85 3.46 6.86 -0.47
C ILE A 85 4.59 7.16 0.50
N LYS A 86 4.39 6.81 1.77
CA LYS A 86 5.40 7.04 2.79
C LYS A 86 6.73 6.39 2.42
N SER A 87 6.65 5.35 1.59
CA SER A 87 7.85 4.65 1.15
C SER A 87 8.50 5.36 -0.03
N LEU A 88 7.70 6.10 -0.79
CA LEU A 88 8.20 6.84 -1.94
C LEU A 88 8.88 8.13 -1.51
N GLN A 89 8.24 8.85 -0.59
CA GLN A 89 8.79 10.10 -0.10
C GLN A 89 10.23 9.93 0.38
N LYS A 90 10.50 8.78 1.00
CA LYS A 90 11.84 8.48 1.51
C LYS A 90 12.70 7.86 0.41
N ALA A 91 12.06 7.16 -0.51
CA ALA A 91 12.77 6.51 -1.60
C ALA A 91 13.43 7.55 -2.52
N GLY A 92 12.96 8.79 -2.42
CA GLY A 92 13.52 9.85 -3.25
C GLY A 92 12.49 10.44 -4.19
N ILE A 93 11.21 10.29 -3.85
CA ILE A 93 10.14 10.83 -4.68
C ILE A 93 9.39 11.95 -3.97
N ARG A 94 9.69 13.18 -4.35
CA ARG A 94 9.05 14.34 -3.75
C ARG A 94 7.55 14.31 -3.97
N VAL A 95 6.80 14.11 -2.89
CA VAL A 95 5.34 14.06 -2.96
C VAL A 95 4.71 15.19 -2.14
N GLU A 96 3.93 16.02 -2.81
CA GLU A 96 3.26 17.14 -2.15
C GLU A 96 1.78 16.83 -1.94
N LYS A 97 1.21 17.43 -0.89
CA LYS A 97 -0.20 17.22 -0.58
C LYS A 97 -0.82 18.49 0.01
N GLN A 98 -2.10 18.70 -0.25
CA GLN A 98 -2.81 19.87 0.25
C GLN A 98 -2.70 19.96 1.77
N SER A 99 -1.89 20.91 2.24
CA SER A 99 -1.71 21.09 3.68
C SER A 99 -2.52 22.28 4.19
N LEU A 100 -2.44 22.52 5.49
CA LEU A 100 -3.18 23.63 6.10
C LEU A 100 -2.43 24.17 7.32
N VAL A 101 -2.47 25.47 7.49
CA VAL A 101 -1.79 26.12 8.63
C VAL A 101 -2.41 25.67 9.95
N PHE A 102 -1.57 25.54 10.97
CA PHE A 102 -2.02 25.12 12.29
C PHE A 102 -2.21 26.32 13.21
N SER A 1 -15.58 14.61 -6.65
CA SER A 1 -14.44 14.50 -5.75
C SER A 1 -13.12 14.52 -6.53
N SER A 2 -12.36 15.61 -6.35
CA SER A 2 -11.09 15.76 -7.05
C SER A 2 -9.93 15.37 -6.13
N LYS A 3 -8.81 15.01 -6.74
CA LYS A 3 -7.61 14.62 -5.99
C LYS A 3 -6.55 15.70 -6.05
N PRO A 4 -5.60 15.65 -5.11
CA PRO A 4 -4.50 16.62 -5.03
C PRO A 4 -3.50 16.46 -6.17
N LYS A 5 -2.63 17.44 -6.32
CA LYS A 5 -1.62 17.41 -7.38
C LYS A 5 -0.39 16.61 -6.94
N TYR A 6 -0.24 15.41 -7.47
CA TYR A 6 0.88 14.56 -7.13
C TYR A 6 1.85 14.43 -8.30
N ASN A 7 3.14 14.44 -8.01
CA ASN A 7 4.16 14.32 -9.03
C ASN A 7 3.96 13.06 -9.87
N PRO A 8 4.56 13.03 -11.06
CA PRO A 8 4.46 11.90 -11.98
C PRO A 8 5.22 10.68 -11.47
N GLU A 9 6.15 10.91 -10.54
CA GLU A 9 6.95 9.82 -9.98
C GLU A 9 6.16 9.09 -8.89
N VAL A 10 5.21 9.79 -8.29
CA VAL A 10 4.39 9.21 -7.23
C VAL A 10 3.30 8.31 -7.81
N GLU A 11 2.39 8.92 -8.57
CA GLU A 11 1.29 8.18 -9.19
C GLU A 11 1.81 6.97 -9.95
N ALA A 12 3.03 7.08 -10.48
CA ALA A 12 3.64 6.00 -11.24
C ALA A 12 3.67 4.71 -10.42
N LYS A 13 3.83 4.86 -9.10
CA LYS A 13 3.87 3.71 -8.21
C LYS A 13 2.46 3.32 -7.75
N LEU A 14 1.58 4.31 -7.66
CA LEU A 14 0.21 4.07 -7.23
C LEU A 14 -0.59 3.38 -8.33
N ASP A 15 -0.17 3.57 -9.57
CA ASP A 15 -0.84 2.95 -10.71
C ASP A 15 -0.71 1.44 -10.67
N VAL A 16 0.51 0.97 -10.41
CA VAL A 16 0.79 -0.46 -10.35
C VAL A 16 0.24 -1.07 -9.06
N ALA A 17 0.08 -0.23 -8.04
CA ALA A 17 -0.44 -0.68 -6.75
C ALA A 17 -1.90 -1.09 -6.86
N ARG A 18 -2.58 -0.58 -7.89
CA ARG A 18 -3.99 -0.89 -8.10
C ARG A 18 -4.14 -2.30 -8.69
N ARG A 19 -3.51 -2.53 -9.82
CA ARG A 19 -3.59 -3.83 -10.49
C ARG A 19 -3.09 -4.94 -9.56
N LEU A 20 -2.22 -4.57 -8.62
CA LEU A 20 -1.68 -5.53 -7.67
C LEU A 20 -2.68 -5.87 -6.57
N PHE A 21 -3.58 -4.92 -6.30
CA PHE A 21 -4.59 -5.11 -5.28
C PHE A 21 -5.62 -6.15 -5.71
N LYS A 22 -6.25 -5.91 -6.85
CA LYS A 22 -7.26 -6.83 -7.39
C LYS A 22 -6.63 -8.16 -7.76
N ARG A 23 -5.35 -8.12 -8.11
CA ARG A 23 -4.63 -9.33 -8.51
C ARG A 23 -4.74 -10.40 -7.43
N TYR A 24 -4.91 -9.97 -6.19
CA TYR A 24 -5.04 -10.89 -5.06
C TYR A 24 -6.49 -10.98 -4.58
N ASP A 25 -7.15 -9.84 -4.55
CA ASP A 25 -8.54 -9.77 -4.11
C ASP A 25 -9.47 -10.36 -5.16
N LYS A 26 -9.63 -11.68 -5.14
CA LYS A 26 -10.49 -12.37 -6.10
C LYS A 26 -11.97 -12.11 -5.79
N ASP A 27 -12.26 -11.83 -4.51
CA ASP A 27 -13.62 -11.57 -4.09
C ASP A 27 -14.10 -10.21 -4.57
N GLY A 28 -13.16 -9.42 -5.09
CA GLY A 28 -13.50 -8.10 -5.59
C GLY A 28 -14.17 -7.23 -4.54
N SER A 29 -13.94 -7.57 -3.26
CA SER A 29 -14.52 -6.82 -2.17
C SER A 29 -13.79 -5.51 -1.95
N GLY A 30 -12.55 -5.44 -2.43
CA GLY A 30 -11.76 -4.23 -2.28
C GLY A 30 -11.07 -4.14 -0.94
N GLN A 31 -10.94 -5.29 -0.26
CA GLN A 31 -10.29 -5.33 1.04
C GLN A 31 -9.39 -6.55 1.16
N LEU A 32 -8.16 -6.33 1.62
CA LEU A 32 -7.19 -7.41 1.77
C LEU A 32 -7.10 -7.85 3.23
N GLN A 33 -7.69 -8.99 3.54
CA GLN A 33 -7.68 -9.52 4.90
C GLN A 33 -6.26 -9.91 5.31
N ASP A 34 -6.10 -10.28 6.57
CA ASP A 34 -4.80 -10.69 7.10
C ASP A 34 -4.18 -11.77 6.22
N ASP A 35 -5.03 -12.57 5.59
CA ASP A 35 -4.56 -13.65 4.73
C ASP A 35 -4.17 -13.11 3.35
N GLU A 36 -5.09 -12.39 2.72
CA GLU A 36 -4.84 -11.82 1.40
C GLU A 36 -3.53 -11.03 1.39
N ILE A 37 -3.29 -10.30 2.47
CA ILE A 37 -2.08 -9.49 2.58
C ILE A 37 -0.83 -10.37 2.63
N ALA A 38 -0.98 -11.58 3.17
CA ALA A 38 0.13 -12.51 3.27
C ALA A 38 0.81 -12.70 1.91
N GLY A 39 0.01 -12.89 0.87
CA GLY A 39 0.55 -13.08 -0.45
C GLY A 39 0.88 -11.76 -1.15
N LEU A 40 0.23 -10.69 -0.70
CA LEU A 40 0.45 -9.37 -1.28
C LEU A 40 1.91 -8.95 -1.13
N LEU A 41 2.40 -8.97 0.11
CA LEU A 41 3.78 -8.60 0.39
C LEU A 41 4.75 -9.36 -0.50
N LYS A 42 4.42 -10.61 -0.79
CA LYS A 42 5.25 -11.45 -1.64
C LYS A 42 5.57 -10.76 -2.96
N ASP A 43 4.53 -10.27 -3.63
CA ASP A 43 4.70 -9.58 -4.91
C ASP A 43 5.15 -8.14 -4.69
N THR A 44 4.53 -7.47 -3.71
CA THR A 44 4.87 -6.09 -3.40
C THR A 44 6.36 -5.94 -3.13
N TYR A 45 6.96 -6.99 -2.58
CA TYR A 45 8.39 -6.98 -2.25
C TYR A 45 9.22 -7.29 -3.49
N ALA A 46 9.00 -8.47 -4.07
CA ALA A 46 9.74 -8.90 -5.25
C ALA A 46 9.64 -7.85 -6.36
N GLU A 47 8.56 -7.09 -6.35
CA GLU A 47 8.34 -6.06 -7.36
C GLU A 47 9.51 -5.08 -7.39
N MET A 48 10.20 -4.95 -6.25
CA MET A 48 11.34 -4.05 -6.15
C MET A 48 12.65 -4.83 -6.01
N GLY A 49 12.62 -6.09 -6.46
CA GLY A 49 13.80 -6.92 -6.38
C GLY A 49 14.20 -7.25 -4.94
N MET A 50 13.24 -7.08 -4.02
CA MET A 50 13.50 -7.35 -2.61
C MET A 50 13.88 -8.81 -2.40
N SER A 51 14.28 -9.14 -1.17
CA SER A 51 14.68 -10.51 -0.84
C SER A 51 13.51 -11.47 -1.03
N ASN A 52 12.30 -10.92 -1.09
CA ASN A 52 11.11 -11.75 -1.27
C ASN A 52 10.91 -12.68 -0.09
N PHE A 53 11.01 -12.13 1.13
CA PHE A 53 10.84 -12.93 2.35
C PHE A 53 9.40 -13.39 2.50
N THR A 54 9.21 -14.51 3.18
CA THR A 54 7.87 -15.06 3.40
C THR A 54 7.44 -14.90 4.85
N PRO A 55 6.78 -13.78 5.15
CA PRO A 55 6.31 -13.47 6.50
C PRO A 55 5.15 -14.38 6.92
N THR A 56 4.72 -14.24 8.17
CA THR A 56 3.63 -15.05 8.70
C THR A 56 2.48 -14.17 9.18
N LYS A 57 1.45 -14.81 9.75
CA LYS A 57 0.30 -14.08 10.26
C LYS A 57 0.71 -13.01 11.25
N GLU A 58 1.86 -13.21 11.90
CA GLU A 58 2.36 -12.26 12.88
C GLU A 58 2.89 -11.01 12.18
N ASP A 59 3.90 -11.18 11.35
CA ASP A 59 4.49 -10.06 10.63
C ASP A 59 3.42 -9.26 9.87
N VAL A 60 2.49 -9.99 9.26
CA VAL A 60 1.42 -9.36 8.50
C VAL A 60 0.59 -8.43 9.39
N LYS A 61 0.48 -8.78 10.67
CA LYS A 61 -0.28 -7.99 11.62
C LYS A 61 0.36 -6.61 11.81
N ILE A 62 1.69 -6.58 11.89
CA ILE A 62 2.42 -5.33 12.07
C ILE A 62 2.36 -4.47 10.80
N TRP A 63 2.20 -5.14 9.66
CA TRP A 63 2.12 -4.44 8.38
C TRP A 63 0.71 -3.93 8.12
N LEU A 64 -0.28 -4.74 8.47
CA LEU A 64 -1.68 -4.37 8.26
C LEU A 64 -2.02 -3.08 9.01
N GLN A 65 -1.28 -2.82 10.09
CA GLN A 65 -1.49 -1.62 10.89
C GLN A 65 -1.04 -0.38 10.14
N MET A 66 0.17 -0.42 9.59
CA MET A 66 0.73 0.70 8.85
C MET A 66 -0.07 0.95 7.58
N ALA A 67 -0.71 -0.09 7.06
CA ALA A 67 -1.50 0.01 5.85
C ALA A 67 -2.91 0.51 6.16
N ASP A 68 -3.63 -0.24 7.00
CA ASP A 68 -4.98 0.12 7.38
C ASP A 68 -4.97 1.16 8.50
N THR A 69 -5.72 2.25 8.30
CA THR A 69 -5.79 3.31 9.28
C THR A 69 -6.78 2.97 10.40
N ASN A 70 -7.79 2.18 10.05
CA ASN A 70 -8.81 1.77 11.01
C ASN A 70 -8.41 0.49 11.73
N SER A 71 -7.34 -0.15 11.23
CA SER A 71 -6.85 -1.39 11.82
C SER A 71 -8.01 -2.35 12.07
N ASP A 72 -8.72 -2.70 11.02
CA ASP A 72 -9.86 -3.62 11.12
C ASP A 72 -9.56 -4.92 10.38
N GLY A 73 -8.29 -5.22 10.20
CA GLY A 73 -7.90 -6.44 9.50
C GLY A 73 -8.27 -6.40 8.03
N SER A 74 -8.33 -5.20 7.46
CA SER A 74 -8.67 -5.03 6.06
C SER A 74 -8.09 -3.73 5.51
N VAL A 75 -7.36 -3.84 4.40
CA VAL A 75 -6.76 -2.68 3.77
C VAL A 75 -7.48 -2.30 2.48
N SER A 76 -8.25 -1.22 2.52
CA SER A 76 -9.00 -0.77 1.35
C SER A 76 -8.04 -0.25 0.28
N LEU A 77 -8.62 0.15 -0.85
CA LEU A 77 -7.82 0.68 -1.97
C LEU A 77 -7.11 1.96 -1.56
N GLU A 78 -7.78 2.77 -0.75
CA GLU A 78 -7.20 4.04 -0.29
C GLU A 78 -6.25 3.81 0.87
N GLU A 79 -6.51 2.76 1.65
CA GLU A 79 -5.67 2.43 2.79
C GLU A 79 -4.37 1.75 2.36
N TYR A 80 -4.39 1.16 1.16
CA TYR A 80 -3.23 0.49 0.62
C TYR A 80 -2.29 1.47 -0.08
N GLU A 81 -2.85 2.23 -1.02
CA GLU A 81 -2.08 3.21 -1.77
C GLU A 81 -1.31 4.14 -0.82
N ASP A 82 -1.98 4.59 0.23
CA ASP A 82 -1.36 5.47 1.21
C ASP A 82 -0.06 4.88 1.74
N LEU A 83 -0.08 3.58 2.01
CA LEU A 83 1.10 2.88 2.52
C LEU A 83 2.31 3.15 1.65
N ILE A 84 2.09 3.16 0.33
CA ILE A 84 3.16 3.41 -0.62
C ILE A 84 3.59 4.87 -0.60
N ILE A 85 2.65 5.76 -0.27
CA ILE A 85 2.93 7.19 -0.22
C ILE A 85 3.96 7.51 0.87
N LYS A 86 3.78 6.89 2.04
CA LYS A 86 4.69 7.10 3.16
C LYS A 86 6.07 6.52 2.86
N SER A 87 6.09 5.29 2.35
CA SER A 87 7.35 4.62 2.03
C SER A 87 8.15 5.44 1.03
N LEU A 88 7.45 6.08 0.09
CA LEU A 88 8.11 6.90 -0.92
C LEU A 88 8.61 8.21 -0.33
N GLN A 89 7.86 8.73 0.64
CA GLN A 89 8.24 9.98 1.30
C GLN A 89 9.60 9.86 1.97
N LYS A 90 9.86 8.69 2.55
CA LYS A 90 11.12 8.44 3.24
C LYS A 90 12.18 7.96 2.25
N ALA A 91 11.74 7.38 1.14
CA ALA A 91 12.66 6.89 0.11
C ALA A 91 13.44 8.04 -0.52
N GLY A 92 12.90 9.25 -0.43
CA GLY A 92 13.57 10.40 -1.00
C GLY A 92 12.76 11.04 -2.11
N ILE A 93 11.44 10.87 -2.06
CA ILE A 93 10.56 11.44 -3.08
C ILE A 93 9.60 12.44 -2.47
N ARG A 94 9.89 13.73 -2.65
CA ARG A 94 9.05 14.78 -2.11
C ARG A 94 7.75 14.91 -2.90
N VAL A 95 6.67 14.38 -2.33
CA VAL A 95 5.37 14.43 -2.98
C VAL A 95 4.66 15.76 -2.72
N GLU A 96 3.84 16.19 -3.67
CA GLU A 96 3.11 17.43 -3.54
C GLU A 96 1.72 17.19 -2.97
N LYS A 97 1.49 17.68 -1.75
CA LYS A 97 0.21 17.53 -1.08
C LYS A 97 -0.07 18.70 -0.15
N GLN A 98 -1.28 19.25 -0.24
CA GLN A 98 -1.68 20.38 0.58
C GLN A 98 -2.15 19.90 1.96
N SER A 99 -1.39 20.24 2.99
CA SER A 99 -1.72 19.84 4.35
C SER A 99 -1.57 21.02 5.31
N LEU A 100 -2.33 20.98 6.41
CA LEU A 100 -2.28 22.05 7.40
C LEU A 100 -0.92 22.07 8.11
N VAL A 101 -0.68 23.13 8.87
CA VAL A 101 0.58 23.28 9.60
C VAL A 101 0.33 23.43 11.10
N PHE A 102 1.22 22.87 11.91
CA PHE A 102 1.09 22.95 13.35
C PHE A 102 2.20 23.82 13.95
N SER A 1 -11.07 14.93 -7.79
CA SER A 1 -12.05 15.87 -7.25
C SER A 1 -11.73 16.22 -5.80
N SER A 2 -11.31 17.47 -5.58
CA SER A 2 -10.96 17.93 -4.25
C SER A 2 -9.82 17.11 -3.66
N LYS A 3 -8.76 16.94 -4.45
CA LYS A 3 -7.61 16.17 -4.00
C LYS A 3 -6.35 17.03 -4.01
N PRO A 4 -5.31 16.58 -3.27
CA PRO A 4 -4.03 17.30 -3.17
C PRO A 4 -3.26 17.26 -4.48
N LYS A 5 -2.04 17.79 -4.45
CA LYS A 5 -1.18 17.82 -5.64
C LYS A 5 0.09 17.02 -5.40
N TYR A 6 0.15 15.83 -6.01
CA TYR A 6 1.31 14.97 -5.87
C TYR A 6 2.19 15.01 -7.12
N ASN A 7 3.45 14.63 -6.98
CA ASN A 7 4.39 14.63 -8.09
C ASN A 7 4.11 13.45 -9.03
N PRO A 8 4.61 13.56 -10.27
CA PRO A 8 4.43 12.52 -11.29
C PRO A 8 5.22 11.26 -10.97
N GLU A 9 6.20 11.39 -10.08
CA GLU A 9 7.04 10.26 -9.70
C GLU A 9 6.35 9.43 -8.61
N VAL A 10 5.44 10.06 -7.89
CA VAL A 10 4.71 9.38 -6.82
C VAL A 10 3.59 8.52 -7.38
N GLU A 11 2.64 9.16 -8.06
CA GLU A 11 1.51 8.45 -8.65
C GLU A 11 1.99 7.29 -9.50
N ALA A 12 3.17 7.43 -10.09
CA ALA A 12 3.74 6.39 -10.94
C ALA A 12 3.88 5.08 -10.17
N LYS A 13 4.15 5.18 -8.87
CA LYS A 13 4.31 4.01 -8.02
C LYS A 13 2.96 3.55 -7.47
N LEU A 14 2.00 4.47 -7.42
CA LEU A 14 0.67 4.16 -6.91
C LEU A 14 -0.19 3.49 -7.98
N ASP A 15 0.05 3.86 -9.23
CA ASP A 15 -0.70 3.29 -10.35
C ASP A 15 -0.28 1.84 -10.59
N VAL A 16 0.97 1.53 -10.28
CA VAL A 16 1.49 0.19 -10.46
C VAL A 16 1.19 -0.70 -9.26
N ALA A 17 0.96 -0.08 -8.11
CA ALA A 17 0.64 -0.81 -6.89
C ALA A 17 -0.84 -1.15 -6.82
N ARG A 18 -1.69 -0.22 -7.26
CA ARG A 18 -3.12 -0.43 -7.25
C ARG A 18 -3.50 -1.71 -8.00
N ARG A 19 -2.79 -1.96 -9.10
CA ARG A 19 -3.04 -3.15 -9.91
C ARG A 19 -2.76 -4.42 -9.12
N LEU A 20 -1.87 -4.31 -8.13
CA LEU A 20 -1.51 -5.45 -7.29
C LEU A 20 -2.57 -5.71 -6.23
N PHE A 21 -3.27 -4.65 -5.81
CA PHE A 21 -4.31 -4.76 -4.80
C PHE A 21 -5.44 -5.67 -5.28
N LYS A 22 -6.12 -5.25 -6.34
CA LYS A 22 -7.22 -6.03 -6.89
C LYS A 22 -6.77 -7.44 -7.24
N ARG A 23 -5.49 -7.59 -7.53
CA ARG A 23 -4.93 -8.89 -7.88
C ARG A 23 -5.20 -9.91 -6.78
N TYR A 24 -5.36 -9.42 -5.55
CA TYR A 24 -5.62 -10.28 -4.41
C TYR A 24 -7.05 -10.11 -3.91
N ASP A 25 -7.61 -8.92 -4.14
CA ASP A 25 -8.97 -8.63 -3.72
C ASP A 25 -9.99 -9.23 -4.68
N LYS A 26 -10.24 -10.53 -4.54
CA LYS A 26 -11.19 -11.22 -5.40
C LYS A 26 -12.62 -10.95 -4.95
N ASP A 27 -12.80 -10.65 -3.67
CA ASP A 27 -14.12 -10.36 -3.11
C ASP A 27 -14.64 -9.02 -3.63
N GLY A 28 -13.77 -8.26 -4.28
CA GLY A 28 -14.18 -6.97 -4.80
C GLY A 28 -14.62 -6.01 -3.72
N SER A 29 -14.22 -6.29 -2.48
CA SER A 29 -14.59 -5.46 -1.35
C SER A 29 -13.67 -4.24 -1.25
N GLY A 30 -12.48 -4.36 -1.83
CA GLY A 30 -11.52 -3.27 -1.80
C GLY A 30 -10.73 -3.25 -0.49
N GLN A 31 -10.66 -4.38 0.18
CA GLN A 31 -9.94 -4.47 1.45
C GLN A 31 -9.19 -5.80 1.54
N LEU A 32 -8.09 -5.79 2.29
CA LEU A 32 -7.28 -6.99 2.48
C LEU A 32 -7.22 -7.39 3.95
N GLN A 33 -7.68 -8.60 4.23
CA GLN A 33 -7.67 -9.11 5.60
C GLN A 33 -6.32 -9.73 5.96
N ASP A 34 -6.20 -10.22 7.19
CA ASP A 34 -4.96 -10.83 7.64
C ASP A 34 -4.49 -11.91 6.67
N ASP A 35 -5.44 -12.54 5.99
CA ASP A 35 -5.13 -13.59 5.03
C ASP A 35 -4.63 -12.99 3.71
N GLU A 36 -5.43 -12.10 3.14
CA GLU A 36 -5.08 -11.46 1.89
C GLU A 36 -3.74 -10.73 1.99
N ILE A 37 -3.63 -9.88 3.01
CA ILE A 37 -2.40 -9.13 3.24
C ILE A 37 -1.18 -10.05 3.25
N ALA A 38 -1.38 -11.28 3.69
CA ALA A 38 -0.30 -12.26 3.75
C ALA A 38 0.28 -12.52 2.37
N GLY A 39 -0.57 -12.92 1.43
CA GLY A 39 -0.12 -13.19 0.08
C GLY A 39 0.28 -11.93 -0.66
N LEU A 40 -0.26 -10.80 -0.22
CA LEU A 40 0.04 -9.51 -0.85
C LEU A 40 1.54 -9.23 -0.85
N LEU A 41 2.13 -9.26 0.34
CA LEU A 41 3.56 -9.02 0.48
C LEU A 41 4.37 -9.96 -0.42
N LYS A 42 3.86 -11.16 -0.60
CA LYS A 42 4.53 -12.15 -1.44
C LYS A 42 4.85 -11.57 -2.81
N ASP A 43 3.84 -11.03 -3.48
CA ASP A 43 4.03 -10.43 -4.80
C ASP A 43 4.59 -9.02 -4.68
N THR A 44 4.06 -8.25 -3.73
CA THR A 44 4.52 -6.88 -3.52
C THR A 44 6.04 -6.82 -3.36
N TYR A 45 6.62 -7.88 -2.83
CA TYR A 45 8.06 -7.95 -2.63
C TYR A 45 8.78 -8.27 -3.94
N ALA A 46 8.35 -9.34 -4.59
CA ALA A 46 8.95 -9.76 -5.86
C ALA A 46 8.85 -8.65 -6.90
N GLU A 47 7.87 -7.77 -6.73
CA GLU A 47 7.68 -6.66 -7.66
C GLU A 47 8.94 -5.83 -7.79
N MET A 48 9.77 -5.85 -6.75
CA MET A 48 11.01 -5.09 -6.75
C MET A 48 12.22 -6.03 -6.84
N GLY A 49 11.99 -7.24 -7.33
CA GLY A 49 13.06 -8.21 -7.46
C GLY A 49 13.59 -8.66 -6.12
N MET A 50 12.76 -8.55 -5.09
CA MET A 50 13.16 -8.96 -3.74
C MET A 50 13.38 -10.47 -3.68
N SER A 51 13.85 -10.94 -2.53
CA SER A 51 14.11 -12.36 -2.33
C SER A 51 12.81 -13.16 -2.37
N ASN A 52 11.68 -12.46 -2.27
CA ASN A 52 10.38 -13.11 -2.29
C ASN A 52 10.21 -14.03 -1.09
N PHE A 53 10.26 -13.46 0.10
CA PHE A 53 10.12 -14.23 1.33
C PHE A 53 8.64 -14.47 1.66
N THR A 54 8.37 -15.56 2.36
CA THR A 54 7.00 -15.89 2.74
C THR A 54 6.77 -15.69 4.23
N PRO A 55 6.33 -14.48 4.61
CA PRO A 55 6.07 -14.13 6.01
C PRO A 55 4.84 -14.85 6.56
N THR A 56 4.81 -14.99 7.89
CA THR A 56 3.69 -15.68 8.55
C THR A 56 2.65 -14.67 9.03
N LYS A 57 1.59 -15.18 9.66
CA LYS A 57 0.52 -14.32 10.17
C LYS A 57 1.08 -13.27 11.12
N GLU A 58 2.22 -13.57 11.74
CA GLU A 58 2.86 -12.65 12.67
C GLU A 58 3.49 -11.48 11.93
N ASP A 59 4.40 -11.80 11.01
CA ASP A 59 5.09 -10.77 10.23
C ASP A 59 4.09 -9.82 9.59
N VAL A 60 2.97 -10.37 9.11
CA VAL A 60 1.93 -9.57 8.47
C VAL A 60 1.40 -8.51 9.43
N LYS A 61 1.17 -8.91 10.68
CA LYS A 61 0.65 -7.99 11.69
C LYS A 61 1.50 -6.72 11.75
N ILE A 62 2.81 -6.89 11.75
CA ILE A 62 3.73 -5.75 11.80
C ILE A 62 3.59 -4.86 10.58
N TRP A 63 3.15 -5.46 9.47
CA TRP A 63 2.97 -4.73 8.23
C TRP A 63 1.61 -4.03 8.20
N LEU A 64 0.62 -4.66 8.83
CA LEU A 64 -0.73 -4.11 8.87
C LEU A 64 -0.80 -2.93 9.83
N GLN A 65 -0.07 -3.02 10.93
CA GLN A 65 -0.05 -1.95 11.92
C GLN A 65 0.38 -0.63 11.29
N MET A 66 1.29 -0.71 10.33
CA MET A 66 1.77 0.48 9.63
C MET A 66 0.93 0.79 8.41
N ALA A 67 0.52 -0.25 7.70
CA ALA A 67 -0.30 -0.09 6.50
C ALA A 67 -1.62 0.59 6.84
N ASP A 68 -2.40 -0.02 7.73
CA ASP A 68 -3.68 0.53 8.14
C ASP A 68 -3.50 1.71 9.08
N THR A 69 -3.89 2.89 8.62
CA THR A 69 -3.75 4.10 9.42
C THR A 69 -4.95 4.27 10.36
N ASN A 70 -6.15 4.08 9.83
CA ASN A 70 -7.37 4.20 10.62
C ASN A 70 -7.55 3.00 11.54
N SER A 71 -6.76 1.96 11.29
CA SER A 71 -6.84 0.75 12.09
C SER A 71 -8.21 0.09 11.96
N ASP A 72 -8.69 0.00 10.72
CA ASP A 72 -9.99 -0.60 10.46
C ASP A 72 -9.89 -2.12 10.46
N GLY A 73 -8.67 -2.63 10.36
CA GLY A 73 -8.47 -4.07 10.35
C GLY A 73 -8.16 -4.59 8.96
N SER A 74 -8.44 -3.79 7.94
CA SER A 74 -8.20 -4.19 6.56
C SER A 74 -7.55 -3.05 5.77
N VAL A 75 -6.54 -3.39 4.98
CA VAL A 75 -5.84 -2.40 4.18
C VAL A 75 -6.52 -2.20 2.83
N SER A 76 -7.15 -1.03 2.66
CA SER A 76 -7.85 -0.72 1.42
C SER A 76 -6.89 -0.08 0.41
N LEU A 77 -7.45 0.39 -0.71
CA LEU A 77 -6.65 1.01 -1.76
C LEU A 77 -6.10 2.35 -1.29
N GLU A 78 -6.80 2.99 -0.37
CA GLU A 78 -6.37 4.28 0.17
C GLU A 78 -5.32 4.10 1.26
N GLU A 79 -5.43 2.99 1.99
CA GLU A 79 -4.48 2.70 3.06
C GLU A 79 -3.24 2.00 2.52
N TYR A 80 -3.41 1.31 1.39
CA TYR A 80 -2.30 0.59 0.77
C TYR A 80 -1.41 1.55 -0.01
N GLU A 81 -2.02 2.29 -0.93
CA GLU A 81 -1.28 3.25 -1.75
C GLU A 81 -0.48 4.22 -0.88
N ASP A 82 -1.03 4.54 0.29
CA ASP A 82 -0.37 5.45 1.21
C ASP A 82 0.90 4.83 1.80
N LEU A 83 0.93 3.49 1.84
CA LEU A 83 2.07 2.78 2.38
C LEU A 83 3.28 2.93 1.46
N ILE A 84 3.04 2.99 0.16
CA ILE A 84 4.11 3.14 -0.81
C ILE A 84 4.66 4.56 -0.80
N ILE A 85 3.84 5.51 -0.37
CA ILE A 85 4.24 6.90 -0.30
C ILE A 85 5.51 7.08 0.52
N LYS A 86 5.49 6.52 1.73
CA LYS A 86 6.64 6.61 2.62
C LYS A 86 7.90 6.06 1.95
N SER A 87 7.77 4.89 1.32
CA SER A 87 8.90 4.26 0.63
C SER A 87 9.41 5.15 -0.50
N LEU A 88 8.50 5.89 -1.12
CA LEU A 88 8.85 6.78 -2.23
C LEU A 88 9.66 7.96 -1.73
N GLN A 89 9.39 8.38 -0.49
CA GLN A 89 10.09 9.51 0.11
C GLN A 89 11.58 9.20 0.26
N LYS A 90 11.89 8.00 0.73
CA LYS A 90 13.27 7.58 0.92
C LYS A 90 13.85 7.00 -0.37
N ALA A 91 12.97 6.52 -1.24
CA ALA A 91 13.40 5.94 -2.51
C ALA A 91 14.04 7.01 -3.40
N GLY A 92 13.71 8.27 -3.15
CA GLY A 92 14.26 9.35 -3.94
C GLY A 92 13.19 10.09 -4.71
N ILE A 93 12.00 10.17 -4.16
CA ILE A 93 10.89 10.87 -4.81
C ILE A 93 10.33 11.97 -3.92
N ARG A 94 10.21 13.17 -4.47
CA ARG A 94 9.69 14.31 -3.73
C ARG A 94 8.18 14.40 -3.88
N VAL A 95 7.46 14.08 -2.80
CA VAL A 95 6.00 14.13 -2.82
C VAL A 95 5.49 15.25 -1.93
N GLU A 96 4.41 15.91 -2.37
CA GLU A 96 3.83 17.00 -1.62
C GLU A 96 2.32 16.79 -1.43
N LYS A 97 1.86 16.95 -0.19
CA LYS A 97 0.46 16.77 0.13
C LYS A 97 -0.10 18.01 0.83
N GLN A 98 -1.37 18.31 0.55
CA GLN A 98 -2.02 19.47 1.15
C GLN A 98 -3.44 19.13 1.59
N SER A 99 -3.84 19.65 2.74
CA SER A 99 -5.17 19.40 3.28
C SER A 99 -5.84 20.70 3.69
N LEU A 100 -7.17 20.72 3.65
CA LEU A 100 -7.94 21.90 4.03
C LEU A 100 -8.25 21.89 5.52
N VAL A 101 -8.32 23.08 6.12
CA VAL A 101 -8.62 23.20 7.53
C VAL A 101 -10.09 23.53 7.77
N PHE A 102 -10.60 23.11 8.92
CA PHE A 102 -12.00 23.36 9.26
C PHE A 102 -12.17 24.71 9.92
N SER A 1 -14.42 16.20 -8.62
CA SER A 1 -13.76 16.25 -7.33
C SER A 1 -12.32 16.74 -7.48
N SER A 2 -11.84 17.46 -6.47
CA SER A 2 -10.48 17.98 -6.49
C SER A 2 -9.52 17.03 -5.77
N LYS A 3 -8.48 16.59 -6.49
CA LYS A 3 -7.50 15.68 -5.93
C LYS A 3 -6.20 16.42 -5.61
N PRO A 4 -5.37 15.81 -4.73
CA PRO A 4 -4.09 16.39 -4.33
C PRO A 4 -3.07 16.38 -5.46
N LYS A 5 -1.94 17.06 -5.23
CA LYS A 5 -0.88 17.12 -6.24
C LYS A 5 0.33 16.30 -5.80
N TYR A 6 0.49 15.12 -6.41
CA TYR A 6 1.61 14.24 -6.09
C TYR A 6 2.65 14.25 -7.20
N ASN A 7 3.93 14.24 -6.80
CA ASN A 7 5.02 14.26 -7.77
C ASN A 7 4.85 13.15 -8.80
N PRO A 8 5.53 13.29 -9.95
CA PRO A 8 5.47 12.32 -11.04
C PRO A 8 6.16 11.00 -10.67
N GLU A 9 7.02 11.05 -9.66
CA GLU A 9 7.74 9.86 -9.21
C GLU A 9 6.88 9.03 -8.27
N VAL A 10 5.93 9.68 -7.61
CA VAL A 10 5.04 8.99 -6.69
C VAL A 10 3.95 8.23 -7.42
N GLU A 11 3.13 8.97 -8.18
CA GLU A 11 2.04 8.37 -8.94
C GLU A 11 2.55 7.20 -9.79
N ALA A 12 3.82 7.29 -10.21
CA ALA A 12 4.42 6.24 -11.03
C ALA A 12 4.29 4.88 -10.35
N LYS A 13 4.41 4.87 -9.02
CA LYS A 13 4.31 3.62 -8.26
C LYS A 13 2.85 3.34 -7.89
N LEU A 14 2.11 4.40 -7.58
CA LEU A 14 0.71 4.26 -7.20
C LEU A 14 -0.11 3.70 -8.35
N ASP A 15 0.30 4.00 -9.58
CA ASP A 15 -0.39 3.53 -10.76
C ASP A 15 -0.35 2.01 -10.86
N VAL A 16 0.84 1.45 -10.64
CA VAL A 16 1.02 0.00 -10.69
C VAL A 16 0.60 -0.65 -9.38
N ALA A 17 0.61 0.12 -8.31
CA ALA A 17 0.24 -0.39 -6.99
C ALA A 17 -1.28 -0.59 -6.91
N ARG A 18 -2.02 0.11 -7.77
CA ARG A 18 -3.47 -0.01 -7.78
C ARG A 18 -3.91 -1.35 -8.35
N ARG A 19 -3.45 -1.66 -9.56
CA ARG A 19 -3.80 -2.91 -10.21
C ARG A 19 -3.45 -4.10 -9.33
N LEU A 20 -2.46 -3.92 -8.46
CA LEU A 20 -2.03 -4.98 -7.56
C LEU A 20 -2.99 -5.12 -6.38
N PHE A 21 -3.62 -4.01 -6.01
CA PHE A 21 -4.57 -4.00 -4.91
C PHE A 21 -5.80 -4.85 -5.24
N LYS A 22 -6.39 -4.59 -6.40
CA LYS A 22 -7.57 -5.33 -6.85
C LYS A 22 -7.21 -6.76 -7.23
N ARG A 23 -5.96 -6.97 -7.64
CA ARG A 23 -5.50 -8.28 -8.02
C ARG A 23 -5.75 -9.30 -6.92
N TYR A 24 -5.78 -8.83 -5.68
CA TYR A 24 -6.01 -9.70 -4.54
C TYR A 24 -7.40 -9.46 -3.94
N ASP A 25 -7.88 -8.23 -4.07
CA ASP A 25 -9.20 -7.87 -3.55
C ASP A 25 -10.31 -8.43 -4.43
N LYS A 26 -10.51 -9.74 -4.37
CA LYS A 26 -11.54 -10.40 -5.17
C LYS A 26 -12.89 -10.34 -4.47
N ASP A 27 -12.88 -10.20 -3.15
CA ASP A 27 -14.10 -10.12 -2.38
C ASP A 27 -14.81 -8.78 -2.62
N GLY A 28 -14.12 -7.86 -3.28
CA GLY A 28 -14.70 -6.56 -3.57
C GLY A 28 -14.99 -5.78 -2.31
N SER A 29 -14.35 -6.15 -1.21
CA SER A 29 -14.55 -5.48 0.07
C SER A 29 -13.75 -4.17 0.12
N GLY A 30 -12.71 -4.09 -0.71
CA GLY A 30 -11.88 -2.89 -0.73
C GLY A 30 -10.91 -2.84 0.42
N GLN A 31 -10.67 -3.98 1.05
CA GLN A 31 -9.75 -4.05 2.18
C GLN A 31 -9.02 -5.40 2.21
N LEU A 32 -7.71 -5.36 2.36
CA LEU A 32 -6.90 -6.57 2.40
C LEU A 32 -6.70 -7.04 3.84
N GLN A 33 -7.47 -8.05 4.24
CA GLN A 33 -7.37 -8.60 5.59
C GLN A 33 -6.01 -9.24 5.82
N ASP A 34 -5.78 -9.69 7.05
CA ASP A 34 -4.51 -10.33 7.41
C ASP A 34 -4.19 -11.46 6.43
N ASP A 35 -5.22 -12.08 5.88
CA ASP A 35 -5.04 -13.18 4.93
C ASP A 35 -4.59 -12.65 3.58
N GLU A 36 -5.36 -11.72 3.02
CA GLU A 36 -5.04 -11.14 1.72
C GLU A 36 -3.65 -10.52 1.73
N ILE A 37 -3.35 -9.75 2.78
CA ILE A 37 -2.06 -9.10 2.91
C ILE A 37 -0.92 -10.10 2.75
N ALA A 38 -1.07 -11.27 3.36
CA ALA A 38 -0.06 -12.31 3.29
C ALA A 38 0.31 -12.60 1.83
N GLY A 39 -0.69 -12.64 0.96
CA GLY A 39 -0.45 -12.91 -0.44
C GLY A 39 -0.04 -11.67 -1.21
N LEU A 40 -0.42 -10.50 -0.69
CA LEU A 40 -0.08 -9.24 -1.35
C LEU A 40 1.42 -8.98 -1.29
N LEU A 41 2.00 -9.11 -0.10
CA LEU A 41 3.43 -8.90 0.09
C LEU A 41 4.23 -9.75 -0.89
N LYS A 42 3.69 -10.89 -1.27
CA LYS A 42 4.35 -11.79 -2.21
C LYS A 42 4.63 -11.09 -3.53
N ASP A 43 3.56 -10.65 -4.20
CA ASP A 43 3.70 -9.96 -5.47
C ASP A 43 4.30 -8.56 -5.28
N THR A 44 3.86 -7.87 -4.24
CA THR A 44 4.34 -6.53 -3.94
C THR A 44 5.87 -6.50 -3.90
N TYR A 45 6.45 -7.47 -3.20
CA TYR A 45 7.90 -7.55 -3.08
C TYR A 45 8.55 -7.81 -4.45
N ALA A 46 7.81 -8.50 -5.32
CA ALA A 46 8.31 -8.81 -6.65
C ALA A 46 8.26 -7.59 -7.56
N GLU A 47 7.38 -6.65 -7.24
CA GLU A 47 7.24 -5.44 -8.03
C GLU A 47 8.57 -4.67 -8.10
N MET A 48 9.19 -4.47 -6.94
CA MET A 48 10.46 -3.75 -6.87
C MET A 48 11.61 -4.67 -7.25
N GLY A 49 11.37 -5.98 -7.20
CA GLY A 49 12.40 -6.94 -7.55
C GLY A 49 13.12 -7.48 -6.33
N MET A 50 12.51 -7.32 -5.16
CA MET A 50 13.10 -7.80 -3.92
C MET A 50 13.29 -9.31 -3.95
N SER A 51 13.91 -9.85 -2.90
CA SER A 51 14.16 -11.28 -2.81
C SER A 51 12.85 -12.07 -2.84
N ASN A 52 11.75 -11.38 -2.54
CA ASN A 52 10.43 -12.01 -2.54
C ASN A 52 10.35 -13.09 -1.46
N PHE A 53 10.48 -12.67 -0.19
CA PHE A 53 10.42 -13.60 0.93
C PHE A 53 8.98 -13.95 1.26
N THR A 54 8.79 -15.14 1.83
CA THR A 54 7.46 -15.60 2.21
C THR A 54 7.27 -15.59 3.73
N PRO A 55 6.79 -14.46 4.25
CA PRO A 55 6.56 -14.30 5.69
C PRO A 55 5.39 -15.15 6.20
N THR A 56 5.06 -14.99 7.47
CA THR A 56 3.97 -15.75 8.07
C THR A 56 2.84 -14.83 8.54
N LYS A 57 1.84 -15.41 9.17
CA LYS A 57 0.70 -14.64 9.67
C LYS A 57 1.16 -13.58 10.67
N GLU A 58 2.30 -13.82 11.30
CA GLU A 58 2.84 -12.88 12.28
C GLU A 58 3.52 -11.70 11.58
N ASP A 59 4.50 -12.00 10.73
CA ASP A 59 5.22 -10.97 10.00
C ASP A 59 4.26 -10.04 9.28
N VAL A 60 3.16 -10.60 8.80
CA VAL A 60 2.16 -9.81 8.08
C VAL A 60 1.51 -8.79 9.01
N LYS A 61 1.24 -9.19 10.25
CA LYS A 61 0.63 -8.30 11.23
C LYS A 61 1.43 -7.02 11.38
N ILE A 62 2.75 -7.16 11.47
CA ILE A 62 3.64 -6.00 11.62
C ILE A 62 3.52 -5.07 10.42
N TRP A 63 3.32 -5.65 9.24
CA TRP A 63 3.20 -4.88 8.02
C TRP A 63 1.80 -4.28 7.89
N LEU A 64 0.83 -4.92 8.51
CA LEU A 64 -0.56 -4.45 8.47
C LEU A 64 -0.78 -3.34 9.49
N GLN A 65 -0.17 -3.50 10.67
CA GLN A 65 -0.32 -2.51 11.73
C GLN A 65 0.13 -1.13 11.25
N MET A 66 1.05 -1.11 10.29
CA MET A 66 1.56 0.14 9.75
C MET A 66 0.62 0.68 8.67
N ALA A 67 0.31 -0.16 7.68
CA ALA A 67 -0.56 0.23 6.59
C ALA A 67 -1.87 0.81 7.12
N ASP A 68 -2.62 0.00 7.85
CA ASP A 68 -3.90 0.44 8.41
C ASP A 68 -3.68 1.49 9.49
N THR A 69 -4.32 2.65 9.32
CA THR A 69 -4.19 3.74 10.27
C THR A 69 -4.97 3.44 11.56
N ASN A 70 -6.00 2.60 11.44
CA ASN A 70 -6.81 2.23 12.59
C ASN A 70 -6.47 0.83 13.07
N SER A 71 -5.71 0.09 12.26
CA SER A 71 -5.31 -1.26 12.61
C SER A 71 -6.54 -2.13 12.91
N ASP A 72 -7.50 -2.11 11.99
CA ASP A 72 -8.72 -2.90 12.14
C ASP A 72 -8.66 -4.17 11.31
N GLY A 73 -7.45 -4.62 11.01
CA GLY A 73 -7.27 -5.81 10.22
C GLY A 73 -7.71 -5.63 8.78
N SER A 74 -7.54 -4.41 8.26
CA SER A 74 -7.93 -4.11 6.89
C SER A 74 -7.01 -3.05 6.29
N VAL A 75 -6.93 -3.02 4.97
CA VAL A 75 -6.09 -2.05 4.27
C VAL A 75 -6.78 -1.52 3.03
N SER A 76 -7.33 -0.30 3.14
CA SER A 76 -8.03 0.33 2.03
C SER A 76 -7.04 0.75 0.94
N LEU A 77 -7.57 1.07 -0.24
CA LEU A 77 -6.74 1.49 -1.36
C LEU A 77 -5.81 2.62 -0.96
N GLU A 78 -6.33 3.56 -0.17
CA GLU A 78 -5.54 4.69 0.29
C GLU A 78 -4.56 4.28 1.38
N GLU A 79 -5.01 3.38 2.25
CA GLU A 79 -4.17 2.89 3.34
C GLU A 79 -2.95 2.14 2.80
N TYR A 80 -3.17 1.38 1.74
CA TYR A 80 -2.08 0.61 1.12
C TYR A 80 -1.16 1.52 0.31
N GLU A 81 -1.76 2.44 -0.45
CA GLU A 81 -1.00 3.36 -1.27
C GLU A 81 -0.10 4.24 -0.42
N ASP A 82 -0.65 4.75 0.69
CA ASP A 82 0.11 5.60 1.60
C ASP A 82 1.41 4.93 2.02
N LEU A 83 1.34 3.62 2.29
CA LEU A 83 2.52 2.87 2.70
C LEU A 83 3.68 3.08 1.73
N ILE A 84 3.41 2.88 0.45
CA ILE A 84 4.44 3.06 -0.57
C ILE A 84 5.12 4.42 -0.44
N ILE A 85 4.31 5.45 -0.24
CA ILE A 85 4.83 6.81 -0.09
C ILE A 85 5.61 6.95 1.21
N LYS A 86 5.08 6.36 2.28
CA LYS A 86 5.71 6.43 3.58
C LYS A 86 7.12 5.82 3.54
N SER A 87 7.26 4.74 2.79
CA SER A 87 8.55 4.07 2.65
C SER A 87 9.41 4.73 1.58
N LEU A 88 8.75 5.27 0.56
CA LEU A 88 9.45 5.93 -0.54
C LEU A 88 10.19 7.17 -0.03
N GLN A 89 9.67 7.78 1.02
CA GLN A 89 10.28 8.97 1.58
C GLN A 89 11.76 8.74 1.88
N LYS A 90 12.06 7.56 2.43
CA LYS A 90 13.44 7.21 2.76
C LYS A 90 14.15 6.61 1.55
N ALA A 91 13.38 6.05 0.62
CA ALA A 91 13.93 5.44 -0.58
C ALA A 91 14.61 6.49 -1.46
N GLY A 92 14.21 7.74 -1.29
CA GLY A 92 14.79 8.81 -2.08
C GLY A 92 13.77 9.49 -2.98
N ILE A 93 12.50 9.31 -2.65
CA ILE A 93 11.42 9.91 -3.44
C ILE A 93 10.54 10.82 -2.58
N ARG A 94 10.77 12.12 -2.70
CA ARG A 94 10.00 13.10 -1.94
C ARG A 94 8.58 13.24 -2.50
N VAL A 95 7.59 13.11 -1.63
CA VAL A 95 6.20 13.23 -2.03
C VAL A 95 5.56 14.50 -1.48
N GLU A 96 4.64 15.08 -2.25
CA GLU A 96 3.98 16.31 -1.85
C GLU A 96 2.48 16.06 -1.63
N LYS A 97 2.04 16.13 -0.38
CA LYS A 97 0.64 15.92 -0.04
C LYS A 97 0.07 17.14 0.68
N GLN A 98 -0.76 17.90 -0.03
CA GLN A 98 -1.38 19.09 0.53
C GLN A 98 -2.90 19.01 0.45
N SER A 99 -3.58 19.79 1.27
CA SER A 99 -5.04 19.80 1.30
C SER A 99 -5.56 21.05 2.01
N LEU A 100 -6.71 21.53 1.56
CA LEU A 100 -7.33 22.72 2.15
C LEU A 100 -7.50 22.55 3.65
N VAL A 101 -7.63 23.67 4.37
CA VAL A 101 -7.81 23.64 5.81
C VAL A 101 -9.11 24.34 6.22
N PHE A 102 -9.60 24.00 7.41
CA PHE A 102 -10.83 24.60 7.91
C PHE A 102 -10.53 25.82 8.76
N SER A 1 -15.09 21.68 -4.59
CA SER A 1 -14.15 20.80 -3.89
C SER A 1 -12.97 20.47 -4.80
N SER A 2 -11.77 20.83 -4.34
CA SER A 2 -10.56 20.57 -5.11
C SER A 2 -9.89 19.29 -4.65
N LYS A 3 -9.06 18.71 -5.50
CA LYS A 3 -8.35 17.47 -5.18
C LYS A 3 -6.85 17.73 -5.04
N PRO A 4 -6.15 16.81 -4.35
CA PRO A 4 -4.71 16.91 -4.14
C PRO A 4 -3.91 16.71 -5.41
N LYS A 5 -2.77 17.40 -5.51
CA LYS A 5 -1.91 17.29 -6.69
C LYS A 5 -0.65 16.51 -6.36
N TYR A 6 -0.61 15.25 -6.81
CA TYR A 6 0.55 14.39 -6.57
C TYR A 6 1.47 14.36 -7.78
N ASN A 7 2.78 14.33 -7.54
CA ASN A 7 3.76 14.29 -8.60
C ASN A 7 3.55 13.07 -9.50
N PRO A 8 4.10 13.13 -10.72
CA PRO A 8 3.99 12.04 -11.69
C PRO A 8 4.79 10.82 -11.28
N GLU A 9 5.76 11.01 -10.41
CA GLU A 9 6.59 9.92 -9.93
C GLU A 9 5.88 9.11 -8.85
N VAL A 10 4.91 9.75 -8.18
CA VAL A 10 4.16 9.10 -7.13
C VAL A 10 3.10 8.17 -7.70
N GLU A 11 2.15 8.74 -8.44
CA GLU A 11 1.07 7.98 -9.05
C GLU A 11 1.64 6.79 -9.85
N ALA A 12 2.85 6.97 -10.39
CA ALA A 12 3.49 5.93 -11.17
C ALA A 12 3.60 4.64 -10.36
N LYS A 13 3.74 4.78 -9.04
CA LYS A 13 3.86 3.61 -8.16
C LYS A 13 2.48 3.13 -7.72
N LEU A 14 1.50 4.01 -7.79
CA LEU A 14 0.13 3.66 -7.40
C LEU A 14 -0.58 2.90 -8.51
N ASP A 15 -0.46 3.39 -9.74
CA ASP A 15 -1.09 2.76 -10.89
C ASP A 15 -0.66 1.29 -11.00
N VAL A 16 0.56 1.00 -10.56
CA VAL A 16 1.08 -0.36 -10.60
C VAL A 16 0.67 -1.14 -9.37
N ALA A 17 0.38 -0.42 -8.28
CA ALA A 17 -0.02 -1.07 -7.03
C ALA A 17 -1.49 -1.46 -7.08
N ARG A 18 -2.34 -0.57 -7.57
CA ARG A 18 -3.77 -0.83 -7.67
C ARG A 18 -4.03 -2.16 -8.38
N ARG A 19 -3.17 -2.49 -9.34
CA ARG A 19 -3.31 -3.73 -10.10
C ARG A 19 -2.90 -4.93 -9.24
N LEU A 20 -1.82 -4.77 -8.48
CA LEU A 20 -1.32 -5.84 -7.62
C LEU A 20 -2.29 -6.12 -6.48
N PHE A 21 -3.09 -5.12 -6.13
CA PHE A 21 -4.07 -5.26 -5.05
C PHE A 21 -5.13 -6.29 -5.41
N LYS A 22 -5.91 -6.01 -6.44
CA LYS A 22 -6.96 -6.91 -6.89
C LYS A 22 -6.38 -8.27 -7.29
N ARG A 23 -5.11 -8.26 -7.67
CA ARG A 23 -4.43 -9.49 -8.08
C ARG A 23 -4.57 -10.57 -7.00
N TYR A 24 -4.66 -10.13 -5.75
CA TYR A 24 -4.80 -11.05 -4.63
C TYR A 24 -6.24 -11.12 -4.15
N ASP A 25 -6.99 -10.05 -4.38
CA ASP A 25 -8.39 -9.98 -3.97
C ASP A 25 -9.26 -10.80 -4.91
N LYS A 26 -9.33 -12.10 -4.67
CA LYS A 26 -10.13 -12.99 -5.49
C LYS A 26 -11.59 -12.96 -5.07
N ASP A 27 -11.84 -12.62 -3.81
CA ASP A 27 -13.19 -12.55 -3.28
C ASP A 27 -13.92 -11.32 -3.82
N GLY A 28 -13.17 -10.44 -4.48
CA GLY A 28 -13.75 -9.24 -5.03
C GLY A 28 -14.39 -8.36 -3.98
N SER A 29 -13.99 -8.55 -2.73
CA SER A 29 -14.55 -7.78 -1.62
C SER A 29 -13.95 -6.38 -1.58
N GLY A 30 -12.77 -6.24 -2.18
CA GLY A 30 -12.11 -4.95 -2.21
C GLY A 30 -11.30 -4.69 -0.95
N GLN A 31 -10.96 -5.76 -0.23
CA GLN A 31 -10.18 -5.64 0.99
C GLN A 31 -9.21 -6.81 1.14
N LEU A 32 -7.99 -6.51 1.56
CA LEU A 32 -6.98 -7.55 1.75
C LEU A 32 -6.83 -7.91 3.22
N GLN A 33 -7.35 -9.08 3.59
CA GLN A 33 -7.28 -9.55 4.97
C GLN A 33 -5.84 -9.87 5.36
N ASP A 34 -5.64 -10.13 6.65
CA ASP A 34 -4.31 -10.46 7.15
C ASP A 34 -3.68 -11.59 6.33
N ASP A 35 -4.53 -12.47 5.81
CA ASP A 35 -4.06 -13.59 5.01
C ASP A 35 -3.71 -13.16 3.59
N GLU A 36 -4.64 -12.44 2.95
CA GLU A 36 -4.42 -11.96 1.59
C GLU A 36 -3.17 -11.09 1.52
N ILE A 37 -2.81 -10.48 2.64
CA ILE A 37 -1.63 -9.62 2.70
C ILE A 37 -0.34 -10.45 2.79
N ALA A 38 -0.47 -11.66 3.34
CA ALA A 38 0.67 -12.54 3.48
C ALA A 38 1.41 -12.71 2.15
N GLY A 39 0.67 -13.12 1.13
CA GLY A 39 1.27 -13.32 -0.19
C GLY A 39 1.50 -12.01 -0.92
N LEU A 40 0.76 -10.98 -0.53
CA LEU A 40 0.89 -9.67 -1.16
C LEU A 40 2.32 -9.14 -1.03
N LEU A 41 2.77 -9.01 0.20
CA LEU A 41 4.13 -8.53 0.47
C LEU A 41 5.16 -9.32 -0.34
N LYS A 42 4.92 -10.61 -0.49
CA LYS A 42 5.82 -11.48 -1.24
C LYS A 42 6.06 -10.94 -2.64
N ASP A 43 4.99 -10.46 -3.28
CA ASP A 43 5.08 -9.90 -4.62
C ASP A 43 5.49 -8.43 -4.58
N THR A 44 4.84 -7.67 -3.71
CA THR A 44 5.13 -6.25 -3.57
C THR A 44 6.61 -6.02 -3.30
N TYR A 45 7.24 -6.95 -2.59
CA TYR A 45 8.65 -6.85 -2.27
C TYR A 45 9.52 -7.02 -3.52
N ALA A 46 8.98 -7.73 -4.51
CA ALA A 46 9.70 -7.96 -5.75
C ALA A 46 9.91 -6.65 -6.51
N GLU A 47 8.99 -5.71 -6.34
CA GLU A 47 9.08 -4.42 -7.01
C GLU A 47 10.37 -3.69 -6.62
N MET A 48 10.88 -4.02 -5.44
CA MET A 48 12.11 -3.40 -4.96
C MET A 48 13.33 -4.25 -5.30
N GLY A 49 13.09 -5.52 -5.62
CA GLY A 49 14.17 -6.42 -5.97
C GLY A 49 14.69 -7.19 -4.77
N MET A 50 13.84 -7.34 -3.75
CA MET A 50 14.22 -8.06 -2.54
C MET A 50 14.08 -9.57 -2.73
N SER A 51 14.48 -10.33 -1.73
CA SER A 51 14.40 -11.78 -1.80
C SER A 51 12.96 -12.26 -1.60
N ASN A 52 12.07 -11.32 -1.27
CA ASN A 52 10.66 -11.63 -1.06
C ASN A 52 10.50 -12.57 0.13
N PHE A 53 10.75 -12.06 1.33
CA PHE A 53 10.63 -12.85 2.54
C PHE A 53 9.17 -13.21 2.81
N THR A 54 8.95 -14.33 3.50
CA THR A 54 7.60 -14.78 3.82
C THR A 54 7.31 -14.60 5.31
N PRO A 55 6.75 -13.44 5.67
CA PRO A 55 6.41 -13.12 7.06
C PRO A 55 5.24 -13.95 7.57
N THR A 56 4.92 -13.78 8.85
CA THR A 56 3.81 -14.52 9.45
C THR A 56 2.70 -13.57 9.89
N LYS A 57 1.67 -14.13 10.53
CA LYS A 57 0.55 -13.34 11.00
C LYS A 57 1.02 -12.16 11.85
N GLU A 58 2.15 -12.34 12.52
CA GLU A 58 2.72 -11.30 13.36
C GLU A 58 3.19 -10.11 12.52
N ASP A 59 4.10 -10.40 11.60
CA ASP A 59 4.64 -9.36 10.71
C ASP A 59 3.53 -8.70 9.90
N VAL A 60 2.75 -9.52 9.20
CA VAL A 60 1.65 -9.02 8.38
C VAL A 60 0.73 -8.11 9.20
N LYS A 61 0.46 -8.51 10.42
CA LYS A 61 -0.40 -7.74 11.31
C LYS A 61 0.09 -6.30 11.44
N ILE A 62 1.35 -6.15 11.82
CA ILE A 62 1.95 -4.83 11.98
C ILE A 62 1.80 -4.00 10.70
N TRP A 63 2.13 -4.61 9.58
CA TRP A 63 2.04 -3.92 8.29
C TRP A 63 0.59 -3.53 7.99
N LEU A 64 -0.35 -4.27 8.57
CA LEU A 64 -1.77 -4.00 8.36
C LEU A 64 -2.25 -2.88 9.27
N GLN A 65 -1.77 -2.88 10.51
CA GLN A 65 -2.15 -1.86 11.48
C GLN A 65 -1.67 -0.48 11.03
N MET A 66 -0.57 -0.46 10.28
CA MET A 66 -0.02 0.80 9.78
C MET A 66 -0.59 1.14 8.42
N ALA A 67 -0.84 0.12 7.60
CA ALA A 67 -1.39 0.32 6.27
C ALA A 67 -2.85 0.74 6.34
N ASP A 68 -3.64 0.04 7.13
CA ASP A 68 -5.06 0.35 7.29
C ASP A 68 -5.25 1.82 7.65
N THR A 69 -5.98 2.54 6.80
CA THR A 69 -6.23 3.96 7.03
C THR A 69 -7.47 4.16 7.91
N ASN A 70 -8.35 3.17 7.92
CA ASN A 70 -9.57 3.23 8.72
C ASN A 70 -9.44 2.38 9.97
N SER A 71 -8.39 1.56 10.03
CA SER A 71 -8.16 0.68 11.17
C SER A 71 -9.34 -0.26 11.37
N ASP A 72 -10.04 -0.56 10.29
CA ASP A 72 -11.19 -1.47 10.34
C ASP A 72 -10.74 -2.92 10.39
N GLY A 73 -9.48 -3.15 10.03
CA GLY A 73 -8.94 -4.50 10.04
C GLY A 73 -8.81 -5.08 8.65
N SER A 74 -8.83 -4.21 7.65
CA SER A 74 -8.71 -4.63 6.25
C SER A 74 -8.16 -3.51 5.38
N VAL A 75 -7.10 -3.81 4.65
CA VAL A 75 -6.48 -2.82 3.77
C VAL A 75 -7.14 -2.80 2.40
N SER A 76 -7.90 -1.75 2.14
CA SER A 76 -8.60 -1.61 0.86
C SER A 76 -7.69 -1.03 -0.20
N LEU A 77 -8.23 -0.79 -1.39
CA LEU A 77 -7.45 -0.23 -2.49
C LEU A 77 -7.03 1.20 -2.18
N GLU A 78 -7.90 1.94 -1.51
CA GLU A 78 -7.60 3.32 -1.15
C GLU A 78 -6.69 3.39 0.07
N GLU A 79 -6.72 2.35 0.88
CA GLU A 79 -5.89 2.28 2.08
C GLU A 79 -4.50 1.75 1.76
N TYR A 80 -4.39 1.05 0.63
CA TYR A 80 -3.12 0.48 0.21
C TYR A 80 -2.31 1.49 -0.60
N GLU A 81 -3.00 2.23 -1.46
CA GLU A 81 -2.35 3.23 -2.30
C GLU A 81 -1.50 4.18 -1.46
N ASP A 82 -2.05 4.58 -0.31
CA ASP A 82 -1.35 5.48 0.59
C ASP A 82 -0.15 4.79 1.24
N LEU A 83 -0.22 3.47 1.33
CA LEU A 83 0.86 2.70 1.92
C LEU A 83 2.15 2.86 1.14
N ILE A 84 2.04 2.88 -0.18
CA ILE A 84 3.20 3.03 -1.05
C ILE A 84 3.75 4.46 -1.00
N ILE A 85 2.87 5.40 -0.64
CA ILE A 85 3.26 6.80 -0.56
C ILE A 85 4.36 6.99 0.48
N LYS A 86 4.27 6.25 1.58
CA LYS A 86 5.25 6.34 2.65
C LYS A 86 6.61 5.81 2.19
N SER A 87 6.61 4.60 1.65
CA SER A 87 7.84 3.98 1.17
C SER A 87 8.52 4.85 0.12
N LEU A 88 7.71 5.59 -0.63
CA LEU A 88 8.22 6.47 -1.67
C LEU A 88 8.91 7.68 -1.07
N GLN A 89 8.36 8.20 0.02
CA GLN A 89 8.93 9.36 0.70
C GLN A 89 10.37 9.09 1.12
N LYS A 90 10.64 7.85 1.52
CA LYS A 90 11.97 7.46 1.96
C LYS A 90 12.84 7.06 0.76
N ALA A 91 12.19 6.61 -0.30
CA ALA A 91 12.91 6.20 -1.50
C ALA A 91 13.60 7.39 -2.16
N GLY A 92 13.11 8.59 -1.87
CA GLY A 92 13.70 9.79 -2.44
C GLY A 92 12.75 10.52 -3.37
N ILE A 93 11.45 10.34 -3.15
CA ILE A 93 10.44 10.98 -3.98
C ILE A 93 9.55 11.90 -3.14
N ARG A 94 9.79 13.20 -3.25
CA ARG A 94 9.01 14.19 -2.51
C ARG A 94 7.61 14.30 -3.08
N VAL A 95 6.63 13.84 -2.30
CA VAL A 95 5.23 13.89 -2.72
C VAL A 95 4.57 15.20 -2.30
N GLU A 96 3.61 15.65 -3.09
CA GLU A 96 2.89 16.89 -2.80
C GLU A 96 1.45 16.61 -2.38
N LYS A 97 1.18 16.81 -1.09
CA LYS A 97 -0.16 16.58 -0.55
C LYS A 97 -0.61 17.76 0.29
N GLN A 98 -1.88 18.15 0.13
CA GLN A 98 -2.43 19.27 0.87
C GLN A 98 -2.74 18.85 2.31
N SER A 99 -1.81 19.13 3.22
CA SER A 99 -1.98 18.78 4.62
C SER A 99 -2.19 20.03 5.47
N LEU A 100 -2.33 19.84 6.77
CA LEU A 100 -2.54 20.96 7.69
C LEU A 100 -1.26 21.27 8.46
N VAL A 101 -0.30 21.88 7.76
CA VAL A 101 0.98 22.24 8.38
C VAL A 101 0.76 23.05 9.66
N PHE A 102 1.57 22.78 10.66
CA PHE A 102 1.46 23.48 11.94
C PHE A 102 2.47 24.63 12.01
N SER A 1 -12.18 15.68 1.89
CA SER A 1 -11.50 14.86 0.89
C SER A 1 -11.31 15.63 -0.42
N SER A 2 -10.06 15.75 -0.85
CA SER A 2 -9.74 16.47 -2.08
C SER A 2 -8.80 15.65 -2.95
N LYS A 3 -8.75 15.99 -4.24
CA LYS A 3 -7.89 15.29 -5.19
C LYS A 3 -6.83 16.24 -5.76
N PRO A 4 -5.75 16.45 -4.99
CA PRO A 4 -4.65 17.32 -5.40
C PRO A 4 -3.83 16.74 -6.54
N LYS A 5 -2.86 17.51 -7.02
CA LYS A 5 -2.01 17.06 -8.11
C LYS A 5 -0.79 16.30 -7.59
N TYR A 6 -0.59 15.10 -8.11
CA TYR A 6 0.54 14.26 -7.70
C TYR A 6 1.58 14.16 -8.81
N ASN A 7 2.84 14.33 -8.44
CA ASN A 7 3.94 14.25 -9.40
C ASN A 7 3.88 12.96 -10.20
N PRO A 8 4.55 12.94 -11.36
CA PRO A 8 4.58 11.77 -12.24
C PRO A 8 5.38 10.62 -11.64
N GLU A 9 6.24 10.94 -10.67
CA GLU A 9 7.06 9.93 -10.02
C GLU A 9 6.28 9.21 -8.92
N VAL A 10 5.24 9.87 -8.41
CA VAL A 10 4.41 9.29 -7.37
C VAL A 10 3.43 8.27 -7.94
N GLU A 11 2.54 8.74 -8.79
CA GLU A 11 1.54 7.86 -9.41
C GLU A 11 2.21 6.66 -10.06
N ALA A 12 3.43 6.85 -10.54
CA ALA A 12 4.18 5.78 -11.18
C ALA A 12 4.26 4.55 -10.28
N LYS A 13 4.41 4.77 -8.98
CA LYS A 13 4.49 3.69 -8.01
C LYS A 13 3.10 3.27 -7.54
N LEU A 14 2.15 4.21 -7.60
CA LEU A 14 0.78 3.94 -7.17
C LEU A 14 0.06 3.07 -8.20
N ASP A 15 0.47 3.17 -9.45
CA ASP A 15 -0.14 2.39 -10.53
C ASP A 15 0.14 0.90 -10.33
N VAL A 16 1.41 0.53 -10.29
CA VAL A 16 1.80 -0.86 -10.12
C VAL A 16 1.18 -1.45 -8.85
N ALA A 17 0.89 -0.58 -7.89
CA ALA A 17 0.28 -1.02 -6.63
C ALA A 17 -1.21 -1.23 -6.79
N ARG A 18 -1.84 -0.43 -7.65
CA ARG A 18 -3.28 -0.53 -7.88
C ARG A 18 -3.63 -1.90 -8.44
N ARG A 19 -2.93 -2.31 -9.49
CA ARG A 19 -3.18 -3.60 -10.12
C ARG A 19 -2.89 -4.74 -9.15
N LEU A 20 -1.80 -4.62 -8.40
CA LEU A 20 -1.42 -5.64 -7.43
C LEU A 20 -2.54 -5.89 -6.42
N PHE A 21 -3.21 -4.82 -6.02
CA PHE A 21 -4.31 -4.93 -5.06
C PHE A 21 -5.38 -5.89 -5.56
N LYS A 22 -5.95 -5.56 -6.72
CA LYS A 22 -6.99 -6.40 -7.31
C LYS A 22 -6.43 -7.75 -7.74
N ARG A 23 -5.13 -7.79 -8.02
CA ARG A 23 -4.47 -9.03 -8.43
C ARG A 23 -4.71 -10.14 -7.41
N TYR A 24 -4.93 -9.75 -6.16
CA TYR A 24 -5.17 -10.71 -5.10
C TYR A 24 -6.62 -10.65 -4.62
N ASP A 25 -7.22 -9.47 -4.71
CA ASP A 25 -8.60 -9.27 -4.29
C ASP A 25 -9.56 -9.96 -5.26
N LYS A 26 -9.78 -11.26 -5.03
CA LYS A 26 -10.68 -12.04 -5.87
C LYS A 26 -12.12 -11.89 -5.41
N ASP A 27 -12.30 -11.64 -4.13
CA ASP A 27 -13.64 -11.48 -3.56
C ASP A 27 -14.25 -10.15 -3.98
N GLY A 28 -13.43 -9.30 -4.58
CA GLY A 28 -13.91 -8.00 -5.03
C GLY A 28 -14.52 -7.19 -3.90
N SER A 29 -14.12 -7.49 -2.67
CA SER A 29 -14.64 -6.79 -1.51
C SER A 29 -14.03 -5.40 -1.39
N GLY A 30 -12.87 -5.22 -2.01
CA GLY A 30 -12.19 -3.93 -1.97
C GLY A 30 -11.35 -3.77 -0.72
N GLN A 31 -11.01 -4.88 -0.08
CA GLN A 31 -10.20 -4.85 1.13
C GLN A 31 -9.29 -6.07 1.21
N LEU A 32 -8.07 -5.85 1.70
CA LEU A 32 -7.10 -6.94 1.83
C LEU A 32 -6.95 -7.37 3.28
N GLN A 33 -7.59 -8.48 3.63
CA GLN A 33 -7.52 -9.00 5.00
C GLN A 33 -6.14 -9.54 5.31
N ASP A 34 -5.90 -9.87 6.58
CA ASP A 34 -4.61 -10.40 7.00
C ASP A 34 -4.21 -11.60 6.13
N ASP A 35 -5.21 -12.33 5.64
CA ASP A 35 -4.96 -13.49 4.80
C ASP A 35 -4.66 -13.08 3.36
N GLU A 36 -5.32 -12.01 2.91
CA GLU A 36 -5.12 -11.51 1.56
C GLU A 36 -3.79 -10.77 1.43
N ILE A 37 -3.34 -10.19 2.54
CA ILE A 37 -2.08 -9.45 2.55
C ILE A 37 -0.89 -10.40 2.62
N ALA A 38 -1.12 -11.59 3.18
CA ALA A 38 -0.07 -12.59 3.30
C ALA A 38 0.61 -12.84 1.96
N GLY A 39 -0.19 -12.99 0.91
CA GLY A 39 0.34 -13.23 -0.41
C GLY A 39 0.76 -11.95 -1.11
N LEU A 40 0.17 -10.84 -0.70
CA LEU A 40 0.48 -9.55 -1.29
C LEU A 40 1.96 -9.22 -1.15
N LEU A 41 2.45 -9.22 0.09
CA LEU A 41 3.85 -8.91 0.36
C LEU A 41 4.76 -9.80 -0.48
N LYS A 42 4.35 -11.04 -0.71
CA LYS A 42 5.12 -11.98 -1.51
C LYS A 42 5.50 -11.37 -2.85
N ASP A 43 4.52 -10.75 -3.51
CA ASP A 43 4.74 -10.11 -4.80
C ASP A 43 5.30 -8.70 -4.63
N THR A 44 4.70 -7.94 -3.73
CA THR A 44 5.14 -6.57 -3.47
C THR A 44 6.63 -6.51 -3.17
N TYR A 45 7.15 -7.59 -2.57
CA TYR A 45 8.57 -7.65 -2.23
C TYR A 45 9.41 -7.96 -3.46
N ALA A 46 9.08 -9.06 -4.14
CA ALA A 46 9.81 -9.46 -5.34
C ALA A 46 9.81 -8.34 -6.38
N GLU A 47 8.82 -7.47 -6.30
CA GLU A 47 8.71 -6.35 -7.24
C GLU A 47 10.00 -5.54 -7.27
N MET A 48 10.72 -5.53 -6.15
CA MET A 48 11.97 -4.79 -6.05
C MET A 48 13.16 -5.75 -5.89
N GLY A 49 12.92 -7.02 -6.21
CA GLY A 49 13.98 -8.02 -6.10
C GLY A 49 14.39 -8.27 -4.66
N MET A 50 13.44 -8.08 -3.73
CA MET A 50 13.71 -8.29 -2.32
C MET A 50 14.02 -9.75 -2.03
N SER A 51 14.37 -10.05 -0.79
CA SER A 51 14.69 -11.41 -0.38
C SER A 51 13.50 -12.33 -0.59
N ASN A 52 12.31 -11.74 -0.66
CA ASN A 52 11.08 -12.51 -0.85
C ASN A 52 10.84 -13.46 0.33
N PHE A 53 10.75 -12.88 1.53
CA PHE A 53 10.53 -13.68 2.73
C PHE A 53 9.05 -14.02 2.88
N THR A 54 8.77 -15.14 3.54
CA THR A 54 7.40 -15.59 3.75
C THR A 54 6.98 -15.41 5.20
N PRO A 55 6.40 -14.25 5.52
CA PRO A 55 5.94 -13.92 6.87
C PRO A 55 4.73 -14.75 7.28
N THR A 56 4.32 -14.60 8.54
CA THR A 56 3.16 -15.33 9.05
C THR A 56 2.05 -14.37 9.48
N LYS A 57 0.98 -14.93 10.04
CA LYS A 57 -0.14 -14.13 10.50
C LYS A 57 0.33 -13.00 11.41
N GLU A 58 1.42 -13.24 12.13
CA GLU A 58 1.96 -12.23 13.04
C GLU A 58 2.56 -11.06 12.26
N ASP A 59 3.50 -11.35 11.40
CA ASP A 59 4.16 -10.33 10.59
C ASP A 59 3.12 -9.53 9.79
N VAL A 60 2.28 -10.24 9.05
CA VAL A 60 1.24 -9.60 8.24
C VAL A 60 0.41 -8.63 9.08
N LYS A 61 0.14 -9.02 10.32
CA LYS A 61 -0.65 -8.20 11.22
C LYS A 61 0.00 -6.83 11.42
N ILE A 62 1.26 -6.84 11.83
CA ILE A 62 2.00 -5.59 12.04
C ILE A 62 1.96 -4.71 10.81
N TRP A 63 2.25 -5.31 9.65
CA TRP A 63 2.24 -4.58 8.39
C TRP A 63 0.89 -3.93 8.14
N LEU A 64 -0.17 -4.55 8.65
CA LEU A 64 -1.52 -4.03 8.48
C LEU A 64 -1.76 -2.83 9.39
N GLN A 65 -1.09 -2.81 10.54
CA GLN A 65 -1.23 -1.72 11.49
C GLN A 65 -0.70 -0.42 10.90
N MET A 66 0.24 -0.53 9.96
CA MET A 66 0.82 0.64 9.32
C MET A 66 0.04 1.02 8.06
N ALA A 67 -0.33 0.02 7.28
CA ALA A 67 -1.09 0.25 6.05
C ALA A 67 -2.49 0.74 6.36
N ASP A 68 -3.19 0.03 7.24
CA ASP A 68 -4.55 0.40 7.63
C ASP A 68 -4.62 1.86 8.05
N THR A 69 -5.18 2.70 7.19
CA THR A 69 -5.30 4.12 7.47
C THR A 69 -6.59 4.42 8.24
N ASN A 70 -7.58 3.54 8.08
CA ASN A 70 -8.86 3.71 8.75
C ASN A 70 -8.90 2.91 10.05
N SER A 71 -7.92 2.03 10.22
CA SER A 71 -7.85 1.19 11.42
C SER A 71 -9.09 0.32 11.54
N ASP A 72 -9.58 -0.18 10.41
CA ASP A 72 -10.76 -1.04 10.39
C ASP A 72 -10.37 -2.50 10.24
N GLY A 73 -9.14 -2.82 10.63
CA GLY A 73 -8.67 -4.19 10.52
C GLY A 73 -8.56 -4.65 9.09
N SER A 74 -8.51 -3.70 8.16
CA SER A 74 -8.41 -4.02 6.73
C SER A 74 -7.76 -2.88 5.97
N VAL A 75 -7.25 -3.19 4.78
CA VAL A 75 -6.60 -2.18 3.94
C VAL A 75 -7.21 -2.17 2.54
N SER A 76 -7.67 -0.99 2.11
CA SER A 76 -8.27 -0.85 0.79
C SER A 76 -7.27 -0.25 -0.20
N LEU A 77 -7.77 0.10 -1.38
CA LEU A 77 -6.92 0.69 -2.42
C LEU A 77 -6.40 2.06 -1.98
N GLU A 78 -7.26 2.83 -1.32
CA GLU A 78 -6.88 4.16 -0.86
C GLU A 78 -5.96 4.07 0.35
N GLU A 79 -6.20 3.08 1.21
CA GLU A 79 -5.38 2.88 2.40
C GLU A 79 -4.00 2.33 2.04
N TYR A 80 -4.00 1.23 1.30
CA TYR A 80 -2.75 0.59 0.89
C TYR A 80 -1.88 1.56 0.09
N GLU A 81 -2.50 2.23 -0.89
CA GLU A 81 -1.78 3.17 -1.73
C GLU A 81 -1.09 4.24 -0.88
N ASP A 82 -1.70 4.56 0.26
CA ASP A 82 -1.15 5.56 1.16
C ASP A 82 0.13 5.06 1.82
N LEU A 83 0.25 3.74 1.94
CA LEU A 83 1.42 3.13 2.56
C LEU A 83 2.66 3.34 1.69
N ILE A 84 2.47 3.35 0.38
CA ILE A 84 3.56 3.54 -0.55
C ILE A 84 4.00 5.00 -0.59
N ILE A 85 3.08 5.90 -0.29
CA ILE A 85 3.37 7.33 -0.27
C ILE A 85 4.59 7.63 0.58
N LYS A 86 4.52 7.29 1.86
CA LYS A 86 5.62 7.52 2.79
C LYS A 86 6.92 6.94 2.24
N SER A 87 6.81 5.87 1.45
CA SER A 87 7.97 5.23 0.87
C SER A 87 8.60 6.11 -0.21
N LEU A 88 7.75 6.73 -1.02
CA LEU A 88 8.23 7.60 -2.10
C LEU A 88 8.89 8.85 -1.53
N GLN A 89 8.35 9.34 -0.41
CA GLN A 89 8.89 10.53 0.23
C GLN A 89 10.36 10.34 0.58
N LYS A 90 10.69 9.17 1.12
CA LYS A 90 12.06 8.86 1.51
C LYS A 90 12.85 8.29 0.32
N ALA A 91 12.12 7.71 -0.63
CA ALA A 91 12.74 7.12 -1.81
C ALA A 91 13.40 8.20 -2.67
N GLY A 92 12.94 9.43 -2.51
CA GLY A 92 13.50 10.53 -3.28
C GLY A 92 12.47 11.18 -4.20
N ILE A 93 11.20 10.95 -3.91
CA ILE A 93 10.12 11.51 -4.72
C ILE A 93 9.19 12.37 -3.88
N ARG A 94 9.36 13.69 -3.98
CA ARG A 94 8.53 14.63 -3.22
C ARG A 94 7.13 14.71 -3.81
N VAL A 95 6.19 13.98 -3.21
CA VAL A 95 4.81 13.98 -3.68
C VAL A 95 4.08 15.24 -3.24
N GLU A 96 3.27 15.79 -4.14
CA GLU A 96 2.51 17.00 -3.85
C GLU A 96 1.12 16.66 -3.30
N LYS A 97 0.94 16.89 -2.01
CA LYS A 97 -0.33 16.61 -1.36
C LYS A 97 -0.62 17.65 -0.27
N GLN A 98 -1.86 18.14 -0.25
CA GLN A 98 -2.26 19.13 0.75
C GLN A 98 -1.95 18.64 2.16
N SER A 99 -0.89 19.19 2.74
CA SER A 99 -0.47 18.81 4.09
C SER A 99 -0.86 19.88 5.10
N LEU A 100 -2.11 19.82 5.57
CA LEU A 100 -2.61 20.79 6.54
C LEU A 100 -1.80 20.72 7.83
N VAL A 101 -1.43 21.90 8.34
CA VAL A 101 -0.65 21.99 9.57
C VAL A 101 -1.44 22.67 10.68
N PHE A 102 -1.44 22.07 11.86
CA PHE A 102 -2.17 22.63 13.00
C PHE A 102 -1.25 22.75 14.22
N SER A 1 -15.45 13.14 -6.34
CA SER A 1 -14.36 12.78 -5.44
C SER A 1 -13.27 13.86 -5.43
N SER A 2 -12.87 14.26 -4.25
CA SER A 2 -11.84 15.29 -4.10
C SER A 2 -10.59 14.72 -3.43
N LYS A 3 -9.54 14.53 -4.23
CA LYS A 3 -8.29 13.98 -3.72
C LYS A 3 -7.11 14.90 -4.08
N PRO A 4 -6.04 14.80 -3.28
CA PRO A 4 -4.83 15.61 -3.50
C PRO A 4 -4.07 15.20 -4.76
N LYS A 5 -3.56 16.19 -5.49
CA LYS A 5 -2.81 15.93 -6.71
C LYS A 5 -1.32 15.80 -6.43
N TYR A 6 -0.69 14.81 -7.04
CA TYR A 6 0.74 14.58 -6.84
C TYR A 6 1.48 14.58 -8.18
N ASN A 7 2.80 14.70 -8.11
CA ASN A 7 3.63 14.72 -9.31
C ASN A 7 3.32 13.52 -10.20
N PRO A 8 3.72 13.60 -11.48
CA PRO A 8 3.49 12.53 -12.46
C PRO A 8 4.34 11.30 -12.17
N GLU A 9 5.37 11.47 -11.34
CA GLU A 9 6.26 10.38 -10.99
C GLU A 9 5.68 9.55 -9.85
N VAL A 10 4.73 10.14 -9.13
CA VAL A 10 4.09 9.46 -8.01
C VAL A 10 3.06 8.44 -8.50
N GLU A 11 2.04 8.94 -9.20
CA GLU A 11 0.99 8.09 -9.73
C GLU A 11 1.57 6.91 -10.51
N ALA A 12 2.72 7.15 -11.14
CA ALA A 12 3.39 6.12 -11.93
C ALA A 12 3.60 4.85 -11.10
N LYS A 13 3.84 5.02 -9.81
CA LYS A 13 4.05 3.89 -8.92
C LYS A 13 2.72 3.39 -8.34
N LEU A 14 1.77 4.31 -8.17
CA LEU A 14 0.46 3.96 -7.63
C LEU A 14 -0.33 3.13 -8.63
N ASP A 15 -0.11 3.40 -9.92
CA ASP A 15 -0.81 2.66 -10.97
C ASP A 15 -0.54 1.17 -10.87
N VAL A 16 0.73 0.79 -10.92
CA VAL A 16 1.13 -0.60 -10.82
C VAL A 16 0.62 -1.23 -9.53
N ALA A 17 0.37 -0.40 -8.53
CA ALA A 17 -0.12 -0.88 -7.24
C ALA A 17 -1.57 -1.36 -7.35
N ARG A 18 -2.32 -0.75 -8.26
CA ARG A 18 -3.72 -1.11 -8.46
C ARG A 18 -3.83 -2.52 -9.05
N ARG A 19 -3.08 -2.78 -10.11
CA ARG A 19 -3.09 -4.09 -10.76
C ARG A 19 -2.63 -5.18 -9.81
N LEU A 20 -1.85 -4.79 -8.80
CA LEU A 20 -1.34 -5.74 -7.81
C LEU A 20 -2.38 -6.00 -6.74
N PHE A 21 -3.12 -4.97 -6.37
CA PHE A 21 -4.16 -5.10 -5.35
C PHE A 21 -5.17 -6.18 -5.72
N LYS A 22 -5.72 -6.06 -6.93
CA LYS A 22 -6.70 -7.03 -7.41
C LYS A 22 -6.05 -8.37 -7.69
N ARG A 23 -4.76 -8.34 -7.99
CA ARG A 23 -4.01 -9.57 -8.28
C ARG A 23 -4.21 -10.61 -7.18
N TYR A 24 -4.43 -10.12 -5.95
CA TYR A 24 -4.63 -11.01 -4.81
C TYR A 24 -6.10 -11.02 -4.39
N ASP A 25 -6.77 -9.88 -4.54
CA ASP A 25 -8.18 -9.77 -4.18
C ASP A 25 -9.06 -10.46 -5.21
N LYS A 26 -9.30 -11.75 -5.01
CA LYS A 26 -10.14 -12.52 -5.92
C LYS A 26 -11.62 -12.37 -5.58
N ASP A 27 -11.90 -12.05 -4.32
CA ASP A 27 -13.27 -11.87 -3.86
C ASP A 27 -13.87 -10.59 -4.44
N GLY A 28 -13.02 -9.77 -5.05
CA GLY A 28 -13.48 -8.52 -5.63
C GLY A 28 -14.18 -7.64 -4.62
N SER A 29 -13.89 -7.85 -3.34
CA SER A 29 -14.51 -7.07 -2.27
C SER A 29 -13.89 -5.68 -2.18
N GLY A 30 -12.67 -5.56 -2.70
CA GLY A 30 -11.98 -4.28 -2.67
C GLY A 30 -11.21 -4.07 -1.38
N GLN A 31 -10.94 -5.16 -0.67
CA GLN A 31 -10.20 -5.09 0.59
C GLN A 31 -9.27 -6.28 0.75
N LEU A 32 -8.02 -6.00 1.09
CA LEU A 32 -7.03 -7.06 1.27
C LEU A 32 -7.03 -7.56 2.71
N GLN A 33 -7.63 -8.73 2.93
CA GLN A 33 -7.70 -9.32 4.26
C GLN A 33 -6.33 -9.84 4.69
N ASP A 34 -6.23 -10.27 5.94
CA ASP A 34 -4.99 -10.80 6.48
C ASP A 34 -4.47 -11.95 5.62
N ASP A 35 -5.38 -12.63 4.93
CA ASP A 35 -5.01 -13.75 4.07
C ASP A 35 -4.48 -13.25 2.73
N GLU A 36 -5.03 -12.14 2.25
CA GLU A 36 -4.63 -11.56 0.98
C GLU A 36 -3.35 -10.73 1.15
N ILE A 37 -3.13 -10.22 2.35
CA ILE A 37 -1.95 -9.41 2.64
C ILE A 37 -0.71 -10.28 2.76
N ALA A 38 -0.88 -11.47 3.33
CA ALA A 38 0.22 -12.41 3.50
C ALA A 38 0.97 -12.62 2.19
N GLY A 39 0.22 -12.87 1.12
CA GLY A 39 0.83 -13.09 -0.17
C GLY A 39 1.15 -11.80 -0.90
N LEU A 40 0.45 -10.73 -0.53
CA LEU A 40 0.67 -9.43 -1.15
C LEU A 40 2.05 -8.89 -0.82
N LEU A 41 2.41 -8.93 0.46
CA LEU A 41 3.72 -8.45 0.91
C LEU A 41 4.83 -9.10 0.10
N LYS A 42 4.63 -10.35 -0.29
CA LYS A 42 5.62 -11.09 -1.07
C LYS A 42 6.00 -10.31 -2.33
N ASP A 43 5.01 -9.96 -3.13
CA ASP A 43 5.24 -9.22 -4.37
C ASP A 43 5.54 -7.76 -4.06
N THR A 44 4.75 -7.16 -3.18
CA THR A 44 4.94 -5.76 -2.81
C THR A 44 6.38 -5.48 -2.41
N TYR A 45 7.04 -6.50 -1.85
CA TYR A 45 8.42 -6.36 -1.42
C TYR A 45 9.37 -6.43 -2.61
N ALA A 46 9.12 -7.39 -3.49
CA ALA A 46 9.96 -7.57 -4.68
C ALA A 46 9.99 -6.31 -5.52
N GLU A 47 8.98 -5.47 -5.36
CA GLU A 47 8.89 -4.22 -6.12
C GLU A 47 10.14 -3.37 -5.90
N MET A 48 10.80 -3.57 -4.76
CA MET A 48 12.01 -2.82 -4.44
C MET A 48 13.23 -3.75 -4.45
N GLY A 49 13.10 -4.89 -5.10
CA GLY A 49 14.19 -5.84 -5.17
C GLY A 49 14.53 -6.44 -3.82
N MET A 50 13.56 -6.40 -2.90
CA MET A 50 13.75 -6.94 -1.56
C MET A 50 14.02 -8.45 -1.62
N SER A 51 14.31 -9.04 -0.47
CA SER A 51 14.58 -10.47 -0.39
C SER A 51 13.29 -11.28 -0.44
N ASN A 52 12.16 -10.58 -0.47
CA ASN A 52 10.85 -11.23 -0.53
C ASN A 52 10.69 -12.21 0.63
N PHE A 53 10.74 -11.68 1.86
CA PHE A 53 10.60 -12.51 3.05
C PHE A 53 9.15 -12.98 3.21
N THR A 54 8.97 -14.13 3.86
CA THR A 54 7.64 -14.68 4.10
C THR A 54 7.24 -14.55 5.56
N PRO A 55 6.59 -13.44 5.90
CA PRO A 55 6.14 -13.18 7.28
C PRO A 55 4.99 -14.10 7.69
N THR A 56 4.64 -14.04 8.97
CA THR A 56 3.56 -14.87 9.50
C THR A 56 2.28 -14.06 9.68
N LYS A 57 1.22 -14.73 10.12
CA LYS A 57 -0.06 -14.07 10.34
C LYS A 57 0.09 -12.89 11.29
N GLU A 58 1.09 -12.96 12.17
CA GLU A 58 1.34 -11.89 13.13
C GLU A 58 2.00 -10.70 12.45
N ASP A 59 3.11 -10.95 11.77
CA ASP A 59 3.84 -9.90 11.08
C ASP A 59 2.91 -9.10 10.17
N VAL A 60 1.95 -9.79 9.56
CA VAL A 60 0.99 -9.16 8.66
C VAL A 60 0.13 -8.15 9.41
N LYS A 61 -0.26 -8.50 10.63
CA LYS A 61 -1.09 -7.62 11.46
C LYS A 61 -0.42 -6.26 11.65
N ILE A 62 0.82 -6.28 12.10
CA ILE A 62 1.58 -5.05 12.32
C ILE A 62 1.63 -4.20 11.06
N TRP A 63 1.61 -4.87 9.91
CA TRP A 63 1.65 -4.17 8.63
C TRP A 63 0.28 -3.61 8.26
N LEU A 64 -0.77 -4.31 8.69
CA LEU A 64 -2.13 -3.90 8.40
C LEU A 64 -2.55 -2.74 9.32
N GLN A 65 -2.15 -2.82 10.59
CA GLN A 65 -2.48 -1.79 11.56
C GLN A 65 -2.09 -0.40 11.03
N MET A 66 -0.82 -0.24 10.72
CA MET A 66 -0.32 1.05 10.21
C MET A 66 -0.96 1.37 8.86
N ALA A 67 -1.39 0.34 8.15
CA ALA A 67 -2.02 0.51 6.85
C ALA A 67 -3.54 0.59 6.98
N ASP A 68 -4.01 0.93 8.17
CA ASP A 68 -5.44 1.03 8.42
C ASP A 68 -5.75 2.21 9.34
N THR A 69 -6.56 3.14 8.85
CA THR A 69 -6.94 4.32 9.62
C THR A 69 -8.16 4.04 10.50
N ASN A 70 -9.14 3.37 9.92
CA ASN A 70 -10.37 3.04 10.65
C ASN A 70 -10.15 1.85 11.57
N SER A 71 -9.03 1.16 11.38
CA SER A 71 -8.69 0.00 12.19
C SER A 71 -9.79 -1.07 12.09
N ASP A 72 -10.20 -1.37 10.86
CA ASP A 72 -11.24 -2.35 10.62
C ASP A 72 -10.63 -3.73 10.36
N GLY A 73 -9.33 -3.75 10.06
CA GLY A 73 -8.65 -5.01 9.80
C GLY A 73 -8.57 -5.33 8.32
N SER A 74 -8.64 -4.29 7.49
CA SER A 74 -8.58 -4.47 6.04
C SER A 74 -7.97 -3.25 5.37
N VAL A 75 -7.21 -3.48 4.30
CA VAL A 75 -6.57 -2.40 3.56
C VAL A 75 -7.14 -2.29 2.16
N SER A 76 -7.68 -1.11 1.84
CA SER A 76 -8.26 -0.87 0.52
C SER A 76 -7.23 -0.25 -0.42
N LEU A 77 -7.66 0.07 -1.63
CA LEU A 77 -6.79 0.68 -2.64
C LEU A 77 -6.19 1.97 -2.11
N GLU A 78 -6.94 2.68 -1.28
CA GLU A 78 -6.48 3.94 -0.71
C GLU A 78 -5.53 3.69 0.45
N GLU A 79 -6.01 2.98 1.47
CA GLU A 79 -5.20 2.68 2.64
C GLU A 79 -3.90 1.96 2.24
N TYR A 80 -3.95 1.28 1.09
CA TYR A 80 -2.79 0.55 0.60
C TYR A 80 -1.87 1.47 -0.19
N GLU A 81 -2.44 2.20 -1.15
CA GLU A 81 -1.67 3.12 -1.97
C GLU A 81 -0.83 4.05 -1.12
N ASP A 82 -1.41 4.53 -0.03
CA ASP A 82 -0.72 5.43 0.88
C ASP A 82 0.61 4.84 1.33
N LEU A 83 0.60 3.56 1.67
CA LEU A 83 1.80 2.87 2.11
C LEU A 83 2.94 3.07 1.12
N ILE A 84 2.61 3.12 -0.16
CA ILE A 84 3.60 3.31 -1.21
C ILE A 84 4.03 4.77 -1.29
N ILE A 85 3.13 5.67 -0.93
CA ILE A 85 3.42 7.10 -0.96
C ILE A 85 4.51 7.46 0.04
N LYS A 86 4.41 6.89 1.25
CA LYS A 86 5.38 7.14 2.30
C LYS A 86 6.76 6.64 1.90
N SER A 87 6.80 5.52 1.19
CA SER A 87 8.05 4.93 0.74
C SER A 87 8.61 5.67 -0.47
N LEU A 88 7.71 6.06 -1.37
CA LEU A 88 8.11 6.79 -2.57
C LEU A 88 8.85 8.07 -2.22
N GLN A 89 8.30 8.83 -1.26
CA GLN A 89 8.92 10.07 -0.83
C GLN A 89 10.38 9.86 -0.45
N LYS A 90 10.68 8.70 0.13
CA LYS A 90 12.04 8.37 0.53
C LYS A 90 12.82 7.77 -0.63
N ALA A 91 12.12 7.06 -1.50
CA ALA A 91 12.75 6.43 -2.66
C ALA A 91 13.32 7.49 -3.62
N GLY A 92 12.79 8.70 -3.53
CA GLY A 92 13.24 9.78 -4.39
C GLY A 92 12.17 10.29 -5.32
N ILE A 93 10.92 10.25 -4.85
CA ILE A 93 9.79 10.71 -5.65
C ILE A 93 9.09 11.88 -4.98
N ARG A 94 9.21 13.06 -5.58
CA ARG A 94 8.59 14.26 -5.05
C ARG A 94 7.07 14.14 -5.05
N VAL A 95 6.45 14.46 -3.93
CA VAL A 95 5.00 14.39 -3.80
C VAL A 95 4.45 15.59 -3.05
N GLU A 96 3.71 16.44 -3.76
CA GLU A 96 3.13 17.64 -3.16
C GLU A 96 1.95 17.27 -2.26
N LYS A 97 2.16 17.38 -0.95
CA LYS A 97 1.12 17.07 0.02
C LYS A 97 1.12 18.08 1.17
N GLN A 98 0.06 18.89 1.24
CA GLN A 98 -0.05 19.89 2.29
C GLN A 98 0.07 19.25 3.67
N SER A 99 0.69 19.98 4.60
CA SER A 99 0.88 19.48 5.95
C SER A 99 0.82 20.62 6.96
N LEU A 100 0.52 20.28 8.21
CA LEU A 100 0.43 21.28 9.27
C LEU A 100 1.33 20.90 10.46
N VAL A 101 1.60 21.87 11.32
CA VAL A 101 2.43 21.64 12.49
C VAL A 101 1.65 21.84 13.78
N PHE A 102 2.14 21.26 14.86
CA PHE A 102 1.48 21.36 16.16
C PHE A 102 2.07 22.52 16.97
N SER A 1 -16.12 18.27 -2.98
CA SER A 1 -15.11 17.25 -3.22
C SER A 1 -13.77 17.89 -3.59
N SER A 2 -12.69 17.17 -3.31
CA SER A 2 -11.35 17.67 -3.59
C SER A 2 -10.50 16.58 -4.25
N LYS A 3 -10.03 16.85 -5.47
CA LYS A 3 -9.21 15.90 -6.20
C LYS A 3 -7.78 16.41 -6.34
N PRO A 4 -6.97 16.23 -5.27
CA PRO A 4 -5.58 16.66 -5.25
C PRO A 4 -4.70 15.83 -6.17
N LYS A 5 -3.86 16.51 -6.96
CA LYS A 5 -2.97 15.84 -7.88
C LYS A 5 -1.58 15.64 -7.27
N TYR A 6 -0.99 14.48 -7.51
CA TYR A 6 0.33 14.17 -6.99
C TYR A 6 1.40 14.26 -8.07
N ASN A 7 2.66 14.36 -7.66
CA ASN A 7 3.76 14.45 -8.60
C ASN A 7 3.70 13.32 -9.62
N PRO A 8 4.41 13.50 -10.75
CA PRO A 8 4.45 12.50 -11.82
C PRO A 8 5.23 11.25 -11.42
N GLU A 9 6.15 11.41 -10.48
CA GLU A 9 6.97 10.30 -10.01
C GLU A 9 6.18 9.43 -9.02
N VAL A 10 5.13 10.00 -8.44
CA VAL A 10 4.30 9.29 -7.48
C VAL A 10 3.24 8.45 -8.18
N GLU A 11 2.37 9.12 -8.94
CA GLU A 11 1.30 8.44 -9.66
C GLU A 11 1.87 7.28 -10.49
N ALA A 12 3.10 7.44 -10.95
CA ALA A 12 3.76 6.42 -11.75
C ALA A 12 3.83 5.09 -11.00
N LYS A 13 4.10 5.17 -9.71
CA LYS A 13 4.20 3.98 -8.87
C LYS A 13 2.85 3.60 -8.30
N LEU A 14 2.08 4.60 -7.88
CA LEU A 14 0.75 4.37 -7.32
C LEU A 14 -0.13 3.61 -8.31
N ASP A 15 0.17 3.76 -9.59
CA ASP A 15 -0.60 3.08 -10.64
C ASP A 15 -0.35 1.58 -10.61
N VAL A 16 0.91 1.19 -10.77
CA VAL A 16 1.28 -0.22 -10.76
C VAL A 16 0.87 -0.90 -9.46
N ALA A 17 0.73 -0.09 -8.41
CA ALA A 17 0.34 -0.60 -7.10
C ALA A 17 -1.14 -0.97 -7.08
N ARG A 18 -1.91 -0.38 -7.99
CA ARG A 18 -3.34 -0.65 -8.08
C ARG A 18 -3.61 -2.07 -8.57
N ARG A 19 -3.01 -2.41 -9.71
CA ARG A 19 -3.19 -3.73 -10.29
C ARG A 19 -2.83 -4.82 -9.29
N LEU A 20 -1.94 -4.48 -8.36
CA LEU A 20 -1.51 -5.43 -7.34
C LEU A 20 -2.54 -5.54 -6.23
N PHE A 21 -3.18 -4.42 -5.91
CA PHE A 21 -4.20 -4.39 -4.86
C PHE A 21 -5.40 -5.25 -5.24
N LYS A 22 -5.83 -5.13 -6.49
CA LYS A 22 -6.97 -5.89 -6.99
C LYS A 22 -6.57 -7.32 -7.32
N ARG A 23 -5.30 -7.51 -7.67
CA ARG A 23 -4.78 -8.83 -8.01
C ARG A 23 -5.13 -9.85 -6.93
N TYR A 24 -5.02 -9.43 -5.67
CA TYR A 24 -5.32 -10.30 -4.54
C TYR A 24 -6.77 -10.12 -4.08
N ASP A 25 -7.31 -8.93 -4.33
CA ASP A 25 -8.69 -8.63 -3.94
C ASP A 25 -9.68 -9.20 -4.96
N LYS A 26 -9.68 -10.52 -5.09
CA LYS A 26 -10.58 -11.19 -6.03
C LYS A 26 -12.04 -10.98 -5.62
N ASP A 27 -12.26 -10.76 -4.34
CA ASP A 27 -13.61 -10.55 -3.82
C ASP A 27 -14.16 -9.20 -4.27
N GLY A 28 -13.28 -8.37 -4.83
CA GLY A 28 -13.70 -7.06 -5.29
C GLY A 28 -14.28 -6.21 -4.18
N SER A 29 -13.97 -6.56 -2.94
CA SER A 29 -14.49 -5.84 -1.79
C SER A 29 -13.71 -4.55 -1.57
N GLY A 30 -12.49 -4.50 -2.09
CA GLY A 30 -11.66 -3.32 -1.95
C GLY A 30 -10.97 -3.25 -0.60
N GLN A 31 -10.86 -4.41 0.06
CA GLN A 31 -10.21 -4.48 1.36
C GLN A 31 -9.32 -5.72 1.46
N LEU A 32 -8.09 -5.52 1.92
CA LEU A 32 -7.15 -6.62 2.07
C LEU A 32 -7.04 -7.06 3.53
N GLN A 33 -7.53 -8.26 3.80
CA GLN A 33 -7.49 -8.80 5.16
C GLN A 33 -6.11 -9.37 5.48
N ASP A 34 -5.93 -9.80 6.72
CA ASP A 34 -4.66 -10.37 7.16
C ASP A 34 -4.22 -11.49 6.23
N ASP A 35 -5.19 -12.16 5.61
CA ASP A 35 -4.90 -13.26 4.69
C ASP A 35 -4.43 -12.74 3.34
N GLU A 36 -5.14 -11.72 2.84
CA GLU A 36 -4.80 -11.13 1.55
C GLU A 36 -3.48 -10.37 1.63
N ILE A 37 -3.21 -9.78 2.79
CA ILE A 37 -1.99 -9.02 3.00
C ILE A 37 -0.77 -9.94 3.06
N ALA A 38 -0.95 -11.11 3.67
CA ALA A 38 0.13 -12.09 3.80
C ALA A 38 0.76 -12.37 2.44
N GLY A 39 -0.07 -12.59 1.43
CA GLY A 39 0.43 -12.87 0.10
C GLY A 39 0.79 -11.61 -0.66
N LEU A 40 0.20 -10.49 -0.26
CA LEU A 40 0.46 -9.21 -0.92
C LEU A 40 1.94 -8.86 -0.84
N LEU A 41 2.47 -8.81 0.38
CA LEU A 41 3.88 -8.50 0.59
C LEU A 41 4.78 -9.37 -0.27
N LYS A 42 4.37 -10.62 -0.45
CA LYS A 42 5.14 -11.58 -1.25
C LYS A 42 5.42 -11.00 -2.64
N ASP A 43 4.41 -10.39 -3.24
CA ASP A 43 4.54 -9.81 -4.57
C ASP A 43 5.11 -8.39 -4.48
N THR A 44 4.55 -7.59 -3.58
CA THR A 44 4.99 -6.22 -3.40
C THR A 44 6.49 -6.15 -3.18
N TYR A 45 7.05 -7.19 -2.57
CA TYR A 45 8.48 -7.25 -2.31
C TYR A 45 9.25 -7.58 -3.58
N ALA A 46 8.76 -8.54 -4.33
CA ALA A 46 9.40 -8.95 -5.58
C ALA A 46 9.29 -7.86 -6.64
N GLU A 47 8.25 -7.03 -6.52
CA GLU A 47 8.04 -5.95 -7.46
C GLU A 47 9.29 -5.10 -7.63
N MET A 48 10.08 -5.02 -6.57
CA MET A 48 11.31 -4.23 -6.60
C MET A 48 12.53 -5.14 -6.75
N GLY A 49 12.34 -6.42 -6.45
CA GLY A 49 13.43 -7.37 -6.55
C GLY A 49 14.10 -7.63 -5.21
N MET A 50 13.35 -7.47 -4.13
CA MET A 50 13.88 -7.68 -2.79
C MET A 50 13.96 -9.18 -2.48
N SER A 51 14.52 -9.50 -1.32
CA SER A 51 14.67 -10.89 -0.90
C SER A 51 13.32 -11.60 -0.90
N ASN A 52 12.25 -10.82 -0.73
CA ASN A 52 10.90 -11.38 -0.72
C ASN A 52 10.71 -12.33 0.46
N PHE A 53 11.00 -11.84 1.66
CA PHE A 53 10.86 -12.65 2.86
C PHE A 53 9.42 -13.12 3.05
N THR A 54 9.26 -14.25 3.72
CA THR A 54 7.94 -14.81 3.96
C THR A 54 7.54 -14.68 5.43
N PRO A 55 6.87 -13.56 5.76
CA PRO A 55 6.43 -13.28 7.13
C PRO A 55 5.30 -14.20 7.57
N THR A 56 4.70 -13.90 8.72
CA THR A 56 3.61 -14.70 9.24
C THR A 56 2.41 -13.83 9.60
N LYS A 57 1.38 -14.44 10.16
CA LYS A 57 0.16 -13.72 10.54
C LYS A 57 0.49 -12.61 11.52
N GLU A 58 1.59 -12.76 12.25
CA GLU A 58 2.00 -11.75 13.22
C GLU A 58 2.54 -10.51 12.51
N ASP A 59 3.61 -10.69 11.73
CA ASP A 59 4.22 -9.59 11.00
C ASP A 59 3.20 -8.90 10.11
N VAL A 60 2.46 -9.69 9.32
CA VAL A 60 1.46 -9.15 8.42
C VAL A 60 0.45 -8.28 9.18
N LYS A 61 0.01 -8.78 10.32
CA LYS A 61 -0.95 -8.05 11.14
C LYS A 61 -0.48 -6.61 11.40
N ILE A 62 0.76 -6.47 11.85
CA ILE A 62 1.34 -5.17 12.12
C ILE A 62 1.33 -4.29 10.87
N TRP A 63 1.83 -4.85 9.77
CA TRP A 63 1.88 -4.11 8.50
C TRP A 63 0.51 -3.58 8.13
N LEU A 64 -0.53 -4.28 8.56
CA LEU A 64 -1.91 -3.88 8.26
C LEU A 64 -2.21 -2.50 8.85
N GLN A 65 -1.81 -2.30 10.10
CA GLN A 65 -2.04 -1.02 10.77
C GLN A 65 -1.11 0.06 10.22
N MET A 66 0.05 -0.36 9.76
CA MET A 66 1.03 0.58 9.20
C MET A 66 0.46 1.29 7.98
N ALA A 67 -0.41 0.60 7.25
CA ALA A 67 -1.03 1.18 6.06
C ALA A 67 -2.45 1.65 6.35
N ASP A 68 -3.24 0.80 7.00
CA ASP A 68 -4.61 1.13 7.33
C ASP A 68 -4.68 2.46 8.08
N THR A 69 -5.28 3.46 7.44
CA THR A 69 -5.40 4.78 8.05
C THR A 69 -6.62 4.85 8.96
N ASN A 70 -7.67 4.13 8.60
CA ASN A 70 -8.90 4.11 9.39
C ASN A 70 -8.78 3.11 10.54
N SER A 71 -7.76 2.27 10.49
CA SER A 71 -7.55 1.26 11.52
C SER A 71 -8.79 0.39 11.69
N ASP A 72 -9.31 -0.12 10.59
CA ASP A 72 -10.50 -0.97 10.62
C ASP A 72 -10.14 -2.42 10.28
N GLY A 73 -8.87 -2.77 10.50
CA GLY A 73 -8.44 -4.13 10.21
C GLY A 73 -8.49 -4.46 8.73
N SER A 74 -8.43 -3.43 7.90
CA SER A 74 -8.48 -3.62 6.44
C SER A 74 -7.78 -2.47 5.72
N VAL A 75 -6.95 -2.81 4.75
CA VAL A 75 -6.22 -1.82 3.97
C VAL A 75 -6.87 -1.59 2.62
N SER A 76 -7.55 -0.45 2.48
CA SER A 76 -8.22 -0.11 1.24
C SER A 76 -7.22 0.33 0.18
N LEU A 77 -7.72 0.64 -1.02
CA LEU A 77 -6.86 1.06 -2.12
C LEU A 77 -6.01 2.27 -1.71
N GLU A 78 -6.68 3.36 -1.36
CA GLU A 78 -5.98 4.57 -0.95
C GLU A 78 -5.13 4.33 0.30
N GLU A 79 -5.69 3.56 1.24
CA GLU A 79 -4.98 3.24 2.47
C GLU A 79 -3.66 2.54 2.18
N TYR A 80 -3.63 1.80 1.07
CA TYR A 80 -2.43 1.07 0.67
C TYR A 80 -1.50 1.94 -0.17
N GLU A 81 -2.08 2.61 -1.17
CA GLU A 81 -1.32 3.49 -2.05
C GLU A 81 -0.58 4.56 -1.24
N ASP A 82 -1.12 4.89 -0.07
CA ASP A 82 -0.52 5.90 0.79
C ASP A 82 0.74 5.36 1.46
N LEU A 83 0.81 4.05 1.62
CA LEU A 83 1.95 3.40 2.25
C LEU A 83 3.18 3.50 1.36
N ILE A 84 2.97 3.41 0.05
CA ILE A 84 4.07 3.50 -0.91
C ILE A 84 4.62 4.93 -0.99
N ILE A 85 3.79 5.90 -0.64
CA ILE A 85 4.19 7.30 -0.67
C ILE A 85 5.49 7.51 0.11
N LYS A 86 5.46 7.20 1.40
CA LYS A 86 6.63 7.36 2.26
C LYS A 86 7.83 6.66 1.64
N SER A 87 7.66 5.41 1.25
CA SER A 87 8.74 4.63 0.66
C SER A 87 9.37 5.39 -0.51
N LEU A 88 8.57 6.16 -1.22
CA LEU A 88 9.04 6.94 -2.35
C LEU A 88 9.81 8.18 -1.88
N GLN A 89 9.25 8.86 -0.89
CA GLN A 89 9.88 10.07 -0.35
C GLN A 89 11.29 9.76 0.14
N LYS A 90 11.51 8.54 0.58
CA LYS A 90 12.82 8.12 1.07
C LYS A 90 13.71 7.65 -0.07
N ALA A 91 13.09 7.36 -1.21
CA ALA A 91 13.82 6.90 -2.39
C ALA A 91 14.17 8.07 -3.30
N GLY A 92 14.24 9.27 -2.74
CA GLY A 92 14.56 10.44 -3.53
C GLY A 92 13.47 10.79 -4.52
N ILE A 93 12.23 10.49 -4.17
CA ILE A 93 11.09 10.77 -5.05
C ILE A 93 10.17 11.82 -4.44
N ARG A 94 10.27 13.04 -4.95
CA ARG A 94 9.45 14.15 -4.46
C ARG A 94 7.97 13.81 -4.59
N VAL A 95 7.34 13.53 -3.45
CA VAL A 95 5.92 13.20 -3.42
C VAL A 95 5.11 14.30 -2.77
N GLU A 96 4.08 14.78 -3.49
CA GLU A 96 3.23 15.84 -2.98
C GLU A 96 1.98 15.26 -2.31
N LYS A 97 1.92 15.34 -0.99
CA LYS A 97 0.79 14.83 -0.23
C LYS A 97 0.35 15.83 0.84
N GLN A 98 -0.95 15.91 1.06
CA GLN A 98 -1.50 16.83 2.05
C GLN A 98 -2.56 16.14 2.89
N SER A 99 -2.45 16.28 4.21
CA SER A 99 -3.40 15.67 5.14
C SER A 99 -3.49 16.46 6.43
N LEU A 100 -4.70 16.79 6.85
CA LEU A 100 -4.93 17.54 8.07
C LEU A 100 -4.37 16.79 9.28
N VAL A 101 -3.60 17.49 10.10
CA VAL A 101 -3.00 16.89 11.29
C VAL A 101 -3.96 16.96 12.48
N PHE A 102 -3.78 16.05 13.42
CA PHE A 102 -4.64 16.01 14.61
C PHE A 102 -4.00 16.77 15.77
N SER A 1 -15.39 17.37 -3.65
CA SER A 1 -14.76 16.05 -3.71
C SER A 1 -13.70 16.01 -4.81
N SER A 2 -12.43 15.91 -4.40
CA SER A 2 -11.33 15.87 -5.35
C SER A 2 -10.05 15.38 -4.67
N LYS A 3 -8.99 15.24 -5.46
CA LYS A 3 -7.71 14.77 -4.93
C LYS A 3 -6.62 15.81 -5.21
N PRO A 4 -5.56 15.77 -4.39
CA PRO A 4 -4.42 16.69 -4.52
C PRO A 4 -3.59 16.42 -5.76
N LYS A 5 -2.79 17.40 -6.16
CA LYS A 5 -1.94 17.27 -7.34
C LYS A 5 -0.65 16.53 -7.01
N TYR A 6 -0.54 15.30 -7.47
CA TYR A 6 0.65 14.49 -7.22
C TYR A 6 1.50 14.36 -8.48
N ASN A 7 2.80 14.55 -8.32
CA ASN A 7 3.73 14.46 -9.45
C ASN A 7 3.54 13.14 -10.19
N PRO A 8 4.02 13.10 -11.44
CA PRO A 8 3.92 11.89 -12.28
C PRO A 8 4.83 10.77 -11.79
N GLU A 9 5.78 11.11 -10.92
CA GLU A 9 6.71 10.12 -10.38
C GLU A 9 6.08 9.36 -9.22
N VAL A 10 5.13 10.01 -8.54
CA VAL A 10 4.45 9.40 -7.41
C VAL A 10 3.37 8.42 -7.88
N GLU A 11 2.39 8.94 -8.60
CA GLU A 11 1.30 8.12 -9.11
C GLU A 11 1.83 6.90 -9.86
N ALA A 12 3.01 7.07 -10.47
CA ALA A 12 3.63 5.98 -11.22
C ALA A 12 3.77 4.73 -10.36
N LYS A 13 4.01 4.92 -9.07
CA LYS A 13 4.16 3.81 -8.14
C LYS A 13 2.81 3.34 -7.64
N LEU A 14 1.82 4.23 -7.65
CA LEU A 14 0.48 3.90 -7.21
C LEU A 14 -0.29 3.12 -8.28
N ASP A 15 0.05 3.38 -9.53
CA ASP A 15 -0.59 2.70 -10.65
C ASP A 15 -0.25 1.21 -10.66
N VAL A 16 1.03 0.89 -10.51
CA VAL A 16 1.48 -0.49 -10.51
C VAL A 16 0.95 -1.23 -9.28
N ALA A 17 0.77 -0.49 -8.19
CA ALA A 17 0.27 -1.07 -6.96
C ALA A 17 -1.24 -1.35 -7.04
N ARG A 18 -1.92 -0.56 -7.86
CA ARG A 18 -3.37 -0.71 -8.03
C ARG A 18 -3.69 -2.03 -8.72
N ARG A 19 -2.82 -2.46 -9.62
CA ARG A 19 -3.01 -3.72 -10.35
C ARG A 19 -2.73 -4.91 -9.45
N LEU A 20 -1.83 -4.73 -8.49
CA LEU A 20 -1.48 -5.80 -7.55
C LEU A 20 -2.60 -6.04 -6.54
N PHE A 21 -3.31 -4.97 -6.20
CA PHE A 21 -4.41 -5.07 -5.24
C PHE A 21 -5.47 -6.05 -5.73
N LYS A 22 -6.09 -5.73 -6.85
CA LYS A 22 -7.12 -6.58 -7.43
C LYS A 22 -6.58 -7.98 -7.71
N ARG A 23 -5.27 -8.06 -7.94
CA ARG A 23 -4.63 -9.35 -8.22
C ARG A 23 -4.94 -10.37 -7.12
N TYR A 24 -5.16 -9.87 -5.91
CA TYR A 24 -5.46 -10.73 -4.79
C TYR A 24 -6.92 -10.59 -4.37
N ASP A 25 -7.48 -9.41 -4.59
CA ASP A 25 -8.87 -9.14 -4.24
C ASP A 25 -9.82 -9.81 -5.23
N LYS A 26 -9.91 -11.13 -5.17
CA LYS A 26 -10.77 -11.89 -6.06
C LYS A 26 -12.23 -11.79 -5.60
N ASP A 27 -12.43 -11.54 -4.32
CA ASP A 27 -13.77 -11.41 -3.76
C ASP A 27 -14.44 -10.12 -4.23
N GLY A 28 -13.65 -9.25 -4.84
CA GLY A 28 -14.18 -7.98 -5.32
C GLY A 28 -14.73 -7.12 -4.21
N SER A 29 -14.31 -7.41 -2.98
CA SER A 29 -14.77 -6.65 -1.82
C SER A 29 -13.97 -5.36 -1.66
N GLY A 30 -12.77 -5.34 -2.24
CA GLY A 30 -11.93 -4.16 -2.15
C GLY A 30 -11.20 -4.07 -0.83
N GLN A 31 -11.04 -5.21 -0.15
CA GLN A 31 -10.35 -5.25 1.13
C GLN A 31 -9.47 -6.49 1.23
N LEU A 32 -8.37 -6.36 1.97
CA LEU A 32 -7.43 -7.47 2.15
C LEU A 32 -7.29 -7.83 3.62
N GLN A 33 -7.63 -9.08 3.95
CA GLN A 33 -7.55 -9.56 5.32
C GLN A 33 -6.14 -10.06 5.64
N ASP A 34 -5.94 -10.48 6.88
CA ASP A 34 -4.64 -10.98 7.32
C ASP A 34 -4.13 -12.07 6.37
N ASP A 35 -5.07 -12.80 5.77
CA ASP A 35 -4.72 -13.87 4.84
C ASP A 35 -4.32 -13.30 3.48
N GLU A 36 -5.18 -12.45 2.92
CA GLU A 36 -4.92 -11.85 1.63
C GLU A 36 -3.65 -11.02 1.66
N ILE A 37 -3.37 -10.40 2.80
CA ILE A 37 -2.18 -9.57 2.96
C ILE A 37 -0.92 -10.43 2.96
N ALA A 38 -1.00 -11.61 3.58
CA ALA A 38 0.13 -12.52 3.64
C ALA A 38 0.69 -12.80 2.26
N GLY A 39 -0.15 -13.31 1.37
CA GLY A 39 0.28 -13.61 0.02
C GLY A 39 0.56 -12.36 -0.79
N LEU A 40 -0.05 -11.25 -0.39
CA LEU A 40 0.14 -9.98 -1.09
C LEU A 40 1.57 -9.48 -0.91
N LEU A 41 2.00 -9.38 0.34
CA LEU A 41 3.35 -8.91 0.65
C LEU A 41 4.39 -9.69 -0.15
N LYS A 42 4.08 -10.95 -0.46
CA LYS A 42 4.99 -11.79 -1.22
C LYS A 42 5.28 -11.20 -2.59
N ASP A 43 4.23 -10.71 -3.24
CA ASP A 43 4.37 -10.11 -4.57
C ASP A 43 4.76 -8.64 -4.45
N THR A 44 4.18 -7.95 -3.48
CA THR A 44 4.45 -6.54 -3.26
C THR A 44 5.95 -6.28 -3.18
N TYR A 45 6.69 -7.28 -2.71
CA TYR A 45 8.14 -7.16 -2.57
C TYR A 45 8.84 -7.43 -3.90
N ALA A 46 8.47 -8.54 -4.53
CA ALA A 46 9.06 -8.92 -5.81
C ALA A 46 8.89 -7.81 -6.84
N GLU A 47 7.88 -6.98 -6.64
CA GLU A 47 7.60 -5.87 -7.56
C GLU A 47 8.84 -4.99 -7.73
N MET A 48 9.68 -4.95 -6.69
CA MET A 48 10.90 -4.14 -6.72
C MET A 48 12.13 -5.04 -6.76
N GLY A 49 11.93 -6.31 -7.11
CA GLY A 49 13.04 -7.24 -7.17
C GLY A 49 13.64 -7.52 -5.81
N MET A 50 12.82 -7.42 -4.77
CA MET A 50 13.29 -7.66 -3.41
C MET A 50 13.62 -9.13 -3.19
N SER A 51 14.13 -9.47 -2.01
CA SER A 51 14.48 -10.84 -1.69
C SER A 51 13.25 -11.74 -1.73
N ASN A 52 12.08 -11.14 -1.67
CA ASN A 52 10.82 -11.88 -1.71
C ASN A 52 10.70 -12.80 -0.49
N PHE A 53 10.80 -12.20 0.70
CA PHE A 53 10.70 -12.96 1.94
C PHE A 53 9.26 -13.38 2.21
N THR A 54 9.10 -14.48 2.94
CA THR A 54 7.77 -14.99 3.26
C THR A 54 7.45 -14.78 4.74
N PRO A 55 6.83 -13.63 5.05
CA PRO A 55 6.46 -13.28 6.43
C PRO A 55 5.32 -14.14 6.95
N THR A 56 5.38 -14.47 8.24
CA THR A 56 4.36 -15.30 8.87
C THR A 56 3.15 -14.46 9.27
N LYS A 57 2.17 -15.12 9.89
CA LYS A 57 0.96 -14.43 10.34
C LYS A 57 1.30 -13.27 11.27
N GLU A 58 2.40 -13.42 11.99
CA GLU A 58 2.84 -12.38 12.93
C GLU A 58 3.33 -11.14 12.18
N ASP A 59 4.24 -11.34 11.24
CA ASP A 59 4.79 -10.24 10.45
C ASP A 59 3.67 -9.45 9.78
N VAL A 60 2.69 -10.17 9.25
CA VAL A 60 1.56 -9.53 8.57
C VAL A 60 0.83 -8.58 9.52
N LYS A 61 0.63 -9.01 10.76
CA LYS A 61 -0.04 -8.19 11.75
C LYS A 61 0.59 -6.80 11.85
N ILE A 62 1.92 -6.77 11.96
CA ILE A 62 2.64 -5.51 12.05
C ILE A 62 2.42 -4.66 10.81
N TRP A 63 2.11 -5.30 9.70
CA TRP A 63 1.89 -4.61 8.44
C TRP A 63 0.46 -4.07 8.37
N LEU A 64 -0.43 -4.67 9.15
CA LEU A 64 -1.83 -4.25 9.17
C LEU A 64 -2.00 -2.98 10.03
N GLN A 65 -1.22 -2.89 11.09
CA GLN A 65 -1.28 -1.73 11.98
C GLN A 65 -0.85 -0.47 11.26
N MET A 66 0.07 -0.61 10.31
CA MET A 66 0.58 0.52 9.55
C MET A 66 -0.24 0.71 8.27
N ALA A 67 -0.76 -0.38 7.73
CA ALA A 67 -1.56 -0.33 6.51
C ALA A 67 -2.96 0.20 6.80
N ASP A 68 -3.62 -0.39 7.78
CA ASP A 68 -4.96 0.02 8.15
C ASP A 68 -5.03 1.54 8.35
N THR A 69 -6.01 2.17 7.71
CA THR A 69 -6.18 3.61 7.82
C THR A 69 -7.07 3.98 9.00
N ASN A 70 -8.21 3.31 9.10
CA ASN A 70 -9.14 3.57 10.19
C ASN A 70 -9.25 2.35 11.12
N SER A 71 -8.28 1.45 11.02
CA SER A 71 -8.27 0.25 11.84
C SER A 71 -9.60 -0.49 11.74
N ASP A 72 -9.97 -0.87 10.52
CA ASP A 72 -11.22 -1.59 10.30
C ASP A 72 -10.98 -3.10 10.25
N GLY A 73 -9.73 -3.49 10.12
CA GLY A 73 -9.39 -4.90 10.06
C GLY A 73 -9.06 -5.36 8.65
N SER A 74 -8.78 -4.40 7.76
CA SER A 74 -8.45 -4.72 6.38
C SER A 74 -7.60 -3.61 5.76
N VAL A 75 -7.26 -3.78 4.49
CA VAL A 75 -6.45 -2.80 3.77
C VAL A 75 -7.00 -2.53 2.38
N SER A 76 -7.71 -1.41 2.24
CA SER A 76 -8.30 -1.05 0.96
C SER A 76 -7.24 -0.50 0.00
N LEU A 77 -7.68 -0.03 -1.15
CA LEU A 77 -6.76 0.51 -2.16
C LEU A 77 -6.10 1.78 -1.64
N GLU A 78 -6.88 2.67 -1.06
CA GLU A 78 -6.36 3.92 -0.52
C GLU A 78 -5.52 3.67 0.72
N GLU A 79 -5.80 2.58 1.42
CA GLU A 79 -5.06 2.23 2.63
C GLU A 79 -3.75 1.53 2.29
N TYR A 80 -3.75 0.79 1.18
CA TYR A 80 -2.57 0.07 0.75
C TYR A 80 -1.66 0.97 -0.10
N GLU A 81 -2.28 1.85 -0.88
CA GLU A 81 -1.53 2.77 -1.73
C GLU A 81 -0.81 3.82 -0.90
N ASP A 82 -1.42 4.19 0.23
CA ASP A 82 -0.83 5.19 1.12
C ASP A 82 0.51 4.70 1.68
N LEU A 83 0.65 3.39 1.79
CA LEU A 83 1.88 2.80 2.31
C LEU A 83 3.06 3.09 1.39
N ILE A 84 2.80 3.10 0.08
CA ILE A 84 3.84 3.38 -0.90
C ILE A 84 4.18 4.86 -0.94
N ILE A 85 3.23 5.69 -0.53
CA ILE A 85 3.44 7.14 -0.51
C ILE A 85 4.64 7.51 0.37
N LYS A 86 4.68 6.93 1.57
CA LYS A 86 5.77 7.21 2.50
C LYS A 86 7.09 6.65 1.97
N SER A 87 7.03 5.45 1.39
CA SER A 87 8.22 4.80 0.85
C SER A 87 8.96 5.74 -0.09
N LEU A 88 8.22 6.36 -1.00
CA LEU A 88 8.82 7.28 -1.96
C LEU A 88 9.20 8.60 -1.30
N GLN A 89 8.46 8.97 -0.24
CA GLN A 89 8.73 10.20 0.48
C GLN A 89 10.12 10.17 1.13
N LYS A 90 10.44 9.04 1.76
CA LYS A 90 11.73 8.88 2.40
C LYS A 90 12.80 8.44 1.41
N ALA A 91 12.37 7.82 0.32
CA ALA A 91 13.29 7.36 -0.71
C ALA A 91 13.98 8.53 -1.39
N GLY A 92 13.36 9.71 -1.31
CA GLY A 92 13.95 10.88 -1.92
C GLY A 92 13.07 11.45 -3.02
N ILE A 93 11.76 11.32 -2.87
CA ILE A 93 10.82 11.82 -3.87
C ILE A 93 9.85 12.82 -3.25
N ARG A 94 10.12 14.11 -3.48
CA ARG A 94 9.27 15.17 -2.95
C ARG A 94 7.89 15.15 -3.62
N VAL A 95 6.88 14.73 -2.87
CA VAL A 95 5.52 14.67 -3.40
C VAL A 95 4.77 15.98 -3.14
N GLU A 96 3.84 16.31 -4.02
CA GLU A 96 3.07 17.53 -3.89
C GLU A 96 1.71 17.26 -3.25
N LYS A 97 1.56 17.69 -2.00
CA LYS A 97 0.32 17.49 -1.26
C LYS A 97 0.10 18.62 -0.26
N GLN A 98 -1.09 19.21 -0.30
CA GLN A 98 -1.44 20.30 0.60
C GLN A 98 -1.91 19.77 1.94
N SER A 99 -1.35 20.31 3.02
CA SER A 99 -1.71 19.88 4.37
C SER A 99 -1.87 21.09 5.29
N LEU A 100 -2.63 20.91 6.36
CA LEU A 100 -2.85 21.98 7.33
C LEU A 100 -1.96 21.81 8.55
N VAL A 101 -1.47 22.93 9.07
CA VAL A 101 -0.59 22.91 10.24
C VAL A 101 -1.19 23.73 11.38
N PHE A 102 -0.82 23.37 12.61
CA PHE A 102 -1.31 24.08 13.79
C PHE A 102 -0.73 25.49 13.87
N SER A 1 -15.23 16.70 -8.07
CA SER A 1 -14.17 16.19 -7.20
C SER A 1 -12.80 16.40 -7.83
N SER A 2 -11.76 16.16 -7.06
CA SER A 2 -10.38 16.33 -7.54
C SER A 2 -9.45 15.32 -6.89
N LYS A 3 -8.23 15.23 -7.41
CA LYS A 3 -7.23 14.31 -6.88
C LYS A 3 -6.19 15.04 -6.06
N PRO A 4 -5.46 14.30 -5.21
CA PRO A 4 -4.42 14.87 -4.35
C PRO A 4 -3.20 15.32 -5.14
N LYS A 5 -2.31 16.04 -4.47
CA LYS A 5 -1.08 16.53 -5.11
C LYS A 5 0.07 15.56 -4.90
N TYR A 6 0.52 14.93 -5.99
CA TYR A 6 1.62 13.99 -5.92
C TYR A 6 2.55 14.13 -7.12
N ASN A 7 3.85 14.17 -6.85
CA ASN A 7 4.84 14.31 -7.91
C ASN A 7 4.61 13.29 -9.02
N PRO A 8 5.19 13.54 -10.21
CA PRO A 8 5.06 12.66 -11.36
C PRO A 8 5.83 11.35 -11.17
N GLU A 9 6.76 11.35 -10.23
CA GLU A 9 7.57 10.17 -9.95
C GLU A 9 6.83 9.22 -9.02
N VAL A 10 5.85 9.75 -8.29
CA VAL A 10 5.07 8.94 -7.36
C VAL A 10 3.91 8.26 -8.07
N GLU A 11 3.13 9.05 -8.81
CA GLU A 11 1.98 8.52 -9.53
C GLU A 11 2.38 7.32 -10.38
N ALA A 12 3.62 7.34 -10.86
CA ALA A 12 4.13 6.25 -11.69
C ALA A 12 4.03 4.91 -10.97
N LYS A 13 4.36 4.92 -9.68
CA LYS A 13 4.32 3.71 -8.86
C LYS A 13 2.93 3.52 -8.26
N LEU A 14 2.25 4.63 -7.95
CA LEU A 14 0.92 4.58 -7.37
C LEU A 14 -0.08 3.97 -8.34
N ASP A 15 0.22 4.07 -9.63
CA ASP A 15 -0.66 3.53 -10.66
C ASP A 15 -0.67 2.00 -10.61
N VAL A 16 0.50 1.40 -10.77
CA VAL A 16 0.63 -0.05 -10.75
C VAL A 16 0.07 -0.63 -9.44
N ALA A 17 0.07 0.19 -8.40
CA ALA A 17 -0.44 -0.23 -7.10
C ALA A 17 -1.90 -0.64 -7.18
N ARG A 18 -2.71 0.21 -7.82
CA ARG A 18 -4.14 -0.07 -7.97
C ARG A 18 -4.36 -1.46 -8.55
N ARG A 19 -3.59 -1.80 -9.58
CA ARG A 19 -3.71 -3.11 -10.23
C ARG A 19 -3.32 -4.23 -9.27
N LEU A 20 -2.43 -3.92 -8.33
CA LEU A 20 -1.97 -4.89 -7.36
C LEU A 20 -3.02 -5.11 -6.27
N PHE A 21 -3.70 -4.03 -5.89
CA PHE A 21 -4.74 -4.12 -4.87
C PHE A 21 -5.87 -5.05 -5.29
N LYS A 22 -6.26 -4.95 -6.56
CA LYS A 22 -7.33 -5.78 -7.10
C LYS A 22 -6.81 -7.18 -7.42
N ARG A 23 -5.53 -7.27 -7.74
CA ARG A 23 -4.91 -8.55 -8.08
C ARG A 23 -5.18 -9.59 -6.99
N TYR A 24 -5.33 -9.11 -5.75
CA TYR A 24 -5.59 -9.99 -4.62
C TYR A 24 -7.03 -9.85 -4.14
N ASP A 25 -7.55 -8.63 -4.22
CA ASP A 25 -8.92 -8.35 -3.79
C ASP A 25 -9.92 -8.84 -4.83
N LYS A 26 -10.00 -10.16 -5.00
CA LYS A 26 -10.92 -10.76 -5.95
C LYS A 26 -12.36 -10.62 -5.48
N ASP A 27 -12.54 -10.53 -4.16
CA ASP A 27 -13.87 -10.39 -3.58
C ASP A 27 -14.45 -9.01 -3.87
N GLY A 28 -13.62 -8.12 -4.39
CA GLY A 28 -14.07 -6.78 -4.72
C GLY A 28 -14.65 -6.06 -3.51
N SER A 29 -14.27 -6.50 -2.32
CA SER A 29 -14.76 -5.90 -1.08
C SER A 29 -14.08 -4.56 -0.82
N GLY A 30 -12.90 -4.38 -1.42
CA GLY A 30 -12.16 -3.15 -1.23
C GLY A 30 -11.38 -3.12 0.07
N GLN A 31 -11.13 -4.31 0.63
CA GLN A 31 -10.39 -4.42 1.88
C GLN A 31 -9.48 -5.64 1.86
N LEU A 32 -8.29 -5.50 2.42
CA LEU A 32 -7.32 -6.59 2.47
C LEU A 32 -7.16 -7.10 3.90
N GLN A 33 -7.50 -8.38 4.10
CA GLN A 33 -7.39 -8.99 5.41
C GLN A 33 -5.98 -9.53 5.65
N ASP A 34 -5.73 -10.02 6.86
CA ASP A 34 -4.43 -10.56 7.22
C ASP A 34 -3.97 -11.59 6.19
N ASP A 35 -4.92 -12.28 5.57
CA ASP A 35 -4.60 -13.28 4.57
C ASP A 35 -4.34 -12.64 3.21
N GLU A 36 -5.27 -11.80 2.76
CA GLU A 36 -5.13 -11.12 1.49
C GLU A 36 -3.85 -10.28 1.45
N ILE A 37 -3.43 -9.82 2.62
CA ILE A 37 -2.22 -9.00 2.72
C ILE A 37 -0.96 -9.87 2.73
N ALA A 38 -1.09 -11.08 3.27
CA ALA A 38 0.03 -12.01 3.32
C ALA A 38 0.68 -12.18 1.96
N GLY A 39 -0.14 -12.34 0.93
CA GLY A 39 0.37 -12.50 -0.42
C GLY A 39 0.69 -11.18 -1.08
N LEU A 40 0.06 -10.11 -0.61
CA LEU A 40 0.28 -8.78 -1.16
C LEU A 40 1.75 -8.37 -1.05
N LEU A 41 2.32 -8.57 0.13
CA LEU A 41 3.72 -8.23 0.37
C LEU A 41 4.64 -9.03 -0.56
N LYS A 42 4.27 -10.27 -0.82
CA LYS A 42 5.06 -11.13 -1.70
C LYS A 42 5.33 -10.45 -3.03
N ASP A 43 4.28 -9.87 -3.62
CA ASP A 43 4.40 -9.17 -4.90
C ASP A 43 4.92 -7.76 -4.69
N THR A 44 4.33 -7.04 -3.74
CA THR A 44 4.74 -5.66 -3.45
C THR A 44 6.24 -5.57 -3.24
N TYR A 45 6.81 -6.60 -2.63
CA TYR A 45 8.24 -6.63 -2.36
C TYR A 45 9.03 -6.95 -3.63
N ALA A 46 8.68 -8.04 -4.27
CA ALA A 46 9.34 -8.46 -5.51
C ALA A 46 9.28 -7.37 -6.56
N GLU A 47 8.26 -6.52 -6.47
CA GLU A 47 8.08 -5.44 -7.42
C GLU A 47 9.31 -4.53 -7.45
N MET A 48 10.05 -4.51 -6.35
CA MET A 48 11.25 -3.69 -6.25
C MET A 48 12.51 -4.56 -6.23
N GLY A 49 12.38 -5.79 -6.73
CA GLY A 49 13.50 -6.70 -6.76
C GLY A 49 13.94 -7.12 -5.38
N MET A 50 13.06 -6.94 -4.40
CA MET A 50 13.36 -7.31 -3.02
C MET A 50 13.65 -8.81 -2.91
N SER A 51 14.03 -9.25 -1.72
CA SER A 51 14.35 -10.65 -1.48
C SER A 51 13.10 -11.51 -1.62
N ASN A 52 11.94 -10.88 -1.62
CA ASN A 52 10.67 -11.58 -1.75
C ASN A 52 10.45 -12.51 -0.56
N PHE A 53 10.74 -12.02 0.64
CA PHE A 53 10.58 -12.81 1.85
C PHE A 53 9.12 -13.17 2.06
N THR A 54 8.88 -14.29 2.75
CA THR A 54 7.53 -14.75 3.02
C THR A 54 7.17 -14.57 4.49
N PRO A 55 6.59 -13.41 4.82
CA PRO A 55 6.19 -13.09 6.20
C PRO A 55 5.00 -13.93 6.67
N THR A 56 4.83 -14.02 7.98
CA THR A 56 3.73 -14.78 8.55
C THR A 56 2.65 -13.87 9.13
N LYS A 57 1.64 -14.47 9.74
CA LYS A 57 0.54 -13.71 10.33
C LYS A 57 1.08 -12.66 11.32
N GLU A 58 2.25 -12.94 11.89
CA GLU A 58 2.86 -12.02 12.84
C GLU A 58 3.47 -10.82 12.13
N ASP A 59 4.12 -11.08 11.00
CA ASP A 59 4.75 -10.02 10.22
C ASP A 59 3.70 -9.20 9.47
N VAL A 60 2.56 -9.82 9.20
CA VAL A 60 1.47 -9.14 8.50
C VAL A 60 0.69 -8.23 9.43
N LYS A 61 0.59 -8.63 10.70
CA LYS A 61 -0.14 -7.85 11.69
C LYS A 61 0.56 -6.50 11.93
N ILE A 62 1.85 -6.44 11.62
CA ILE A 62 2.62 -5.22 11.80
C ILE A 62 2.52 -4.32 10.58
N TRP A 63 2.60 -4.94 9.39
CA TRP A 63 2.52 -4.19 8.14
C TRP A 63 1.11 -3.65 7.91
N LEU A 64 0.12 -4.39 8.41
CA LEU A 64 -1.28 -3.99 8.26
C LEU A 64 -1.55 -2.68 9.00
N GLN A 65 -0.95 -2.54 10.18
CA GLN A 65 -1.12 -1.33 10.98
C GLN A 65 -0.46 -0.12 10.31
N MET A 66 0.58 -0.39 9.54
CA MET A 66 1.30 0.67 8.84
C MET A 66 0.46 1.26 7.72
N ALA A 67 -0.36 0.41 7.09
CA ALA A 67 -1.22 0.85 6.00
C ALA A 67 -2.57 1.32 6.52
N ASP A 68 -3.18 0.52 7.38
CA ASP A 68 -4.48 0.85 7.95
C ASP A 68 -4.33 1.93 9.03
N THR A 69 -4.97 3.07 8.82
CA THR A 69 -4.91 4.17 9.77
C THR A 69 -6.00 4.04 10.84
N ASN A 70 -7.09 3.36 10.48
CA ASN A 70 -8.19 3.17 11.42
C ASN A 70 -7.92 1.98 12.33
N SER A 71 -6.92 1.18 11.98
CA SER A 71 -6.56 0.01 12.77
C SER A 71 -7.77 -0.89 12.98
N ASP A 72 -8.41 -1.26 11.87
CA ASP A 72 -9.59 -2.14 11.93
C ASP A 72 -9.25 -3.54 11.45
N GLY A 73 -8.12 -3.66 10.77
CA GLY A 73 -7.70 -4.96 10.26
C GLY A 73 -7.92 -5.09 8.76
N SER A 74 -8.06 -3.97 8.08
CA SER A 74 -8.29 -3.96 6.64
C SER A 74 -7.69 -2.71 6.00
N VAL A 75 -6.86 -2.91 4.99
CA VAL A 75 -6.22 -1.81 4.29
C VAL A 75 -7.00 -1.42 3.04
N SER A 76 -7.69 -0.28 3.10
CA SER A 76 -8.48 0.21 1.98
C SER A 76 -7.58 0.75 0.87
N LEU A 77 -8.20 1.19 -0.22
CA LEU A 77 -7.46 1.73 -1.35
C LEU A 77 -6.70 2.99 -0.95
N GLU A 78 -7.27 3.75 -0.03
CA GLU A 78 -6.65 4.98 0.45
C GLU A 78 -5.59 4.69 1.51
N GLU A 79 -5.89 3.74 2.39
CA GLU A 79 -4.97 3.36 3.45
C GLU A 79 -3.70 2.74 2.87
N TYR A 80 -3.85 2.04 1.75
CA TYR A 80 -2.72 1.39 1.10
C TYR A 80 -1.90 2.39 0.30
N GLU A 81 -2.58 3.38 -0.29
CA GLU A 81 -1.91 4.40 -1.08
C GLU A 81 -0.77 5.03 -0.30
N ASP A 82 -1.09 5.57 0.88
CA ASP A 82 -0.09 6.20 1.73
C ASP A 82 1.05 5.24 2.05
N LEU A 83 0.71 3.96 2.17
CA LEU A 83 1.69 2.93 2.48
C LEU A 83 2.88 3.00 1.53
N ILE A 84 2.58 3.15 0.24
CA ILE A 84 3.62 3.24 -0.78
C ILE A 84 4.35 4.58 -0.71
N ILE A 85 3.61 5.63 -0.37
CA ILE A 85 4.18 6.96 -0.26
C ILE A 85 5.40 6.96 0.65
N LYS A 86 5.29 6.30 1.79
CA LYS A 86 6.38 6.21 2.75
C LYS A 86 7.58 5.48 2.15
N SER A 87 7.31 4.36 1.48
CA SER A 87 8.36 3.57 0.87
C SER A 87 9.13 4.39 -0.17
N LEU A 88 8.41 4.91 -1.16
CA LEU A 88 9.01 5.72 -2.20
C LEU A 88 9.86 6.84 -1.62
N GLN A 89 9.34 7.45 -0.55
CA GLN A 89 10.06 8.55 0.11
C GLN A 89 11.46 8.11 0.53
N LYS A 90 11.56 6.91 1.06
CA LYS A 90 12.85 6.37 1.51
C LYS A 90 13.57 5.70 0.35
N ALA A 91 12.89 5.57 -0.79
CA ALA A 91 13.48 4.95 -1.97
C ALA A 91 14.08 6.00 -2.89
N GLY A 92 14.46 7.14 -2.34
CA GLY A 92 15.04 8.21 -3.13
C GLY A 92 14.07 8.74 -4.17
N ILE A 93 12.79 8.73 -3.85
CA ILE A 93 11.76 9.22 -4.76
C ILE A 93 10.99 10.38 -4.14
N ARG A 94 11.18 11.57 -4.69
CA ARG A 94 10.50 12.76 -4.19
C ARG A 94 8.99 12.58 -4.26
N VAL A 95 8.36 12.56 -3.09
CA VAL A 95 6.90 12.40 -3.01
C VAL A 95 6.29 13.41 -2.04
N GLU A 96 5.35 14.20 -2.55
CA GLU A 96 4.68 15.21 -1.74
C GLU A 96 3.27 14.76 -1.38
N LYS A 97 2.94 14.83 -0.09
CA LYS A 97 1.62 14.43 0.39
C LYS A 97 1.07 15.47 1.37
N GLN A 98 -0.21 15.78 1.21
CA GLN A 98 -0.86 16.76 2.09
C GLN A 98 -2.09 16.16 2.76
N SER A 99 -2.61 16.86 3.76
CA SER A 99 -3.79 16.39 4.49
C SER A 99 -4.75 17.54 4.77
N LEU A 100 -6.02 17.21 4.90
CA LEU A 100 -7.05 18.21 5.17
C LEU A 100 -7.21 18.45 6.68
N VAL A 101 -6.48 19.44 7.19
CA VAL A 101 -6.54 19.77 8.61
C VAL A 101 -7.12 21.16 8.82
N PHE A 102 -8.28 21.22 9.46
CA PHE A 102 -8.94 22.49 9.73
C PHE A 102 -8.02 23.43 10.51
N SER A 1 -15.89 15.42 -8.07
CA SER A 1 -15.04 15.34 -6.90
C SER A 1 -13.68 15.98 -7.17
N SER A 2 -13.09 16.56 -6.13
CA SER A 2 -11.78 17.22 -6.26
C SER A 2 -10.69 16.39 -5.60
N LYS A 3 -9.56 16.26 -6.28
CA LYS A 3 -8.43 15.50 -5.75
C LYS A 3 -7.18 16.36 -5.68
N PRO A 4 -6.25 15.99 -4.78
CA PRO A 4 -5.00 16.72 -4.59
C PRO A 4 -4.05 16.55 -5.77
N LYS A 5 -3.27 17.59 -6.06
CA LYS A 5 -2.31 17.56 -7.16
C LYS A 5 -1.10 16.71 -6.80
N TYR A 6 -0.97 15.56 -7.46
CA TYR A 6 0.15 14.66 -7.20
C TYR A 6 1.01 14.51 -8.45
N ASN A 7 2.32 14.63 -8.28
CA ASN A 7 3.25 14.50 -9.38
C ASN A 7 3.00 13.21 -10.16
N PRO A 8 3.51 13.16 -11.41
CA PRO A 8 3.36 11.99 -12.28
C PRO A 8 4.17 10.80 -11.80
N GLU A 9 5.10 11.06 -10.88
CA GLU A 9 5.94 10.00 -10.33
C GLU A 9 5.24 9.26 -9.20
N VAL A 10 4.32 9.96 -8.54
CA VAL A 10 3.57 9.37 -7.43
C VAL A 10 2.44 8.48 -7.94
N GLU A 11 1.49 9.09 -8.64
CA GLU A 11 0.36 8.36 -9.19
C GLU A 11 0.82 7.21 -10.08
N ALA A 12 2.02 7.36 -10.64
CA ALA A 12 2.58 6.33 -11.50
C ALA A 12 2.71 4.99 -10.76
N LYS A 13 3.12 5.06 -9.50
CA LYS A 13 3.29 3.87 -8.69
C LYS A 13 1.99 3.51 -7.98
N LEU A 14 1.15 4.51 -7.75
CA LEU A 14 -0.14 4.29 -7.08
C LEU A 14 -1.13 3.64 -8.03
N ASP A 15 -0.93 3.85 -9.33
CA ASP A 15 -1.82 3.27 -10.34
C ASP A 15 -1.53 1.78 -10.52
N VAL A 16 -0.26 1.45 -10.71
CA VAL A 16 0.15 0.06 -10.90
C VAL A 16 -0.18 -0.79 -9.68
N ALA A 17 -0.25 -0.14 -8.52
CA ALA A 17 -0.56 -0.83 -7.28
C ALA A 17 -1.96 -1.42 -7.30
N ARG A 18 -2.90 -0.68 -7.90
CA ARG A 18 -4.29 -1.13 -7.99
C ARG A 18 -4.36 -2.53 -8.59
N ARG A 19 -3.47 -2.81 -9.54
CA ARG A 19 -3.44 -4.11 -10.20
C ARG A 19 -3.01 -5.20 -9.22
N LEU A 20 -1.92 -4.94 -8.49
CA LEU A 20 -1.40 -5.90 -7.53
C LEU A 20 -2.42 -6.17 -6.42
N PHE A 21 -3.27 -5.17 -6.16
CA PHE A 21 -4.29 -5.30 -5.12
C PHE A 21 -5.36 -6.31 -5.55
N LYS A 22 -6.03 -6.01 -6.66
CA LYS A 22 -7.08 -6.89 -7.18
C LYS A 22 -6.52 -8.26 -7.54
N ARG A 23 -5.24 -8.28 -7.93
CA ARG A 23 -4.59 -9.52 -8.31
C ARG A 23 -4.75 -10.59 -7.23
N TYR A 24 -4.79 -10.15 -5.98
CA TYR A 24 -4.95 -11.05 -4.85
C TYR A 24 -6.39 -11.08 -4.37
N ASP A 25 -7.09 -9.97 -4.55
CA ASP A 25 -8.49 -9.87 -4.13
C ASP A 25 -9.38 -10.71 -5.04
N LYS A 26 -9.51 -11.98 -4.71
CA LYS A 26 -10.34 -12.90 -5.50
C LYS A 26 -11.80 -12.83 -5.04
N ASP A 27 -12.00 -12.45 -3.79
CA ASP A 27 -13.35 -12.35 -3.23
C ASP A 27 -14.09 -11.15 -3.83
N GLY A 28 -13.35 -10.30 -4.54
CA GLY A 28 -13.96 -9.13 -5.16
C GLY A 28 -14.64 -8.25 -4.14
N SER A 29 -14.22 -8.33 -2.89
CA SER A 29 -14.81 -7.53 -1.82
C SER A 29 -14.07 -6.20 -1.66
N GLY A 30 -12.83 -6.17 -2.13
CA GLY A 30 -12.04 -4.95 -2.04
C GLY A 30 -11.26 -4.87 -0.74
N GLN A 31 -11.07 -6.02 -0.09
CA GLN A 31 -10.34 -6.07 1.18
C GLN A 31 -9.32 -7.21 1.16
N LEU A 32 -8.09 -6.89 1.58
CA LEU A 32 -7.03 -7.89 1.61
C LEU A 32 -6.84 -8.42 3.03
N GLN A 33 -7.20 -9.68 3.24
CA GLN A 33 -7.06 -10.31 4.54
C GLN A 33 -5.62 -10.72 4.81
N ASP A 34 -5.36 -11.25 6.00
CA ASP A 34 -4.02 -11.67 6.38
C ASP A 34 -3.42 -12.60 5.32
N ASP A 35 -4.29 -13.34 4.64
CA ASP A 35 -3.85 -14.27 3.61
C ASP A 35 -3.43 -13.53 2.35
N GLU A 36 -4.30 -12.65 1.87
CA GLU A 36 -4.02 -11.87 0.67
C GLU A 36 -2.80 -10.97 0.88
N ILE A 37 -2.61 -10.54 2.12
CA ILE A 37 -1.48 -9.67 2.45
C ILE A 37 -0.18 -10.47 2.54
N ALA A 38 -0.26 -11.64 3.16
CA ALA A 38 0.92 -12.50 3.30
C ALA A 38 1.61 -12.73 1.95
N GLY A 39 0.82 -13.09 0.95
CA GLY A 39 1.36 -13.34 -0.37
C GLY A 39 1.65 -12.05 -1.12
N LEU A 40 0.97 -10.98 -0.74
CA LEU A 40 1.17 -9.68 -1.39
C LEU A 40 2.51 -9.08 -1.02
N LEU A 41 2.84 -9.12 0.28
CA LEU A 41 4.09 -8.58 0.76
C LEU A 41 5.27 -9.16 -0.01
N LYS A 42 5.12 -10.40 -0.48
CA LYS A 42 6.17 -11.06 -1.24
C LYS A 42 6.46 -10.32 -2.53
N ASP A 43 5.45 -10.20 -3.38
CA ASP A 43 5.59 -9.52 -4.66
C ASP A 43 5.82 -8.02 -4.44
N THR A 44 5.31 -7.50 -3.33
CA THR A 44 5.45 -6.09 -3.00
C THR A 44 6.91 -5.72 -2.77
N TYR A 45 7.56 -6.44 -1.86
CA TYR A 45 8.95 -6.19 -1.55
C TYR A 45 9.82 -6.28 -2.79
N ALA A 46 9.35 -7.05 -3.77
CA ALA A 46 10.09 -7.23 -5.03
C ALA A 46 9.97 -5.98 -5.91
N GLU A 47 8.87 -5.26 -5.74
CA GLU A 47 8.65 -4.05 -6.52
C GLU A 47 9.84 -3.09 -6.42
N MET A 48 10.53 -3.15 -5.29
CA MET A 48 11.69 -2.30 -5.07
C MET A 48 12.99 -3.09 -5.23
N GLY A 49 12.89 -4.41 -5.16
CA GLY A 49 14.06 -5.25 -5.30
C GLY A 49 14.64 -5.67 -3.96
N MET A 50 13.82 -5.60 -2.92
CA MET A 50 14.26 -5.98 -1.59
C MET A 50 14.53 -7.48 -1.50
N SER A 51 15.03 -7.92 -0.35
CA SER A 51 15.35 -9.33 -0.14
C SER A 51 14.10 -10.20 -0.31
N ASN A 52 12.93 -9.56 -0.19
CA ASN A 52 11.66 -10.27 -0.31
C ASN A 52 11.50 -11.31 0.79
N PHE A 53 11.52 -10.86 2.04
CA PHE A 53 11.37 -11.74 3.18
C PHE A 53 9.95 -12.30 3.27
N THR A 54 9.82 -13.49 3.86
CA THR A 54 8.52 -14.12 4.01
C THR A 54 8.06 -14.09 5.46
N PRO A 55 7.32 -13.04 5.83
CA PRO A 55 6.80 -12.87 7.19
C PRO A 55 5.70 -13.87 7.52
N THR A 56 5.15 -13.77 8.72
CA THR A 56 4.09 -14.67 9.16
C THR A 56 2.81 -13.90 9.47
N LYS A 57 1.77 -14.63 9.87
CA LYS A 57 0.48 -14.01 10.19
C LYS A 57 0.66 -12.92 11.25
N GLU A 58 1.70 -13.05 12.06
CA GLU A 58 1.97 -12.08 13.11
C GLU A 58 2.51 -10.77 12.51
N ASP A 59 3.65 -10.87 11.84
CA ASP A 59 4.28 -9.70 11.22
C ASP A 59 3.28 -8.95 10.34
N VAL A 60 2.45 -9.71 9.62
CA VAL A 60 1.45 -9.12 8.75
C VAL A 60 0.53 -8.19 9.51
N LYS A 61 0.11 -8.61 10.69
CA LYS A 61 -0.78 -7.81 11.53
C LYS A 61 -0.22 -6.41 11.73
N ILE A 62 1.09 -6.33 11.97
CA ILE A 62 1.75 -5.04 12.17
C ILE A 62 1.78 -4.23 10.88
N TRP A 63 1.75 -4.93 9.75
CA TRP A 63 1.78 -4.27 8.45
C TRP A 63 0.39 -3.82 8.03
N LEU A 64 -0.63 -4.49 8.56
CA LEU A 64 -2.02 -4.16 8.24
C LEU A 64 -2.46 -2.92 9.02
N GLN A 65 -2.21 -2.94 10.34
CA GLN A 65 -2.58 -1.81 11.19
C GLN A 65 -2.00 -0.51 10.67
N MET A 66 -0.87 -0.60 9.98
CA MET A 66 -0.21 0.57 9.43
C MET A 66 -0.98 1.11 8.22
N ALA A 67 -1.21 0.25 7.23
CA ALA A 67 -1.93 0.63 6.04
C ALA A 67 -3.38 0.96 6.35
N ASP A 68 -4.11 -0.02 6.88
CA ASP A 68 -5.51 0.18 7.22
C ASP A 68 -5.66 1.17 8.37
N THR A 69 -6.51 2.18 8.17
CA THR A 69 -6.74 3.19 9.19
C THR A 69 -7.83 2.77 10.17
N ASN A 70 -8.83 2.05 9.66
CA ASN A 70 -9.92 1.58 10.50
C ASN A 70 -9.49 0.41 11.36
N SER A 71 -8.32 -0.14 11.06
CA SER A 71 -7.78 -1.27 11.82
C SER A 71 -8.86 -2.33 12.03
N ASP A 72 -9.42 -2.82 10.93
CA ASP A 72 -10.47 -3.84 11.01
C ASP A 72 -9.98 -5.16 10.40
N GLY A 73 -8.67 -5.34 10.36
CA GLY A 73 -8.10 -6.54 9.81
C GLY A 73 -8.31 -6.65 8.31
N SER A 74 -8.45 -5.50 7.66
CA SER A 74 -8.67 -5.46 6.21
C SER A 74 -8.14 -4.16 5.62
N VAL A 75 -7.43 -4.26 4.50
CA VAL A 75 -6.87 -3.10 3.83
C VAL A 75 -7.57 -2.84 2.49
N SER A 76 -8.32 -1.75 2.42
CA SER A 76 -9.04 -1.39 1.21
C SER A 76 -8.08 -0.83 0.16
N LEU A 77 -8.63 -0.47 -0.99
CA LEU A 77 -7.84 0.08 -2.08
C LEU A 77 -7.05 1.30 -1.62
N GLU A 78 -7.78 2.33 -1.17
CA GLU A 78 -7.14 3.56 -0.69
C GLU A 78 -6.28 3.28 0.53
N GLU A 79 -6.75 2.40 1.41
CA GLU A 79 -6.03 2.06 2.62
C GLU A 79 -4.68 1.43 2.28
N TYR A 80 -4.61 0.78 1.11
CA TYR A 80 -3.39 0.14 0.67
C TYR A 80 -2.51 1.11 -0.12
N GLU A 81 -3.13 1.85 -1.02
CA GLU A 81 -2.41 2.82 -1.84
C GLU A 81 -1.73 3.87 -0.96
N ASP A 82 -2.38 4.23 0.14
CA ASP A 82 -1.84 5.23 1.06
C ASP A 82 -0.55 4.73 1.69
N LEU A 83 -0.40 3.42 1.77
CA LEU A 83 0.79 2.81 2.37
C LEU A 83 2.00 3.04 1.48
N ILE A 84 1.84 2.85 0.18
CA ILE A 84 2.93 3.04 -0.77
C ILE A 84 3.39 4.50 -0.79
N ILE A 85 2.50 5.40 -0.40
CA ILE A 85 2.82 6.82 -0.37
C ILE A 85 4.11 7.08 0.41
N LYS A 86 4.20 6.48 1.60
CA LYS A 86 5.38 6.65 2.44
C LYS A 86 6.59 5.95 1.83
N SER A 87 6.35 4.78 1.22
CA SER A 87 7.41 4.01 0.59
C SER A 87 8.20 4.87 -0.39
N LEU A 88 7.48 5.67 -1.17
CA LEU A 88 8.12 6.54 -2.16
C LEU A 88 8.66 7.81 -1.50
N GLN A 89 8.07 8.19 -0.38
CA GLN A 89 8.50 9.37 0.34
C GLN A 89 9.93 9.22 0.85
N LYS A 90 10.23 8.04 1.39
CA LYS A 90 11.57 7.75 1.91
C LYS A 90 12.49 7.26 0.80
N ALA A 91 11.89 6.71 -0.25
CA ALA A 91 12.67 6.19 -1.37
C ALA A 91 13.39 7.31 -2.11
N GLY A 92 12.90 8.54 -1.92
CA GLY A 92 13.52 9.69 -2.57
C GLY A 92 12.58 10.37 -3.55
N ILE A 93 11.29 10.16 -3.37
CA ILE A 93 10.28 10.77 -4.25
C ILE A 93 9.43 11.78 -3.49
N ARG A 94 9.73 13.07 -3.68
CA ARG A 94 9.00 14.13 -3.03
C ARG A 94 7.58 14.23 -3.57
N VAL A 95 6.63 13.63 -2.84
CA VAL A 95 5.23 13.65 -3.24
C VAL A 95 4.64 15.05 -3.13
N GLU A 96 4.01 15.51 -4.21
CA GLU A 96 3.40 16.83 -4.22
C GLU A 96 2.20 16.89 -3.28
N LYS A 97 2.36 17.58 -2.16
CA LYS A 97 1.30 17.72 -1.18
C LYS A 97 1.61 18.85 -0.19
N GLN A 98 0.60 19.67 0.09
CA GLN A 98 0.77 20.78 1.02
C GLN A 98 1.10 20.28 2.42
N SER A 99 2.08 20.91 3.05
CA SER A 99 2.50 20.52 4.39
C SER A 99 2.56 21.73 5.31
N LEU A 100 1.95 21.61 6.49
CA LEU A 100 1.93 22.70 7.46
C LEU A 100 2.33 22.20 8.85
N VAL A 101 2.41 23.12 9.80
CA VAL A 101 2.76 22.76 11.17
C VAL A 101 1.69 23.21 12.15
N PHE A 102 1.48 22.41 13.20
CA PHE A 102 0.48 22.72 14.21
C PHE A 102 0.84 23.99 14.97
N SER A 1 -14.16 14.91 -6.00
CA SER A 1 -13.36 14.70 -4.80
C SER A 1 -12.25 15.74 -4.68
N SER A 2 -11.46 15.64 -3.62
CA SER A 2 -10.36 16.58 -3.39
C SER A 2 -9.15 15.86 -2.80
N LYS A 3 -8.07 15.81 -3.58
CA LYS A 3 -6.85 15.15 -3.14
C LYS A 3 -5.68 16.14 -3.14
N PRO A 4 -4.65 15.81 -2.35
CA PRO A 4 -3.45 16.66 -2.23
C PRO A 4 -2.61 16.65 -3.50
N LYS A 5 -1.60 17.51 -3.55
CA LYS A 5 -0.71 17.60 -4.70
C LYS A 5 0.49 16.69 -4.53
N TYR A 6 0.50 15.58 -5.26
CA TYR A 6 1.60 14.63 -5.20
C TYR A 6 2.48 14.72 -6.44
N ASN A 7 3.78 14.46 -6.26
CA ASN A 7 4.72 14.51 -7.36
C ASN A 7 4.37 13.51 -8.45
N PRO A 8 4.90 13.72 -9.66
CA PRO A 8 4.64 12.84 -10.81
C PRO A 8 5.31 11.48 -10.65
N GLU A 9 6.41 11.44 -9.90
CA GLU A 9 7.13 10.20 -9.66
C GLU A 9 6.39 9.31 -8.67
N VAL A 10 5.47 9.91 -7.92
CA VAL A 10 4.70 9.17 -6.92
C VAL A 10 3.57 8.40 -7.59
N GLU A 11 2.67 9.12 -8.25
CA GLU A 11 1.53 8.50 -8.93
C GLU A 11 2.00 7.37 -9.84
N ALA A 12 3.22 7.51 -10.38
CA ALA A 12 3.78 6.49 -11.26
C ALA A 12 3.90 5.15 -10.55
N LYS A 13 4.25 5.20 -9.27
CA LYS A 13 4.40 3.98 -8.48
C LYS A 13 3.07 3.57 -7.86
N LEU A 14 2.18 4.53 -7.68
CA LEU A 14 0.87 4.26 -7.09
C LEU A 14 -0.06 3.60 -8.11
N ASP A 15 0.01 4.07 -9.35
CA ASP A 15 -0.83 3.53 -10.42
C ASP A 15 -0.57 2.03 -10.60
N VAL A 16 0.70 1.64 -10.56
CA VAL A 16 1.07 0.24 -10.71
C VAL A 16 0.68 -0.56 -9.48
N ALA A 17 0.57 0.11 -8.34
CA ALA A 17 0.20 -0.55 -7.10
C ALA A 17 -1.29 -0.86 -7.06
N ARG A 18 -2.07 -0.12 -7.84
CA ARG A 18 -3.52 -0.32 -7.90
C ARG A 18 -3.85 -1.68 -8.51
N ARG A 19 -3.26 -1.96 -9.67
CA ARG A 19 -3.49 -3.23 -10.36
C ARG A 19 -3.20 -4.41 -9.44
N LEU A 20 -2.32 -4.19 -8.47
CA LEU A 20 -1.95 -5.24 -7.53
C LEU A 20 -3.01 -5.40 -6.44
N PHE A 21 -3.61 -4.29 -6.05
CA PHE A 21 -4.65 -4.31 -5.02
C PHE A 21 -5.83 -5.17 -5.45
N LYS A 22 -6.46 -4.79 -6.56
CA LYS A 22 -7.61 -5.53 -7.09
C LYS A 22 -7.22 -6.96 -7.42
N ARG A 23 -5.97 -7.15 -7.84
CA ARG A 23 -5.47 -8.48 -8.20
C ARG A 23 -5.67 -9.46 -7.04
N TYR A 24 -5.70 -8.93 -5.82
CA TYR A 24 -5.87 -9.76 -4.63
C TYR A 24 -7.26 -9.55 -4.03
N ASP A 25 -7.84 -8.37 -4.27
CA ASP A 25 -9.16 -8.06 -3.75
C ASP A 25 -10.25 -8.72 -4.58
N LYS A 26 -10.21 -10.05 -4.65
CA LYS A 26 -11.19 -10.81 -5.42
C LYS A 26 -12.56 -10.74 -4.76
N ASP A 27 -12.57 -10.54 -3.45
CA ASP A 27 -13.82 -10.47 -2.69
C ASP A 27 -14.58 -9.18 -3.01
N GLY A 28 -13.90 -8.27 -3.72
CA GLY A 28 -14.52 -7.00 -4.07
C GLY A 28 -14.99 -6.23 -2.86
N SER A 29 -14.38 -6.50 -1.72
CA SER A 29 -14.74 -5.81 -0.48
C SER A 29 -14.03 -4.48 -0.37
N GLY A 30 -12.93 -4.34 -1.09
CA GLY A 30 -12.17 -3.10 -1.07
C GLY A 30 -11.22 -3.02 0.11
N GLN A 31 -10.88 -4.18 0.67
CA GLN A 31 -9.98 -4.24 1.81
C GLN A 31 -9.21 -5.55 1.82
N LEU A 32 -7.89 -5.44 2.00
CA LEU A 32 -7.02 -6.62 2.03
C LEU A 32 -6.86 -7.15 3.46
N GLN A 33 -7.58 -8.21 3.77
CA GLN A 33 -7.52 -8.82 5.10
C GLN A 33 -6.13 -9.40 5.36
N ASP A 34 -5.90 -9.82 6.60
CA ASP A 34 -4.62 -10.40 6.98
C ASP A 34 -4.23 -11.53 6.03
N ASP A 35 -5.24 -12.21 5.48
CA ASP A 35 -5.00 -13.31 4.55
C ASP A 35 -4.58 -12.77 3.18
N GLU A 36 -5.37 -11.85 2.64
CA GLU A 36 -5.07 -11.27 1.33
C GLU A 36 -3.71 -10.58 1.34
N ILE A 37 -3.27 -10.14 2.51
CA ILE A 37 -1.99 -9.48 2.64
C ILE A 37 -0.84 -10.47 2.60
N ALA A 38 -1.06 -11.65 3.19
CA ALA A 38 -0.05 -12.69 3.23
C ALA A 38 0.49 -12.98 1.83
N GLY A 39 -0.41 -13.08 0.86
CA GLY A 39 0.00 -13.35 -0.51
C GLY A 39 0.42 -12.09 -1.25
N LEU A 40 -0.10 -10.94 -0.81
CA LEU A 40 0.23 -9.67 -1.43
C LEU A 40 1.73 -9.40 -1.37
N LEU A 41 2.28 -9.41 -0.16
CA LEU A 41 3.71 -9.18 0.03
C LEU A 41 4.54 -10.10 -0.86
N LYS A 42 4.02 -11.30 -1.11
CA LYS A 42 4.71 -12.27 -1.95
C LYS A 42 5.00 -11.69 -3.34
N ASP A 43 4.00 -11.02 -3.90
CA ASP A 43 4.14 -10.40 -5.23
C ASP A 43 4.78 -9.02 -5.12
N THR A 44 4.30 -8.22 -4.17
CA THR A 44 4.82 -6.88 -3.97
C THR A 44 6.33 -6.90 -3.81
N TYR A 45 6.84 -7.93 -3.14
CA TYR A 45 8.28 -8.06 -2.92
C TYR A 45 9.02 -8.31 -4.23
N ALA A 46 8.61 -9.36 -4.94
CA ALA A 46 9.23 -9.70 -6.22
C ALA A 46 9.21 -8.52 -7.17
N GLU A 47 8.22 -7.64 -7.00
CA GLU A 47 8.09 -6.47 -7.86
C GLU A 47 9.28 -5.54 -7.70
N MET A 48 9.84 -5.50 -6.49
CA MET A 48 10.99 -4.65 -6.22
C MET A 48 12.29 -5.46 -6.26
N GLY A 49 12.23 -6.62 -6.90
CA GLY A 49 13.40 -7.47 -7.00
C GLY A 49 13.83 -8.03 -5.65
N MET A 50 12.93 -7.99 -4.68
CA MET A 50 13.22 -8.49 -3.34
C MET A 50 13.46 -10.00 -3.37
N SER A 51 13.87 -10.55 -2.23
CA SER A 51 14.14 -11.98 -2.13
C SER A 51 12.85 -12.78 -2.13
N ASN A 52 11.72 -12.07 -2.04
CA ASN A 52 10.42 -12.72 -2.04
C ASN A 52 10.25 -13.62 -0.82
N PHE A 53 10.59 -13.08 0.35
CA PHE A 53 10.48 -13.83 1.60
C PHE A 53 9.04 -14.21 1.88
N THR A 54 8.84 -15.31 2.61
CA THR A 54 7.50 -15.77 2.95
C THR A 54 7.21 -15.55 4.43
N PRO A 55 6.62 -14.39 4.74
CA PRO A 55 6.27 -14.03 6.11
C PRO A 55 5.12 -14.87 6.66
N THR A 56 4.68 -14.55 7.87
CA THR A 56 3.58 -15.28 8.51
C THR A 56 2.52 -14.31 9.02
N LYS A 57 1.50 -14.86 9.69
CA LYS A 57 0.42 -14.05 10.23
C LYS A 57 0.96 -12.96 11.14
N GLU A 58 2.13 -13.20 11.72
CA GLU A 58 2.76 -12.24 12.62
C GLU A 58 3.32 -11.05 11.83
N ASP A 59 4.27 -11.34 10.95
CA ASP A 59 4.89 -10.31 10.13
C ASP A 59 3.82 -9.47 9.43
N VAL A 60 2.87 -10.13 8.80
CA VAL A 60 1.80 -9.45 8.08
C VAL A 60 1.12 -8.42 8.97
N LYS A 61 0.98 -8.75 10.25
CA LYS A 61 0.35 -7.85 11.21
C LYS A 61 1.09 -6.52 11.28
N ILE A 62 2.39 -6.60 11.53
CA ILE A 62 3.22 -5.39 11.62
C ILE A 62 3.10 -4.55 10.37
N TRP A 63 3.03 -5.20 9.21
CA TRP A 63 2.90 -4.50 7.94
C TRP A 63 1.49 -3.96 7.76
N LEU A 64 0.52 -4.59 8.41
CA LEU A 64 -0.87 -4.17 8.32
C LEU A 64 -1.11 -2.90 9.12
N GLN A 65 -0.69 -2.91 10.38
CA GLN A 65 -0.85 -1.76 11.26
C GLN A 65 -0.29 -0.49 10.60
N MET A 66 0.90 -0.61 10.04
CA MET A 66 1.55 0.52 9.38
C MET A 66 0.67 1.08 8.27
N ALA A 67 -0.19 0.23 7.71
CA ALA A 67 -1.09 0.65 6.64
C ALA A 67 -2.42 1.14 7.19
N ASP A 68 -3.18 0.23 7.78
CA ASP A 68 -4.48 0.57 8.35
C ASP A 68 -4.33 1.59 9.48
N THR A 69 -5.09 2.68 9.40
CA THR A 69 -5.03 3.73 10.40
C THR A 69 -5.92 3.40 11.60
N ASN A 70 -6.96 2.62 11.35
CA ASN A 70 -7.89 2.23 12.41
C ASN A 70 -7.46 0.91 13.04
N SER A 71 -6.53 0.22 12.40
CA SER A 71 -6.04 -1.06 12.89
C SER A 71 -7.17 -2.06 13.03
N ASP A 72 -7.85 -2.32 11.92
CA ASP A 72 -8.97 -3.27 11.92
C ASP A 72 -8.67 -4.46 11.01
N GLY A 73 -7.38 -4.71 10.78
CA GLY A 73 -6.98 -5.82 9.92
C GLY A 73 -7.44 -5.64 8.49
N SER A 74 -7.51 -4.39 8.05
CA SER A 74 -7.94 -4.09 6.69
C SER A 74 -7.20 -2.87 6.14
N VAL A 75 -6.64 -3.01 4.95
CA VAL A 75 -5.90 -1.93 4.31
C VAL A 75 -6.60 -1.45 3.04
N SER A 76 -7.30 -0.32 3.14
CA SER A 76 -8.01 0.24 2.01
C SER A 76 -7.05 0.73 0.94
N LEU A 77 -7.59 1.20 -0.18
CA LEU A 77 -6.77 1.70 -1.28
C LEU A 77 -5.97 2.92 -0.84
N GLU A 78 -6.51 3.68 0.10
CA GLU A 78 -5.85 4.88 0.61
C GLU A 78 -4.80 4.51 1.65
N GLU A 79 -5.05 3.42 2.37
CA GLU A 79 -4.13 2.95 3.41
C GLU A 79 -3.00 2.11 2.80
N TYR A 80 -3.26 1.56 1.62
CA TYR A 80 -2.27 0.72 0.94
C TYR A 80 -1.30 1.58 0.14
N GLU A 81 -1.79 2.68 -0.42
CA GLU A 81 -0.97 3.59 -1.20
C GLU A 81 0.05 4.29 -0.32
N ASP A 82 -0.39 4.72 0.86
CA ASP A 82 0.48 5.41 1.80
C ASP A 82 1.72 4.57 2.11
N LEU A 83 1.57 3.25 2.05
CA LEU A 83 2.66 2.34 2.33
C LEU A 83 3.80 2.53 1.33
N ILE A 84 3.43 2.71 0.07
CA ILE A 84 4.42 2.91 -0.99
C ILE A 84 5.17 4.22 -0.80
N ILE A 85 4.43 5.28 -0.49
CA ILE A 85 5.03 6.59 -0.29
C ILE A 85 6.04 6.56 0.85
N LYS A 86 5.74 5.78 1.88
CA LYS A 86 6.62 5.65 3.04
C LYS A 86 8.02 5.19 2.61
N SER A 87 8.06 4.25 1.69
CA SER A 87 9.33 3.72 1.20
C SER A 87 9.89 4.61 0.08
N LEU A 88 9.00 5.14 -0.74
CA LEU A 88 9.40 6.00 -1.86
C LEU A 88 10.31 7.13 -1.37
N GLN A 89 10.02 7.65 -0.18
CA GLN A 89 10.80 8.73 0.40
C GLN A 89 12.29 8.38 0.39
N LYS A 90 12.61 7.16 0.82
CA LYS A 90 13.98 6.70 0.87
C LYS A 90 14.40 6.10 -0.48
N ALA A 91 13.42 5.67 -1.25
CA ALA A 91 13.69 5.08 -2.56
C ALA A 91 14.30 6.10 -3.51
N GLY A 92 14.06 7.38 -3.23
CA GLY A 92 14.60 8.43 -4.07
C GLY A 92 13.50 9.25 -4.73
N ILE A 93 12.34 9.30 -4.10
CA ILE A 93 11.21 10.05 -4.63
C ILE A 93 10.69 11.06 -3.62
N ARG A 94 10.41 12.27 -4.09
CA ARG A 94 9.90 13.34 -3.23
C ARG A 94 8.39 13.51 -3.40
N VAL A 95 7.65 13.23 -2.34
CA VAL A 95 6.19 13.36 -2.37
C VAL A 95 5.70 14.32 -1.30
N GLU A 96 4.82 15.25 -1.69
CA GLU A 96 4.27 16.22 -0.76
C GLU A 96 2.77 16.00 -0.57
N LYS A 97 2.34 16.07 0.69
CA LYS A 97 0.93 15.87 1.02
C LYS A 97 0.42 17.02 1.90
N GLN A 98 -0.76 17.53 1.56
CA GLN A 98 -1.36 18.62 2.31
C GLN A 98 -2.86 18.71 2.05
N SER A 99 -3.64 18.78 3.12
CA SER A 99 -5.09 18.87 3.00
C SER A 99 -5.57 20.30 3.17
N LEU A 100 -6.73 20.60 2.60
CA LEU A 100 -7.30 21.94 2.69
C LEU A 100 -8.66 21.91 3.37
N VAL A 101 -8.69 22.26 4.66
CA VAL A 101 -9.93 22.27 5.42
C VAL A 101 -10.44 23.69 5.62
N PHE A 102 -11.72 23.90 5.34
CA PHE A 102 -12.33 25.22 5.48
C PHE A 102 -13.13 25.31 6.78
N SER A 1 -15.62 20.30 -4.98
CA SER A 1 -14.98 19.06 -5.44
C SER A 1 -13.55 19.32 -5.86
N SER A 2 -12.62 19.23 -4.90
CA SER A 2 -11.21 19.45 -5.17
C SER A 2 -10.38 18.26 -4.72
N LYS A 3 -9.46 17.83 -5.59
CA LYS A 3 -8.60 16.69 -5.28
C LYS A 3 -7.15 17.14 -5.13
N PRO A 4 -6.35 16.31 -4.46
CA PRO A 4 -4.93 16.59 -4.23
C PRO A 4 -4.10 16.52 -5.50
N LYS A 5 -3.08 17.35 -5.59
CA LYS A 5 -2.21 17.38 -6.76
C LYS A 5 -0.92 16.61 -6.50
N TYR A 6 -0.78 15.45 -7.14
CA TYR A 6 0.41 14.63 -6.97
C TYR A 6 1.26 14.64 -8.23
N ASN A 7 2.57 14.78 -8.06
CA ASN A 7 3.50 14.80 -9.18
C ASN A 7 3.31 13.57 -10.07
N PRO A 8 3.79 13.66 -11.31
CA PRO A 8 3.70 12.56 -12.28
C PRO A 8 4.59 11.39 -11.91
N GLU A 9 5.60 11.65 -11.08
CA GLU A 9 6.53 10.62 -10.66
C GLU A 9 5.95 9.80 -9.51
N VAL A 10 4.97 10.37 -8.82
CA VAL A 10 4.32 9.70 -7.70
C VAL A 10 3.27 8.71 -8.19
N GLU A 11 2.27 9.21 -8.90
CA GLU A 11 1.20 8.37 -9.43
C GLU A 11 1.78 7.18 -10.20
N ALA A 12 2.95 7.38 -10.80
CA ALA A 12 3.60 6.32 -11.57
C ALA A 12 3.80 5.08 -10.71
N LYS A 13 3.99 5.28 -9.42
CA LYS A 13 4.19 4.17 -8.49
C LYS A 13 2.85 3.65 -7.96
N LEU A 14 1.85 4.52 -7.95
CA LEU A 14 0.53 4.15 -7.47
C LEU A 14 -0.21 3.30 -8.50
N ASP A 15 -0.10 3.70 -9.77
CA ASP A 15 -0.75 2.97 -10.85
C ASP A 15 -0.36 1.51 -10.85
N VAL A 16 0.95 1.26 -10.83
CA VAL A 16 1.47 -0.10 -10.82
C VAL A 16 0.99 -0.87 -9.60
N ALA A 17 0.69 -0.14 -8.54
CA ALA A 17 0.21 -0.76 -7.30
C ALA A 17 -1.20 -1.33 -7.48
N ARG A 18 -2.00 -0.65 -8.28
CA ARG A 18 -3.38 -1.09 -8.53
C ARG A 18 -3.39 -2.52 -9.08
N ARG A 19 -2.51 -2.79 -10.03
CA ARG A 19 -2.43 -4.11 -10.64
C ARG A 19 -2.07 -5.16 -9.60
N LEU A 20 -1.20 -4.80 -8.67
CA LEU A 20 -0.77 -5.72 -7.62
C LEU A 20 -1.86 -5.88 -6.56
N PHE A 21 -2.67 -4.84 -6.38
CA PHE A 21 -3.75 -4.87 -5.41
C PHE A 21 -4.83 -5.87 -5.83
N LYS A 22 -5.35 -5.69 -7.04
CA LYS A 22 -6.39 -6.57 -7.56
C LYS A 22 -5.84 -7.98 -7.79
N ARG A 23 -4.55 -8.07 -8.07
CA ARG A 23 -3.90 -9.36 -8.30
C ARG A 23 -4.20 -10.32 -7.16
N TYR A 24 -4.18 -9.82 -5.94
CA TYR A 24 -4.44 -10.64 -4.77
C TYR A 24 -5.90 -10.53 -4.33
N ASP A 25 -6.47 -9.34 -4.49
CA ASP A 25 -7.86 -9.10 -4.12
C ASP A 25 -8.80 -9.59 -5.21
N LYS A 26 -8.70 -10.88 -5.54
CA LYS A 26 -9.56 -11.48 -6.56
C LYS A 26 -11.02 -11.43 -6.15
N ASP A 27 -11.26 -11.39 -4.84
CA ASP A 27 -12.62 -11.35 -4.32
C ASP A 27 -13.26 -9.99 -4.59
N GLY A 28 -12.45 -9.03 -5.04
CA GLY A 28 -12.95 -7.70 -5.33
C GLY A 28 -13.65 -7.08 -4.14
N SER A 29 -13.21 -7.45 -2.93
CA SER A 29 -13.80 -6.91 -1.72
C SER A 29 -13.43 -5.44 -1.53
N GLY A 30 -12.34 -5.03 -2.16
CA GLY A 30 -11.90 -3.65 -2.06
C GLY A 30 -10.77 -3.48 -1.06
N GLN A 31 -10.59 -4.48 -0.21
CA GLN A 31 -9.54 -4.43 0.81
C GLN A 31 -8.89 -5.80 0.99
N LEU A 32 -7.65 -5.80 1.46
CA LEU A 32 -6.92 -7.04 1.68
C LEU A 32 -6.98 -7.48 3.14
N GLN A 33 -7.72 -8.56 3.40
CA GLN A 33 -7.87 -9.06 4.76
C GLN A 33 -6.52 -9.49 5.33
N ASP A 34 -6.52 -9.94 6.57
CA ASP A 34 -5.31 -10.38 7.24
C ASP A 34 -4.63 -11.50 6.45
N ASP A 35 -5.42 -12.25 5.69
CA ASP A 35 -4.91 -13.34 4.89
C ASP A 35 -4.34 -12.84 3.57
N GLU A 36 -5.15 -12.08 2.83
CA GLU A 36 -4.73 -11.53 1.54
C GLU A 36 -3.39 -10.79 1.69
N ILE A 37 -3.31 -9.91 2.68
CA ILE A 37 -2.10 -9.14 2.92
C ILE A 37 -0.88 -10.06 2.99
N ALA A 38 -1.04 -11.22 3.61
CA ALA A 38 0.04 -12.18 3.74
C ALA A 38 0.70 -12.46 2.40
N GLY A 39 -0.13 -12.59 1.35
CA GLY A 39 0.40 -12.86 0.03
C GLY A 39 0.87 -11.59 -0.68
N LEU A 40 0.21 -10.48 -0.37
CA LEU A 40 0.57 -9.20 -0.98
C LEU A 40 2.03 -8.85 -0.72
N LEU A 41 2.41 -8.85 0.55
CA LEU A 41 3.79 -8.54 0.94
C LEU A 41 4.77 -9.39 0.15
N LYS A 42 4.37 -10.60 -0.18
CA LYS A 42 5.23 -11.51 -0.94
C LYS A 42 5.70 -10.87 -2.23
N ASP A 43 4.74 -10.46 -3.07
CA ASP A 43 5.08 -9.82 -4.35
C ASP A 43 5.54 -8.39 -4.12
N THR A 44 4.85 -7.67 -3.23
CA THR A 44 5.20 -6.29 -2.94
C THR A 44 6.67 -6.15 -2.58
N TYR A 45 7.22 -7.19 -1.95
CA TYR A 45 8.62 -7.19 -1.55
C TYR A 45 9.53 -7.49 -2.73
N ALA A 46 9.31 -8.65 -3.36
CA ALA A 46 10.10 -9.05 -4.51
C ALA A 46 10.07 -8.00 -5.60
N GLU A 47 9.01 -7.21 -5.63
CA GLU A 47 8.85 -6.16 -6.63
C GLU A 47 10.04 -5.18 -6.58
N MET A 48 10.64 -5.06 -5.40
CA MET A 48 11.77 -4.16 -5.21
C MET A 48 13.07 -4.94 -5.14
N GLY A 49 13.06 -6.16 -5.69
CA GLY A 49 14.25 -6.99 -5.68
C GLY A 49 14.64 -7.43 -4.28
N MET A 50 13.66 -7.43 -3.38
CA MET A 50 13.91 -7.84 -1.99
C MET A 50 14.03 -9.35 -1.88
N SER A 51 14.45 -9.83 -0.72
CA SER A 51 14.60 -11.26 -0.48
C SER A 51 13.25 -11.97 -0.55
N ASN A 52 12.17 -11.20 -0.44
CA ASN A 52 10.82 -11.75 -0.49
C ASN A 52 10.58 -12.69 0.68
N PHE A 53 10.76 -12.18 1.90
CA PHE A 53 10.56 -12.97 3.11
C PHE A 53 9.09 -13.32 3.28
N THR A 54 8.83 -14.45 3.96
CA THR A 54 7.47 -14.90 4.19
C THR A 54 7.08 -14.73 5.66
N PRO A 55 6.51 -13.57 5.98
CA PRO A 55 6.08 -13.26 7.36
C PRO A 55 4.88 -14.08 7.79
N THR A 56 4.48 -13.94 9.05
CA THR A 56 3.35 -14.67 9.59
C THR A 56 2.23 -13.73 10.00
N LYS A 57 1.17 -14.28 10.58
CA LYS A 57 0.03 -13.49 11.02
C LYS A 57 0.49 -12.33 11.90
N GLU A 58 1.58 -12.54 12.62
CA GLU A 58 2.12 -11.50 13.50
C GLU A 58 2.69 -10.34 12.69
N ASP A 59 3.70 -10.64 11.88
CA ASP A 59 4.34 -9.62 11.06
C ASP A 59 3.30 -8.85 10.24
N VAL A 60 2.38 -9.59 9.64
CA VAL A 60 1.32 -8.98 8.83
C VAL A 60 0.50 -7.99 9.65
N LYS A 61 0.42 -8.24 10.95
CA LYS A 61 -0.34 -7.38 11.85
C LYS A 61 0.31 -6.00 11.97
N ILE A 62 1.64 -5.99 12.02
CA ILE A 62 2.38 -4.75 12.13
C ILE A 62 2.30 -3.94 10.84
N TRP A 63 2.21 -4.65 9.71
CA TRP A 63 2.12 -4.01 8.41
C TRP A 63 0.69 -3.60 8.09
N LEU A 64 -0.27 -4.33 8.66
CA LEU A 64 -1.68 -4.04 8.44
C LEU A 64 -2.17 -2.95 9.38
N GLN A 65 -1.68 -2.99 10.61
CA GLN A 65 -2.06 -2.00 11.62
C GLN A 65 -1.67 -0.59 11.18
N MET A 66 -0.58 -0.50 10.42
CA MET A 66 -0.09 0.78 9.94
C MET A 66 -0.69 1.11 8.58
N ALA A 67 -0.79 0.10 7.72
CA ALA A 67 -1.35 0.28 6.38
C ALA A 67 -2.82 0.66 6.45
N ASP A 68 -3.48 0.28 7.54
CA ASP A 68 -4.90 0.57 7.72
C ASP A 68 -5.09 1.75 8.67
N THR A 69 -5.86 2.74 8.23
CA THR A 69 -6.11 3.92 9.03
C THR A 69 -7.26 3.69 10.02
N ASN A 70 -8.13 2.75 9.67
CA ASN A 70 -9.27 2.43 10.53
C ASN A 70 -8.98 1.21 11.40
N SER A 71 -7.89 0.51 11.07
CA SER A 71 -7.50 -0.68 11.82
C SER A 71 -8.63 -1.70 11.84
N ASP A 72 -9.31 -1.84 10.71
CA ASP A 72 -10.42 -2.79 10.60
C ASP A 72 -9.96 -4.08 9.94
N GLY A 73 -8.65 -4.31 9.95
CA GLY A 73 -8.10 -5.51 9.35
C GLY A 73 -8.34 -5.57 7.85
N SER A 74 -8.36 -4.39 7.21
CA SER A 74 -8.59 -4.32 5.78
C SER A 74 -7.85 -3.11 5.18
N VAL A 75 -7.17 -3.34 4.06
CA VAL A 75 -6.42 -2.27 3.40
C VAL A 75 -7.10 -1.87 2.10
N SER A 76 -7.88 -0.79 2.16
CA SER A 76 -8.60 -0.29 0.98
C SER A 76 -7.62 0.26 -0.05
N LEU A 77 -8.09 0.41 -1.28
CA LEU A 77 -7.27 0.94 -2.36
C LEU A 77 -6.64 2.27 -1.97
N GLU A 78 -7.35 3.03 -1.15
CA GLU A 78 -6.86 4.33 -0.70
C GLU A 78 -5.88 4.17 0.46
N GLU A 79 -6.05 3.10 1.23
CA GLU A 79 -5.18 2.84 2.38
C GLU A 79 -3.85 2.25 1.92
N TYR A 80 -3.91 1.33 0.97
CA TYR A 80 -2.70 0.70 0.44
C TYR A 80 -1.82 1.71 -0.28
N GLU A 81 -2.41 2.44 -1.22
CA GLU A 81 -1.68 3.44 -1.98
C GLU A 81 -0.94 4.40 -1.05
N ASP A 82 -1.65 4.90 -0.05
CA ASP A 82 -1.06 5.83 0.92
C ASP A 82 0.23 5.26 1.50
N LEU A 83 0.26 3.95 1.69
CA LEU A 83 1.43 3.28 2.24
C LEU A 83 2.65 3.48 1.34
N ILE A 84 2.45 3.32 0.04
CA ILE A 84 3.53 3.49 -0.91
C ILE A 84 4.03 4.93 -0.94
N ILE A 85 3.12 5.86 -0.62
CA ILE A 85 3.47 7.29 -0.60
C ILE A 85 4.53 7.58 0.46
N LYS A 86 4.25 7.16 1.69
CA LYS A 86 5.18 7.37 2.80
C LYS A 86 6.55 6.78 2.49
N SER A 87 6.56 5.71 1.70
CA SER A 87 7.81 5.05 1.33
C SER A 87 8.47 5.76 0.14
N LEU A 88 7.64 6.36 -0.71
CA LEU A 88 8.13 7.07 -1.88
C LEU A 88 8.93 8.31 -1.47
N GLN A 89 8.40 9.04 -0.49
CA GLN A 89 9.06 10.25 -0.01
C GLN A 89 10.52 9.98 0.34
N LYS A 90 10.77 8.79 0.88
CA LYS A 90 12.13 8.40 1.27
C LYS A 90 12.87 7.79 0.09
N ALA A 91 12.12 7.23 -0.86
CA ALA A 91 12.72 6.63 -2.04
C ALA A 91 13.43 7.68 -2.90
N GLY A 92 13.01 8.93 -2.75
CA GLY A 92 13.62 10.01 -3.52
C GLY A 92 12.66 10.59 -4.55
N ILE A 93 11.36 10.46 -4.28
CA ILE A 93 10.34 10.98 -5.19
C ILE A 93 9.52 12.07 -4.52
N ARG A 94 9.72 13.31 -4.95
CA ARG A 94 9.00 14.44 -4.39
C ARG A 94 7.51 14.33 -4.70
N VAL A 95 6.70 14.25 -3.64
CA VAL A 95 5.25 14.14 -3.79
C VAL A 95 4.53 15.29 -3.09
N GLU A 96 3.74 16.03 -3.85
CA GLU A 96 2.99 17.16 -3.30
C GLU A 96 1.77 16.69 -2.53
N LYS A 97 1.83 16.80 -1.20
CA LYS A 97 0.72 16.37 -0.35
C LYS A 97 0.60 17.28 0.87
N GLN A 98 -0.63 17.56 1.28
CA GLN A 98 -0.88 18.42 2.43
C GLN A 98 -1.62 17.65 3.52
N SER A 99 -1.29 17.95 4.77
CA SER A 99 -1.92 17.29 5.91
C SER A 99 -2.16 18.28 7.05
N LEU A 100 -2.95 17.86 8.03
CA LEU A 100 -3.25 18.71 9.18
C LEU A 100 -2.35 18.38 10.35
N VAL A 101 -1.15 18.94 10.35
CA VAL A 101 -0.19 18.71 11.43
C VAL A 101 -0.80 19.03 12.80
N PHE A 102 -0.56 18.16 13.76
CA PHE A 102 -1.08 18.34 15.11
C PHE A 102 -0.71 19.73 15.65
N SER A 1 -14.50 19.60 -8.86
CA SER A 1 -14.14 18.89 -7.63
C SER A 1 -12.78 19.37 -7.12
N SER A 2 -12.63 19.37 -5.80
CA SER A 2 -11.38 19.79 -5.18
C SER A 2 -10.48 18.60 -4.88
N LYS A 3 -9.95 17.99 -5.93
CA LYS A 3 -9.07 16.83 -5.79
C LYS A 3 -7.64 17.27 -5.54
N PRO A 4 -6.84 16.39 -4.91
CA PRO A 4 -5.44 16.67 -4.61
C PRO A 4 -4.57 16.69 -5.86
N LYS A 5 -3.35 17.21 -5.73
CA LYS A 5 -2.42 17.28 -6.84
C LYS A 5 -1.12 16.55 -6.51
N TYR A 6 -0.95 15.35 -7.08
CA TYR A 6 0.25 14.56 -6.84
C TYR A 6 1.20 14.65 -8.03
N ASN A 7 2.49 14.62 -7.75
CA ASN A 7 3.51 14.69 -8.79
C ASN A 7 3.41 13.49 -9.73
N PRO A 8 3.98 13.63 -10.93
CA PRO A 8 3.98 12.57 -11.94
C PRO A 8 4.86 11.39 -11.54
N GLU A 9 5.75 11.61 -10.59
CA GLU A 9 6.66 10.57 -10.12
C GLU A 9 5.97 9.69 -9.07
N VAL A 10 4.94 10.23 -8.44
CA VAL A 10 4.20 9.50 -7.42
C VAL A 10 3.23 8.51 -8.05
N GLU A 11 2.29 9.03 -8.83
CA GLU A 11 1.29 8.19 -9.50
C GLU A 11 1.97 7.06 -10.27
N ALA A 12 3.19 7.32 -10.74
CA ALA A 12 3.94 6.33 -11.50
C ALA A 12 4.16 5.06 -10.68
N LYS A 13 4.47 5.24 -9.40
CA LYS A 13 4.70 4.12 -8.50
C LYS A 13 3.40 3.65 -7.87
N LEU A 14 2.44 4.55 -7.75
CA LEU A 14 1.15 4.22 -7.17
C LEU A 14 0.30 3.40 -8.14
N ASP A 15 0.56 3.56 -9.42
CA ASP A 15 -0.17 2.84 -10.45
C ASP A 15 0.12 1.35 -10.37
N VAL A 16 1.40 0.99 -10.41
CA VAL A 16 1.81 -0.41 -10.35
C VAL A 16 1.27 -1.08 -9.10
N ALA A 17 1.00 -0.28 -8.07
CA ALA A 17 0.46 -0.80 -6.82
C ALA A 17 -1.04 -1.02 -6.91
N ARG A 18 -1.73 -0.08 -7.56
CA ARG A 18 -3.18 -0.17 -7.71
C ARG A 18 -3.59 -1.49 -8.34
N ARG A 19 -2.72 -2.02 -9.19
CA ARG A 19 -2.98 -3.29 -9.86
C ARG A 19 -2.57 -4.47 -8.98
N LEU A 20 -1.43 -4.33 -8.31
CA LEU A 20 -0.93 -5.39 -7.44
C LEU A 20 -1.84 -5.58 -6.24
N PHE A 21 -2.54 -4.52 -5.86
CA PHE A 21 -3.45 -4.56 -4.72
C PHE A 21 -4.71 -5.35 -5.06
N LYS A 22 -5.32 -5.02 -6.19
CA LYS A 22 -6.53 -5.69 -6.65
C LYS A 22 -6.21 -7.07 -7.20
N ARG A 23 -4.99 -7.24 -7.69
CA ARG A 23 -4.56 -8.51 -8.24
C ARG A 23 -4.70 -9.64 -7.22
N TYR A 24 -4.68 -9.27 -5.94
CA TYR A 24 -4.81 -10.25 -4.87
C TYR A 24 -6.15 -10.10 -4.15
N ASP A 25 -6.75 -8.92 -4.28
CA ASP A 25 -8.03 -8.64 -3.65
C ASP A 25 -9.17 -9.30 -4.43
N LYS A 26 -9.14 -10.62 -4.53
CA LYS A 26 -10.17 -11.36 -5.25
C LYS A 26 -11.45 -11.45 -4.42
N ASP A 27 -11.34 -11.18 -3.12
CA ASP A 27 -12.49 -11.22 -2.23
C ASP A 27 -13.45 -10.07 -2.51
N GLY A 28 -13.00 -9.12 -3.33
CA GLY A 28 -13.82 -7.98 -3.67
C GLY A 28 -14.22 -7.16 -2.45
N SER A 29 -13.46 -7.32 -1.37
CA SER A 29 -13.74 -6.61 -0.13
C SER A 29 -13.24 -5.17 -0.21
N GLY A 30 -12.29 -4.93 -1.10
CA GLY A 30 -11.73 -3.60 -1.27
C GLY A 30 -10.53 -3.35 -0.36
N GLN A 31 -10.36 -4.22 0.64
CA GLN A 31 -9.25 -4.09 1.58
C GLN A 31 -8.40 -5.35 1.58
N LEU A 32 -7.24 -5.28 2.24
CA LEU A 32 -6.34 -6.42 2.32
C LEU A 32 -6.25 -6.95 3.75
N GLN A 33 -6.96 -8.05 4.01
CA GLN A 33 -6.96 -8.65 5.33
C GLN A 33 -5.64 -9.36 5.61
N ASP A 34 -5.47 -9.82 6.84
CA ASP A 34 -4.25 -10.52 7.24
C ASP A 34 -3.98 -11.71 6.31
N ASP A 35 -5.04 -12.25 5.73
CA ASP A 35 -4.92 -13.39 4.83
C ASP A 35 -4.55 -12.92 3.42
N GLU A 36 -5.23 -11.89 2.94
CA GLU A 36 -4.97 -11.35 1.61
C GLU A 36 -3.57 -10.79 1.52
N ILE A 37 -3.16 -10.02 2.54
CA ILE A 37 -1.84 -9.43 2.57
C ILE A 37 -0.75 -10.47 2.34
N ALA A 38 -1.02 -11.70 2.78
CA ALA A 38 -0.07 -12.79 2.62
C ALA A 38 0.41 -12.89 1.18
N GLY A 39 -0.52 -12.74 0.24
CA GLY A 39 -0.17 -12.82 -1.17
C GLY A 39 0.40 -11.53 -1.70
N LEU A 40 0.09 -10.42 -1.03
CA LEU A 40 0.57 -9.11 -1.44
C LEU A 40 2.08 -8.99 -1.19
N LEU A 41 2.47 -9.14 0.06
CA LEU A 41 3.88 -9.05 0.43
C LEU A 41 4.74 -9.97 -0.44
N LYS A 42 4.17 -11.10 -0.85
CA LYS A 42 4.87 -12.05 -1.69
C LYS A 42 5.46 -11.37 -2.92
N ASP A 43 4.60 -10.72 -3.70
CA ASP A 43 5.04 -10.02 -4.90
C ASP A 43 5.65 -8.67 -4.56
N THR A 44 5.03 -7.97 -3.61
CA THR A 44 5.53 -6.66 -3.19
C THR A 44 7.00 -6.72 -2.82
N TYR A 45 7.44 -7.87 -2.33
CA TYR A 45 8.83 -8.06 -1.94
C TYR A 45 9.72 -8.27 -3.17
N ALA A 46 9.34 -9.23 -4.01
CA ALA A 46 10.08 -9.53 -5.22
C ALA A 46 10.27 -8.28 -6.08
N GLU A 47 9.36 -7.33 -5.93
CA GLU A 47 9.42 -6.09 -6.69
C GLU A 47 10.78 -5.41 -6.51
N MET A 48 11.37 -5.58 -5.34
CA MET A 48 12.67 -4.98 -5.04
C MET A 48 13.76 -6.05 -5.05
N GLY A 49 13.49 -7.16 -5.71
CA GLY A 49 14.47 -8.24 -5.78
C GLY A 49 14.71 -8.88 -4.43
N MET A 50 13.81 -8.65 -3.49
CA MET A 50 13.93 -9.21 -2.15
C MET A 50 14.02 -10.73 -2.21
N SER A 51 14.40 -11.34 -1.09
CA SER A 51 14.52 -12.79 -1.01
C SER A 51 13.17 -13.47 -1.18
N ASN A 52 12.10 -12.68 -1.06
CA ASN A 52 10.75 -13.20 -1.20
C ASN A 52 10.44 -14.20 -0.09
N PHE A 53 10.54 -13.75 1.15
CA PHE A 53 10.27 -14.60 2.30
C PHE A 53 8.77 -14.86 2.45
N THR A 54 8.42 -16.00 3.04
CA THR A 54 7.03 -16.36 3.25
C THR A 54 6.64 -16.24 4.72
N PRO A 55 6.14 -15.06 5.12
CA PRO A 55 5.72 -14.79 6.49
C PRO A 55 4.46 -15.54 6.87
N THR A 56 3.95 -15.28 8.07
CA THR A 56 2.74 -15.93 8.55
C THR A 56 1.71 -14.92 9.05
N LYS A 57 0.61 -15.41 9.58
CA LYS A 57 -0.44 -14.55 10.11
C LYS A 57 0.12 -13.57 11.13
N GLU A 58 1.21 -13.96 11.78
CA GLU A 58 1.84 -13.12 12.79
C GLU A 58 2.56 -11.94 12.15
N ASP A 59 3.55 -12.25 11.32
CA ASP A 59 4.31 -11.21 10.63
C ASP A 59 3.39 -10.24 9.91
N VAL A 60 2.44 -10.78 9.15
CA VAL A 60 1.49 -9.97 8.40
C VAL A 60 0.83 -8.94 9.31
N LYS A 61 0.45 -9.36 10.51
CA LYS A 61 -0.19 -8.47 11.47
C LYS A 61 0.61 -7.20 11.66
N ILE A 62 1.92 -7.36 11.86
CA ILE A 62 2.81 -6.23 12.05
C ILE A 62 2.83 -5.32 10.84
N TRP A 63 2.53 -5.90 9.67
CA TRP A 63 2.50 -5.14 8.43
C TRP A 63 1.17 -4.44 8.24
N LEU A 64 0.11 -5.05 8.77
CA LEU A 64 -1.23 -4.48 8.66
C LEU A 64 -1.43 -3.34 9.66
N GLN A 65 -1.03 -3.57 10.90
CA GLN A 65 -1.15 -2.57 11.95
C GLN A 65 -0.53 -1.25 11.51
N MET A 66 0.50 -1.33 10.67
CA MET A 66 1.18 -0.14 10.19
C MET A 66 0.54 0.35 8.89
N ALA A 67 -0.07 -0.57 8.15
CA ALA A 67 -0.72 -0.23 6.89
C ALA A 67 -2.21 0.01 7.08
N ASP A 68 -2.60 0.32 8.32
CA ASP A 68 -4.00 0.57 8.64
C ASP A 68 -4.15 1.85 9.44
N THR A 69 -4.76 2.87 8.82
CA THR A 69 -4.97 4.15 9.49
C THR A 69 -6.22 4.12 10.36
N ASN A 70 -7.28 3.51 9.84
CA ASN A 70 -8.54 3.42 10.58
C ASN A 70 -8.47 2.34 11.65
N SER A 71 -7.43 1.51 11.58
CA SER A 71 -7.24 0.43 12.54
C SER A 71 -8.48 -0.46 12.60
N ASP A 72 -9.13 -0.64 11.46
CA ASP A 72 -10.33 -1.47 11.39
C ASP A 72 -9.97 -2.94 11.17
N GLY A 73 -8.72 -3.18 10.75
CA GLY A 73 -8.27 -4.54 10.51
C GLY A 73 -8.29 -4.90 9.04
N SER A 74 -8.29 -3.89 8.18
CA SER A 74 -8.31 -4.11 6.74
C SER A 74 -7.67 -2.94 6.00
N VAL A 75 -6.70 -3.24 5.14
CA VAL A 75 -6.01 -2.22 4.37
C VAL A 75 -6.75 -1.91 3.08
N SER A 76 -7.56 -0.85 3.11
CA SER A 76 -8.32 -0.44 1.94
C SER A 76 -7.40 0.05 0.82
N LEU A 77 -7.95 0.15 -0.38
CA LEU A 77 -7.18 0.62 -1.53
C LEU A 77 -6.51 1.96 -1.24
N GLU A 78 -7.21 2.81 -0.49
CA GLU A 78 -6.68 4.12 -0.13
C GLU A 78 -5.63 4.00 0.98
N GLU A 79 -5.73 2.94 1.76
CA GLU A 79 -4.79 2.71 2.85
C GLU A 79 -3.48 2.13 2.34
N TYR A 80 -3.57 1.04 1.59
CA TYR A 80 -2.39 0.39 1.04
C TYR A 80 -1.52 1.40 0.29
N GLU A 81 -2.14 2.16 -0.60
CA GLU A 81 -1.42 3.16 -1.39
C GLU A 81 -0.59 4.07 -0.48
N ASP A 82 -1.22 4.56 0.58
CA ASP A 82 -0.54 5.45 1.53
C ASP A 82 0.76 4.81 2.03
N LEU A 83 0.76 3.49 2.13
CA LEU A 83 1.95 2.77 2.60
C LEU A 83 3.11 2.98 1.65
N ILE A 84 2.83 3.00 0.35
CA ILE A 84 3.86 3.19 -0.66
C ILE A 84 4.33 4.65 -0.70
N ILE A 85 3.47 5.54 -0.24
CA ILE A 85 3.79 6.96 -0.22
C ILE A 85 5.02 7.23 0.63
N LYS A 86 4.98 6.80 1.89
CA LYS A 86 6.10 7.00 2.80
C LYS A 86 7.38 6.39 2.24
N SER A 87 7.24 5.25 1.57
CA SER A 87 8.39 4.56 0.98
C SER A 87 8.97 5.38 -0.18
N LEU A 88 8.12 6.17 -0.83
CA LEU A 88 8.55 7.00 -1.94
C LEU A 88 9.24 8.27 -1.44
N GLN A 89 8.91 8.69 -0.22
CA GLN A 89 9.49 9.87 0.37
C GLN A 89 11.00 9.74 0.48
N LYS A 90 11.45 8.59 0.97
CA LYS A 90 12.88 8.33 1.13
C LYS A 90 13.48 7.79 -0.17
N ALA A 91 12.63 7.26 -1.04
CA ALA A 91 13.08 6.71 -2.32
C ALA A 91 13.66 7.80 -3.21
N GLY A 92 13.26 9.04 -2.94
CA GLY A 92 13.75 10.16 -3.73
C GLY A 92 12.68 10.74 -4.64
N ILE A 93 11.44 10.70 -4.19
CA ILE A 93 10.32 11.22 -4.97
C ILE A 93 9.54 12.27 -4.17
N ARG A 94 9.28 13.42 -4.80
CA ARG A 94 8.55 14.49 -4.14
C ARG A 94 7.06 14.35 -4.41
N VAL A 95 6.25 14.51 -3.35
CA VAL A 95 4.80 14.40 -3.47
C VAL A 95 4.11 15.48 -2.64
N GLU A 96 3.00 15.99 -3.15
CA GLU A 96 2.24 17.02 -2.46
C GLU A 96 0.77 16.64 -2.36
N LYS A 97 0.20 16.78 -1.17
CA LYS A 97 -1.21 16.45 -0.94
C LYS A 97 -1.97 17.67 -0.44
N GLN A 98 -3.23 17.76 -0.82
CA GLN A 98 -4.09 18.88 -0.41
C GLN A 98 -4.92 18.50 0.80
N SER A 99 -4.43 18.85 1.99
CA SER A 99 -5.13 18.55 3.23
C SER A 99 -5.02 19.72 4.21
N LEU A 100 -5.76 19.62 5.31
CA LEU A 100 -5.76 20.67 6.33
C LEU A 100 -4.65 20.42 7.35
N VAL A 101 -4.00 21.50 7.78
CA VAL A 101 -2.92 21.40 8.75
C VAL A 101 -3.40 21.80 10.14
N PHE A 102 -2.72 21.31 11.17
CA PHE A 102 -3.07 21.61 12.56
C PHE A 102 -2.39 22.89 13.02
N SER A 1 -16.01 16.60 -4.01
CA SER A 1 -15.22 17.43 -3.11
C SER A 1 -13.80 17.62 -3.64
N SER A 2 -13.01 18.41 -2.93
CA SER A 2 -11.63 18.68 -3.33
C SER A 2 -10.74 17.47 -3.06
N LYS A 3 -9.70 17.32 -3.86
CA LYS A 3 -8.77 16.21 -3.71
C LYS A 3 -7.32 16.70 -3.69
N PRO A 4 -6.43 15.89 -3.09
CA PRO A 4 -5.01 16.23 -2.98
C PRO A 4 -4.30 16.16 -4.33
N LYS A 5 -3.35 17.06 -4.54
CA LYS A 5 -2.59 17.11 -5.78
C LYS A 5 -1.26 16.37 -5.64
N TYR A 6 -1.21 15.15 -6.17
CA TYR A 6 0.00 14.35 -6.10
C TYR A 6 0.81 14.45 -7.40
N ASN A 7 2.10 14.68 -7.25
CA ASN A 7 2.99 14.80 -8.41
C ASN A 7 2.82 13.61 -9.36
N PRO A 8 3.24 13.79 -10.61
CA PRO A 8 3.16 12.74 -11.63
C PRO A 8 4.12 11.58 -11.37
N GLU A 9 5.11 11.83 -10.51
CA GLU A 9 6.09 10.80 -10.17
C GLU A 9 5.55 9.88 -9.08
N VAL A 10 4.62 10.39 -8.29
CA VAL A 10 4.02 9.60 -7.21
C VAL A 10 2.98 8.62 -7.76
N GLU A 11 1.91 9.16 -8.34
CA GLU A 11 0.85 8.33 -8.89
C GLU A 11 1.42 7.28 -9.84
N ALA A 12 2.53 7.62 -10.49
CA ALA A 12 3.17 6.70 -11.43
C ALA A 12 3.47 5.36 -10.77
N LYS A 13 3.76 5.40 -9.47
CA LYS A 13 4.06 4.18 -8.72
C LYS A 13 2.78 3.54 -8.17
N LEU A 14 1.76 4.38 -7.97
CA LEU A 14 0.48 3.90 -7.45
C LEU A 14 -0.32 3.21 -8.54
N ASP A 15 -0.12 3.64 -9.78
CA ASP A 15 -0.84 3.06 -10.92
C ASP A 15 -0.43 1.61 -11.12
N VAL A 16 0.82 1.29 -10.81
CA VAL A 16 1.33 -0.07 -10.96
C VAL A 16 1.02 -0.91 -9.73
N ALA A 17 0.82 -0.24 -8.60
CA ALA A 17 0.52 -0.93 -7.36
C ALA A 17 -0.95 -1.26 -7.26
N ARG A 18 -1.80 -0.38 -7.78
CA ARG A 18 -3.24 -0.58 -7.74
C ARG A 18 -3.62 -1.89 -8.43
N ARG A 19 -2.76 -2.35 -9.34
CA ARG A 19 -3.02 -3.58 -10.07
C ARG A 19 -2.57 -4.80 -9.25
N LEU A 20 -1.66 -4.57 -8.31
CA LEU A 20 -1.16 -5.64 -7.46
C LEU A 20 -2.11 -5.90 -6.29
N PHE A 21 -2.89 -4.89 -5.94
CA PHE A 21 -3.83 -5.00 -4.83
C PHE A 21 -4.93 -6.01 -5.16
N LYS A 22 -5.62 -5.78 -6.28
CA LYS A 22 -6.69 -6.67 -6.72
C LYS A 22 -6.13 -7.99 -7.24
N ARG A 23 -4.88 -7.95 -7.68
CA ARG A 23 -4.22 -9.15 -8.20
C ARG A 23 -4.33 -10.31 -7.22
N TYR A 24 -4.39 -9.98 -5.93
CA TYR A 24 -4.49 -10.99 -4.89
C TYR A 24 -5.86 -10.94 -4.22
N ASP A 25 -6.54 -9.80 -4.34
CA ASP A 25 -7.87 -9.64 -3.76
C ASP A 25 -8.93 -10.37 -4.57
N LYS A 26 -8.88 -11.70 -4.53
CA LYS A 26 -9.83 -12.53 -5.27
C LYS A 26 -11.12 -12.73 -4.46
N ASP A 27 -11.16 -12.13 -3.27
CA ASP A 27 -12.33 -12.24 -2.40
C ASP A 27 -13.51 -11.46 -2.98
N GLY A 28 -13.23 -10.65 -4.00
CA GLY A 28 -14.27 -9.85 -4.62
C GLY A 28 -14.88 -8.84 -3.66
N SER A 29 -14.16 -8.55 -2.59
CA SER A 29 -14.63 -7.60 -1.60
C SER A 29 -13.86 -6.28 -1.69
N GLY A 30 -12.67 -6.35 -2.28
CA GLY A 30 -11.86 -5.15 -2.42
C GLY A 30 -11.13 -4.79 -1.14
N GLN A 31 -10.95 -5.77 -0.27
CA GLN A 31 -10.26 -5.54 1.00
C GLN A 31 -9.16 -6.58 1.21
N LEU A 32 -7.98 -6.10 1.60
CA LEU A 32 -6.84 -6.99 1.84
C LEU A 32 -6.80 -7.44 3.29
N GLN A 33 -7.19 -8.69 3.54
CA GLN A 33 -7.19 -9.24 4.88
C GLN A 33 -5.83 -9.86 5.22
N ASP A 34 -5.70 -10.34 6.45
CA ASP A 34 -4.45 -10.95 6.90
C ASP A 34 -4.00 -12.03 5.92
N ASP A 35 -4.96 -12.67 5.27
CA ASP A 35 -4.66 -13.72 4.31
C ASP A 35 -4.25 -13.13 2.96
N GLU A 36 -5.10 -12.28 2.41
CA GLU A 36 -4.82 -11.64 1.12
C GLU A 36 -3.47 -10.94 1.14
N ILE A 37 -3.21 -10.19 2.21
CA ILE A 37 -1.95 -9.48 2.35
C ILE A 37 -0.76 -10.42 2.28
N ALA A 38 -0.94 -11.64 2.78
CA ALA A 38 0.11 -12.65 2.77
C ALA A 38 0.70 -12.79 1.37
N GLY A 39 -0.17 -12.93 0.37
CA GLY A 39 0.29 -13.08 -0.99
C GLY A 39 0.79 -11.78 -1.59
N LEU A 40 0.31 -10.66 -1.05
CA LEU A 40 0.71 -9.35 -1.54
C LEU A 40 2.16 -9.05 -1.18
N LEU A 41 2.47 -9.14 0.11
CA LEU A 41 3.82 -8.88 0.59
C LEU A 41 4.84 -9.71 -0.20
N LYS A 42 4.41 -10.88 -0.65
CA LYS A 42 5.28 -11.77 -1.42
C LYS A 42 5.83 -11.06 -2.65
N ASP A 43 4.94 -10.59 -3.52
CA ASP A 43 5.33 -9.89 -4.73
C ASP A 43 5.89 -8.51 -4.41
N THR A 44 5.22 -7.81 -3.49
CA THR A 44 5.64 -6.48 -3.09
C THR A 44 7.11 -6.45 -2.70
N TYR A 45 7.56 -7.54 -2.08
CA TYR A 45 8.95 -7.66 -1.64
C TYR A 45 9.85 -8.08 -2.80
N ALA A 46 9.27 -8.76 -3.77
CA ALA A 46 10.03 -9.22 -4.93
C ALA A 46 10.23 -8.09 -5.93
N GLU A 47 9.35 -7.10 -5.90
CA GLU A 47 9.44 -5.96 -6.81
C GLU A 47 10.77 -5.22 -6.61
N MET A 48 11.14 -5.00 -5.35
CA MET A 48 12.37 -4.31 -5.03
C MET A 48 13.58 -5.21 -5.24
N GLY A 49 13.33 -6.52 -5.31
CA GLY A 49 14.41 -7.47 -5.52
C GLY A 49 14.93 -8.05 -4.21
N MET A 50 14.15 -7.91 -3.16
CA MET A 50 14.54 -8.41 -1.84
C MET A 50 14.61 -9.94 -1.85
N SER A 51 15.04 -10.51 -0.73
CA SER A 51 15.15 -11.96 -0.61
C SER A 51 13.77 -12.62 -0.67
N ASN A 52 12.73 -11.81 -0.52
CA ASN A 52 11.36 -12.31 -0.56
C ASN A 52 11.10 -13.25 0.60
N PHE A 53 10.96 -12.70 1.80
CA PHE A 53 10.71 -13.50 3.00
C PHE A 53 9.24 -13.90 3.07
N THR A 54 8.98 -15.03 3.73
CA THR A 54 7.62 -15.52 3.89
C THR A 54 7.12 -15.35 5.32
N PRO A 55 6.48 -14.20 5.59
CA PRO A 55 5.95 -13.89 6.91
C PRO A 55 4.75 -14.76 7.27
N THR A 56 4.33 -14.70 8.54
CA THR A 56 3.20 -15.48 9.01
C THR A 56 1.99 -14.59 9.29
N LYS A 57 0.93 -15.18 9.80
CA LYS A 57 -0.28 -14.44 10.12
C LYS A 57 0.01 -13.28 11.07
N GLU A 58 1.08 -13.43 11.84
CA GLU A 58 1.47 -12.39 12.79
C GLU A 58 2.16 -11.23 12.09
N ASP A 59 3.22 -11.54 11.35
CA ASP A 59 3.97 -10.53 10.62
C ASP A 59 3.04 -9.66 9.77
N VAL A 60 2.00 -10.29 9.22
CA VAL A 60 1.03 -9.58 8.39
C VAL A 60 0.24 -8.56 9.21
N LYS A 61 -0.05 -8.92 10.45
CA LYS A 61 -0.80 -8.03 11.34
C LYS A 61 -0.06 -6.71 11.54
N ILE A 62 1.24 -6.79 11.80
CA ILE A 62 2.06 -5.61 12.00
C ILE A 62 2.10 -4.74 10.74
N TRP A 63 1.94 -5.38 9.59
CA TRP A 63 1.95 -4.66 8.32
C TRP A 63 0.57 -4.08 8.01
N LEU A 64 -0.47 -4.70 8.56
CA LEU A 64 -1.83 -4.24 8.34
C LEU A 64 -2.14 -3.00 9.20
N GLN A 65 -1.57 -2.98 10.40
CA GLN A 65 -1.77 -1.86 11.30
C GLN A 65 -1.28 -0.54 10.69
N MET A 66 -0.31 -0.66 9.79
CA MET A 66 0.25 0.51 9.13
C MET A 66 -0.54 0.87 7.87
N ALA A 67 -0.78 -0.14 7.03
CA ALA A 67 -1.55 0.07 5.80
C ALA A 67 -2.96 0.55 6.10
N ASP A 68 -3.60 -0.07 7.08
CA ASP A 68 -4.96 0.28 7.46
C ASP A 68 -5.03 1.75 7.89
N THR A 69 -5.46 2.60 6.97
CA THR A 69 -5.57 4.04 7.24
C THR A 69 -6.92 4.37 7.87
N ASN A 70 -7.92 3.52 7.61
CA ASN A 70 -9.25 3.73 8.15
C ASN A 70 -9.45 2.94 9.44
N SER A 71 -8.52 2.02 9.71
CA SER A 71 -8.59 1.20 10.90
C SER A 71 -9.85 0.32 10.89
N ASP A 72 -10.08 -0.34 9.76
CA ASP A 72 -11.25 -1.20 9.61
C ASP A 72 -10.84 -2.67 9.56
N GLY A 73 -9.67 -2.97 10.12
CA GLY A 73 -9.17 -4.34 10.13
C GLY A 73 -8.89 -4.85 8.73
N SER A 74 -8.83 -3.93 7.76
CA SER A 74 -8.57 -4.30 6.37
C SER A 74 -7.95 -3.14 5.61
N VAL A 75 -7.28 -3.45 4.51
CA VAL A 75 -6.63 -2.43 3.69
C VAL A 75 -7.24 -2.39 2.29
N SER A 76 -7.74 -1.23 1.89
CA SER A 76 -8.36 -1.07 0.58
C SER A 76 -7.34 -0.55 -0.43
N LEU A 77 -7.82 -0.16 -1.60
CA LEU A 77 -6.96 0.35 -2.66
C LEU A 77 -6.34 1.69 -2.25
N GLU A 78 -7.15 2.56 -1.67
CA GLU A 78 -6.69 3.88 -1.23
C GLU A 78 -5.81 3.75 0.01
N GLU A 79 -6.14 2.79 0.88
CA GLU A 79 -5.38 2.56 2.10
C GLU A 79 -4.08 1.83 1.81
N TYR A 80 -4.04 1.13 0.68
CA TYR A 80 -2.84 0.39 0.29
C TYR A 80 -1.84 1.30 -0.39
N GLU A 81 -2.30 2.06 -1.38
CA GLU A 81 -1.44 2.98 -2.11
C GLU A 81 -0.70 3.91 -1.16
N ASP A 82 -1.42 4.42 -0.17
CA ASP A 82 -0.83 5.33 0.81
C ASP A 82 0.42 4.73 1.42
N LEU A 83 0.45 3.41 1.51
CA LEU A 83 1.60 2.69 2.07
C LEU A 83 2.84 2.91 1.23
N ILE A 84 2.69 2.84 -0.08
CA ILE A 84 3.80 3.03 -1.01
C ILE A 84 4.26 4.49 -1.01
N ILE A 85 3.36 5.39 -0.65
CA ILE A 85 3.67 6.81 -0.62
C ILE A 85 4.82 7.10 0.34
N LYS A 86 4.66 6.68 1.59
CA LYS A 86 5.68 6.88 2.60
C LYS A 86 7.04 6.37 2.12
N SER A 87 7.03 5.24 1.41
CA SER A 87 8.24 4.65 0.89
C SER A 87 8.78 5.44 -0.30
N LEU A 88 7.87 6.07 -1.03
CA LEU A 88 8.25 6.86 -2.20
C LEU A 88 9.00 8.11 -1.78
N GLN A 89 8.63 8.66 -0.63
CA GLN A 89 9.29 9.86 -0.12
C GLN A 89 10.79 9.65 0.04
N LYS A 90 11.17 8.53 0.63
CA LYS A 90 12.57 8.20 0.84
C LYS A 90 13.17 7.56 -0.41
N ALA A 91 12.32 6.95 -1.22
CA ALA A 91 12.76 6.30 -2.45
C ALA A 91 13.32 7.33 -3.44
N GLY A 92 12.94 8.59 -3.27
CA GLY A 92 13.41 9.64 -4.14
C GLY A 92 12.29 10.29 -4.92
N ILE A 93 11.07 10.15 -4.41
CA ILE A 93 9.90 10.74 -5.07
C ILE A 93 9.20 11.74 -4.16
N ARG A 94 9.40 13.02 -4.42
CA ARG A 94 8.79 14.07 -3.63
C ARG A 94 7.29 14.16 -3.90
N VAL A 95 6.49 13.73 -2.93
CA VAL A 95 5.04 13.76 -3.06
C VAL A 95 4.44 14.93 -2.29
N GLU A 96 3.39 15.52 -2.84
CA GLU A 96 2.72 16.65 -2.20
C GLU A 96 1.25 16.32 -1.93
N LYS A 97 0.84 16.54 -0.68
CA LYS A 97 -0.54 16.28 -0.28
C LYS A 97 -1.19 17.52 0.31
N GLN A 98 -2.50 17.63 0.16
CA GLN A 98 -3.24 18.78 0.68
C GLN A 98 -3.20 18.81 2.20
N SER A 99 -2.36 19.68 2.75
CA SER A 99 -2.21 19.81 4.19
C SER A 99 -2.15 21.28 4.60
N LEU A 100 -2.10 21.52 5.90
CA LEU A 100 -2.04 22.88 6.43
C LEU A 100 -0.77 23.10 7.24
N VAL A 101 -0.07 24.19 6.94
CA VAL A 101 1.17 24.51 7.64
C VAL A 101 0.88 25.12 9.01
N PHE A 102 1.72 24.76 9.99
CA PHE A 102 1.55 25.27 11.35
C PHE A 102 2.32 26.58 11.55
N SER A 1 -14.59 19.74 -2.49
CA SER A 1 -13.76 18.54 -2.41
C SER A 1 -12.35 18.82 -2.92
N SER A 2 -11.51 19.39 -2.06
CA SER A 2 -10.14 19.72 -2.42
C SER A 2 -9.27 18.47 -2.41
N LYS A 3 -8.82 18.05 -3.59
CA LYS A 3 -7.98 16.87 -3.72
C LYS A 3 -6.50 17.26 -3.80
N PRO A 4 -5.66 16.50 -3.08
CA PRO A 4 -4.21 16.75 -3.05
C PRO A 4 -3.54 16.42 -4.38
N LYS A 5 -2.93 17.43 -5.00
CA LYS A 5 -2.25 17.25 -6.27
C LYS A 5 -0.92 16.53 -6.08
N TYR A 6 -0.90 15.25 -6.41
CA TYR A 6 0.31 14.43 -6.28
C TYR A 6 1.12 14.46 -7.56
N ASN A 7 2.43 14.68 -7.44
CA ASN A 7 3.31 14.73 -8.59
C ASN A 7 3.14 13.48 -9.46
N PRO A 8 3.59 13.59 -10.72
CA PRO A 8 3.50 12.48 -11.67
C PRO A 8 4.44 11.33 -11.33
N GLU A 9 5.42 11.61 -10.47
CA GLU A 9 6.38 10.61 -10.06
C GLU A 9 5.83 9.75 -8.92
N VAL A 10 4.88 10.32 -8.18
CA VAL A 10 4.27 9.61 -7.06
C VAL A 10 3.23 8.61 -7.55
N GLU A 11 2.18 9.10 -8.18
CA GLU A 11 1.12 8.25 -8.71
C GLU A 11 1.70 7.14 -9.57
N ALA A 12 2.78 7.44 -10.28
CA ALA A 12 3.43 6.46 -11.14
C ALA A 12 3.72 5.18 -10.38
N LYS A 13 4.09 5.30 -9.11
CA LYS A 13 4.40 4.15 -8.27
C LYS A 13 3.13 3.53 -7.70
N LEU A 14 2.09 4.35 -7.56
CA LEU A 14 0.82 3.89 -7.03
C LEU A 14 0.07 3.05 -8.06
N ASP A 15 0.17 3.44 -9.32
CA ASP A 15 -0.49 2.72 -10.40
C ASP A 15 -0.12 1.24 -10.38
N VAL A 16 1.18 0.96 -10.46
CA VAL A 16 1.67 -0.41 -10.46
C VAL A 16 1.19 -1.15 -9.21
N ALA A 17 0.90 -0.41 -8.16
CA ALA A 17 0.43 -1.00 -6.91
C ALA A 17 -1.06 -1.34 -6.99
N ARG A 18 -1.79 -0.56 -7.78
CA ARG A 18 -3.22 -0.78 -7.95
C ARG A 18 -3.50 -2.17 -8.50
N ARG A 19 -2.88 -2.50 -9.63
CA ARG A 19 -3.07 -3.79 -10.26
C ARG A 19 -2.77 -4.93 -9.28
N LEU A 20 -1.66 -4.80 -8.56
CA LEU A 20 -1.27 -5.81 -7.59
C LEU A 20 -2.37 -6.03 -6.55
N PHE A 21 -3.07 -4.95 -6.22
CA PHE A 21 -4.15 -5.02 -5.23
C PHE A 21 -5.23 -5.99 -5.69
N LYS A 22 -5.88 -5.69 -6.81
CA LYS A 22 -6.92 -6.53 -7.36
C LYS A 22 -6.38 -7.90 -7.74
N ARG A 23 -5.09 -7.95 -8.05
CA ARG A 23 -4.45 -9.21 -8.44
C ARG A 23 -4.70 -10.29 -7.39
N TYR A 24 -4.83 -9.87 -6.13
CA TYR A 24 -5.07 -10.80 -5.04
C TYR A 24 -6.53 -10.76 -4.60
N ASP A 25 -7.11 -9.56 -4.60
CA ASP A 25 -8.50 -9.39 -4.20
C ASP A 25 -9.44 -9.91 -5.29
N LYS A 26 -9.57 -11.22 -5.37
CA LYS A 26 -10.44 -11.84 -6.36
C LYS A 26 -11.91 -11.53 -6.07
N ASP A 27 -12.23 -11.36 -4.80
CA ASP A 27 -13.60 -11.06 -4.39
C ASP A 27 -13.98 -9.63 -4.79
N GLY A 28 -12.99 -8.87 -5.22
CA GLY A 28 -13.24 -7.49 -5.64
C GLY A 28 -13.89 -6.68 -4.53
N SER A 29 -13.73 -7.11 -3.29
CA SER A 29 -14.31 -6.41 -2.15
C SER A 29 -13.58 -5.09 -1.89
N GLY A 30 -12.35 -5.00 -2.38
CA GLY A 30 -11.57 -3.79 -2.19
C GLY A 30 -10.90 -3.74 -0.82
N GLN A 31 -10.70 -4.90 -0.21
CA GLN A 31 -10.08 -4.97 1.10
C GLN A 31 -9.23 -6.23 1.23
N LEU A 32 -7.99 -6.06 1.69
CA LEU A 32 -7.08 -7.18 1.86
C LEU A 32 -6.95 -7.56 3.32
N GLN A 33 -7.64 -8.64 3.72
CA GLN A 33 -7.61 -9.11 5.09
C GLN A 33 -6.20 -9.54 5.48
N ASP A 34 -6.02 -9.88 6.76
CA ASP A 34 -4.73 -10.32 7.26
C ASP A 34 -4.20 -11.50 6.44
N ASP A 35 -5.11 -12.26 5.85
CA ASP A 35 -4.74 -13.41 5.05
C ASP A 35 -4.31 -12.99 3.64
N GLU A 36 -5.19 -12.24 2.97
CA GLU A 36 -4.91 -11.78 1.62
C GLU A 36 -3.56 -11.06 1.56
N ILE A 37 -3.27 -10.29 2.60
CA ILE A 37 -2.01 -9.55 2.67
C ILE A 37 -0.81 -10.50 2.70
N ALA A 38 -1.00 -11.66 3.31
CA ALA A 38 0.06 -12.66 3.42
C ALA A 38 0.66 -12.95 2.05
N GLY A 39 -0.20 -13.07 1.04
CA GLY A 39 0.26 -13.34 -0.30
C GLY A 39 0.71 -12.09 -1.04
N LEU A 40 0.16 -10.95 -0.64
CA LEU A 40 0.50 -9.68 -1.27
C LEU A 40 1.99 -9.37 -1.10
N LEU A 41 2.45 -9.37 0.14
CA LEU A 41 3.86 -9.09 0.44
C LEU A 41 4.77 -9.99 -0.38
N LYS A 42 4.32 -11.22 -0.63
CA LYS A 42 5.09 -12.18 -1.41
C LYS A 42 5.54 -11.57 -2.74
N ASP A 43 4.56 -11.16 -3.54
CA ASP A 43 4.85 -10.56 -4.84
C ASP A 43 5.38 -9.14 -4.67
N THR A 44 4.76 -8.39 -3.77
CA THR A 44 5.17 -7.01 -3.51
C THR A 44 6.66 -6.92 -3.22
N TYR A 45 7.20 -7.96 -2.58
CA TYR A 45 8.62 -7.99 -2.25
C TYR A 45 9.47 -8.32 -3.47
N ALA A 46 9.10 -9.40 -4.16
CA ALA A 46 9.82 -9.83 -5.36
C ALA A 46 9.83 -8.73 -6.41
N GLU A 47 8.79 -7.91 -6.43
CA GLU A 47 8.68 -6.82 -7.39
C GLU A 47 9.94 -5.95 -7.37
N MET A 48 10.39 -5.60 -6.16
CA MET A 48 11.58 -4.77 -6.01
C MET A 48 12.84 -5.60 -6.22
N GLY A 49 12.71 -6.91 -6.14
CA GLY A 49 13.85 -7.79 -6.32
C GLY A 49 14.50 -8.19 -5.00
N MET A 50 13.70 -8.22 -3.94
CA MET A 50 14.21 -8.59 -2.63
C MET A 50 14.20 -10.10 -2.44
N SER A 51 14.71 -10.57 -1.30
CA SER A 51 14.76 -12.00 -1.00
C SER A 51 13.36 -12.60 -1.03
N ASN A 52 12.36 -11.76 -0.83
CA ASN A 52 10.97 -12.21 -0.81
C ASN A 52 10.72 -13.19 0.33
N PHE A 53 10.93 -12.72 1.56
CA PHE A 53 10.73 -13.56 2.74
C PHE A 53 9.27 -13.93 2.89
N THR A 54 9.01 -15.08 3.53
CA THR A 54 7.66 -15.56 3.74
C THR A 54 7.25 -15.44 5.20
N PRO A 55 6.66 -14.29 5.56
CA PRO A 55 6.22 -14.03 6.93
C PRO A 55 5.02 -14.89 7.34
N THR A 56 4.44 -14.59 8.49
CA THR A 56 3.29 -15.33 8.98
C THR A 56 2.13 -14.39 9.32
N LYS A 57 1.06 -14.96 9.85
CA LYS A 57 -0.12 -14.18 10.22
C LYS A 57 0.25 -13.08 11.22
N GLU A 58 1.31 -13.30 11.98
CA GLU A 58 1.77 -12.34 12.97
C GLU A 58 2.42 -11.13 12.29
N ASP A 59 3.50 -11.38 11.56
CA ASP A 59 4.21 -10.31 10.86
C ASP A 59 3.25 -9.50 9.99
N VAL A 60 2.44 -10.19 9.21
CA VAL A 60 1.48 -9.53 8.33
C VAL A 60 0.63 -8.53 9.11
N LYS A 61 0.33 -8.85 10.36
CA LYS A 61 -0.47 -7.98 11.21
C LYS A 61 0.22 -6.63 11.40
N ILE A 62 1.48 -6.68 11.83
CA ILE A 62 2.25 -5.47 12.05
C ILE A 62 2.33 -4.61 10.80
N TRP A 63 2.20 -5.26 9.64
CA TRP A 63 2.25 -4.57 8.37
C TRP A 63 0.89 -3.96 8.02
N LEU A 64 -0.17 -4.69 8.35
CA LEU A 64 -1.53 -4.21 8.07
C LEU A 64 -1.78 -2.87 8.73
N GLN A 65 -1.40 -2.75 10.00
CA GLN A 65 -1.58 -1.51 10.75
C GLN A 65 -0.95 -0.34 10.00
N MET A 66 0.18 -0.58 9.36
CA MET A 66 0.89 0.45 8.62
C MET A 66 0.07 0.92 7.42
N ALA A 67 -0.34 -0.03 6.59
CA ALA A 67 -1.14 0.28 5.40
C ALA A 67 -2.50 0.85 5.80
N ASP A 68 -3.30 0.04 6.48
CA ASP A 68 -4.62 0.45 6.91
C ASP A 68 -4.53 1.51 8.00
N THR A 69 -5.25 2.61 7.81
CA THR A 69 -5.24 3.70 8.79
C THR A 69 -6.26 3.45 9.89
N ASN A 70 -7.29 2.66 9.59
CA ASN A 70 -8.33 2.34 10.56
C ASN A 70 -7.96 1.10 11.36
N SER A 71 -6.94 0.38 10.90
CA SER A 71 -6.49 -0.83 11.57
C SER A 71 -7.66 -1.77 11.82
N ASP A 72 -8.55 -1.87 10.84
CA ASP A 72 -9.71 -2.75 10.95
C ASP A 72 -9.44 -4.09 10.30
N GLY A 73 -8.16 -4.45 10.20
CA GLY A 73 -7.79 -5.72 9.59
C GLY A 73 -8.12 -5.78 8.11
N SER A 74 -8.11 -4.62 7.47
CA SER A 74 -8.42 -4.54 6.04
C SER A 74 -7.76 -3.32 5.41
N VAL A 75 -7.01 -3.54 4.33
CA VAL A 75 -6.33 -2.46 3.63
C VAL A 75 -7.04 -2.11 2.33
N SER A 76 -7.72 -0.98 2.32
CA SER A 76 -8.45 -0.53 1.14
C SER A 76 -7.49 -0.06 0.06
N LEU A 77 -8.04 0.33 -1.09
CA LEU A 77 -7.23 0.81 -2.20
C LEU A 77 -6.49 2.09 -1.83
N GLU A 78 -7.14 2.95 -1.06
CA GLU A 78 -6.54 4.21 -0.63
C GLU A 78 -5.64 3.99 0.57
N GLU A 79 -5.92 2.94 1.34
CA GLU A 79 -5.13 2.62 2.52
C GLU A 79 -3.84 1.90 2.14
N TYR A 80 -3.86 1.26 0.97
CA TYR A 80 -2.69 0.53 0.49
C TYR A 80 -1.71 1.46 -0.21
N GLU A 81 -2.21 2.22 -1.16
CA GLU A 81 -1.38 3.16 -1.92
C GLU A 81 -0.61 4.07 -0.98
N ASP A 82 -1.29 4.58 0.05
CA ASP A 82 -0.67 5.47 1.03
C ASP A 82 0.60 4.84 1.59
N LEU A 83 0.54 3.55 1.89
CA LEU A 83 1.69 2.83 2.43
C LEU A 83 2.92 3.04 1.57
N ILE A 84 2.73 3.05 0.26
CA ILE A 84 3.84 3.24 -0.68
C ILE A 84 4.29 4.69 -0.70
N ILE A 85 3.38 5.60 -0.35
CA ILE A 85 3.69 7.03 -0.32
C ILE A 85 4.69 7.34 0.79
N LYS A 86 4.54 6.67 1.93
CA LYS A 86 5.44 6.88 3.07
C LYS A 86 6.85 6.41 2.73
N SER A 87 6.95 5.33 1.99
CA SER A 87 8.25 4.78 1.60
C SER A 87 8.86 5.58 0.46
N LEU A 88 8.02 6.02 -0.48
CA LEU A 88 8.47 6.79 -1.62
C LEU A 88 9.19 8.06 -1.17
N GLN A 89 8.71 8.65 -0.08
CA GLN A 89 9.32 9.86 0.46
C GLN A 89 10.80 9.66 0.76
N LYS A 90 11.13 8.47 1.25
CA LYS A 90 12.51 8.13 1.59
C LYS A 90 13.26 7.62 0.35
N ALA A 91 12.51 7.08 -0.60
CA ALA A 91 13.10 6.56 -1.82
C ALA A 91 13.74 7.67 -2.65
N GLY A 92 13.29 8.89 -2.43
CA GLY A 92 13.83 10.03 -3.15
C GLY A 92 12.79 10.70 -4.02
N ILE A 93 11.52 10.55 -3.65
CA ILE A 93 10.43 11.16 -4.40
C ILE A 93 9.65 12.15 -3.54
N ARG A 94 9.92 13.44 -3.76
CA ARG A 94 9.24 14.49 -3.00
C ARG A 94 7.77 14.58 -3.39
N VAL A 95 6.91 14.02 -2.56
CA VAL A 95 5.48 14.04 -2.81
C VAL A 95 4.88 15.41 -2.49
N GLU A 96 3.81 15.76 -3.20
CA GLU A 96 3.15 17.04 -2.99
C GLU A 96 1.67 16.84 -2.66
N LYS A 97 1.24 17.42 -1.55
CA LYS A 97 -0.16 17.31 -1.12
C LYS A 97 -0.67 18.64 -0.60
N GLN A 98 -2.00 18.80 -0.59
CA GLN A 98 -2.62 20.03 -0.12
C GLN A 98 -2.77 20.02 1.40
N SER A 99 -1.70 20.41 2.10
CA SER A 99 -1.71 20.44 3.55
C SER A 99 -2.53 21.64 4.06
N LEU A 100 -2.83 21.62 5.36
CA LEU A 100 -3.60 22.70 5.97
C LEU A 100 -3.15 22.94 7.41
N VAL A 101 -3.73 23.95 8.04
CA VAL A 101 -3.39 24.29 9.42
C VAL A 101 -3.64 23.11 10.35
N PHE A 102 -2.56 22.51 10.86
CA PHE A 102 -2.68 21.37 11.76
C PHE A 102 -2.52 21.82 13.22
N SER A 1 -16.12 18.35 -4.35
CA SER A 1 -15.48 17.12 -4.81
C SER A 1 -14.13 17.41 -5.44
N SER A 2 -13.12 17.60 -4.60
CA SER A 2 -11.77 17.89 -5.08
C SER A 2 -10.77 16.88 -4.52
N LYS A 3 -10.03 16.24 -5.41
CA LYS A 3 -9.04 15.25 -5.01
C LYS A 3 -7.66 15.88 -4.89
N PRO A 4 -6.76 15.21 -4.16
CA PRO A 4 -5.39 15.69 -3.95
C PRO A 4 -4.55 15.63 -5.22
N LYS A 5 -3.86 16.73 -5.52
CA LYS A 5 -3.02 16.80 -6.71
C LYS A 5 -1.67 16.14 -6.46
N TYR A 6 -1.47 14.97 -7.03
CA TYR A 6 -0.22 14.23 -6.88
C TYR A 6 0.63 14.32 -8.14
N ASN A 7 1.92 14.58 -7.96
CA ASN A 7 2.84 14.69 -9.09
C ASN A 7 2.77 13.44 -9.98
N PRO A 8 3.24 13.58 -11.23
CA PRO A 8 3.25 12.48 -12.19
C PRO A 8 4.24 11.38 -11.82
N GLU A 9 5.23 11.74 -11.01
CA GLU A 9 6.25 10.79 -10.58
C GLU A 9 5.73 9.91 -9.44
N VAL A 10 4.71 10.40 -8.74
CA VAL A 10 4.12 9.66 -7.63
C VAL A 10 3.20 8.55 -8.13
N GLU A 11 2.16 8.94 -8.86
CA GLU A 11 1.20 7.97 -9.40
C GLU A 11 1.93 6.87 -10.17
N ALA A 12 3.07 7.22 -10.76
CA ALA A 12 3.85 6.26 -11.53
C ALA A 12 4.20 5.04 -10.68
N LYS A 13 4.51 5.27 -9.42
CA LYS A 13 4.85 4.18 -8.51
C LYS A 13 3.61 3.53 -7.93
N LEU A 14 2.51 4.29 -7.88
CA LEU A 14 1.26 3.79 -7.34
C LEU A 14 0.58 2.86 -8.34
N ASP A 15 0.80 3.11 -9.62
CA ASP A 15 0.22 2.28 -10.68
C ASP A 15 0.67 0.83 -10.54
N VAL A 16 1.99 0.63 -10.55
CA VAL A 16 2.56 -0.71 -10.44
C VAL A 16 2.04 -1.42 -9.19
N ALA A 17 1.66 -0.65 -8.19
CA ALA A 17 1.14 -1.20 -6.94
C ALA A 17 -0.35 -1.49 -7.05
N ARG A 18 -1.06 -0.66 -7.83
CA ARG A 18 -2.49 -0.82 -8.02
C ARG A 18 -2.82 -2.19 -8.61
N ARG A 19 -2.06 -2.57 -9.64
CA ARG A 19 -2.28 -3.85 -10.31
C ARG A 19 -2.07 -5.01 -9.33
N LEU A 20 -1.16 -4.82 -8.37
CA LEU A 20 -0.88 -5.85 -7.37
C LEU A 20 -2.05 -6.02 -6.42
N PHE A 21 -2.84 -4.95 -6.26
CA PHE A 21 -3.99 -4.98 -5.37
C PHE A 21 -5.03 -5.97 -5.86
N LYS A 22 -5.59 -5.70 -7.03
CA LYS A 22 -6.60 -6.58 -7.62
C LYS A 22 -6.04 -7.98 -7.83
N ARG A 23 -4.73 -8.08 -7.99
CA ARG A 23 -4.08 -9.38 -8.21
C ARG A 23 -4.41 -10.34 -7.07
N TYR A 24 -4.70 -9.79 -5.89
CA TYR A 24 -5.03 -10.59 -4.72
C TYR A 24 -6.50 -10.44 -4.36
N ASP A 25 -7.07 -9.30 -4.70
CA ASP A 25 -8.48 -9.03 -4.41
C ASP A 25 -9.38 -9.84 -5.32
N LYS A 26 -9.56 -11.12 -4.99
CA LYS A 26 -10.40 -12.01 -5.79
C LYS A 26 -11.86 -11.84 -5.41
N ASP A 27 -12.11 -11.41 -4.18
CA ASP A 27 -13.47 -11.21 -3.69
C ASP A 27 -14.12 -10.00 -4.36
N GLY A 28 -13.30 -9.22 -5.07
CA GLY A 28 -13.81 -8.05 -5.75
C GLY A 28 -14.45 -7.06 -4.79
N SER A 29 -14.10 -7.16 -3.51
CA SER A 29 -14.64 -6.28 -2.49
C SER A 29 -13.82 -5.00 -2.39
N GLY A 30 -12.57 -5.07 -2.84
CA GLY A 30 -11.70 -3.91 -2.78
C GLY A 30 -10.96 -3.80 -1.46
N GLN A 31 -10.82 -4.92 -0.77
CA GLN A 31 -10.13 -4.94 0.52
C GLN A 31 -9.23 -6.16 0.63
N LEU A 32 -8.17 -6.03 1.42
CA LEU A 32 -7.23 -7.12 1.62
C LEU A 32 -7.17 -7.55 3.08
N GLN A 33 -7.82 -8.66 3.40
CA GLN A 33 -7.85 -9.17 4.76
C GLN A 33 -6.49 -9.72 5.18
N ASP A 34 -6.37 -10.09 6.44
CA ASP A 34 -5.11 -10.63 6.95
C ASP A 34 -4.65 -11.83 6.13
N ASP A 35 -5.61 -12.51 5.51
CA ASP A 35 -5.30 -13.67 4.68
C ASP A 35 -4.78 -13.25 3.31
N GLU A 36 -5.27 -12.12 2.82
CA GLU A 36 -4.84 -11.59 1.53
C GLU A 36 -3.56 -10.79 1.65
N ILE A 37 -3.33 -10.24 2.84
CA ILE A 37 -2.13 -9.45 3.09
C ILE A 37 -0.91 -10.33 3.23
N ALA A 38 -1.07 -11.46 3.92
CA ALA A 38 0.04 -12.39 4.12
C ALA A 38 0.70 -12.75 2.80
N GLY A 39 -0.12 -13.04 1.79
CA GLY A 39 0.42 -13.40 0.49
C GLY A 39 0.78 -12.19 -0.34
N LEU A 40 0.17 -11.05 -0.03
CA LEU A 40 0.43 -9.80 -0.75
C LEU A 40 1.90 -9.42 -0.65
N LEU A 41 2.39 -9.32 0.58
CA LEU A 41 3.78 -8.94 0.82
C LEU A 41 4.72 -9.83 0.02
N LYS A 42 4.34 -11.09 -0.15
CA LYS A 42 5.15 -12.05 -0.91
C LYS A 42 5.48 -11.50 -2.29
N ASP A 43 4.47 -11.01 -2.99
CA ASP A 43 4.66 -10.45 -4.32
C ASP A 43 5.15 -9.01 -4.25
N THR A 44 4.54 -8.24 -3.35
CA THR A 44 4.91 -6.84 -3.18
C THR A 44 6.40 -6.68 -2.92
N TYR A 45 6.99 -7.69 -2.29
CA TYR A 45 8.42 -7.67 -1.98
C TYR A 45 9.25 -8.08 -3.19
N ALA A 46 8.97 -9.28 -3.70
CA ALA A 46 9.69 -9.79 -4.86
C ALA A 46 9.58 -8.83 -6.05
N GLU A 47 8.53 -8.03 -6.06
CA GLU A 47 8.31 -7.07 -7.13
C GLU A 47 9.48 -6.10 -7.23
N MET A 48 10.18 -5.90 -6.12
CA MET A 48 11.33 -5.00 -6.10
C MET A 48 12.63 -5.78 -5.91
N GLY A 49 12.59 -7.06 -6.26
CA GLY A 49 13.77 -7.90 -6.12
C GLY A 49 14.18 -8.12 -4.68
N MET A 50 13.24 -7.87 -3.77
CA MET A 50 13.51 -8.03 -2.35
C MET A 50 13.81 -9.50 -2.02
N SER A 51 14.23 -9.74 -0.78
CA SER A 51 14.57 -11.09 -0.34
C SER A 51 13.37 -12.02 -0.47
N ASN A 52 12.17 -11.43 -0.51
CA ASN A 52 10.94 -12.20 -0.62
C ASN A 52 10.74 -13.09 0.60
N PHE A 53 10.58 -12.46 1.76
CA PHE A 53 10.37 -13.20 3.00
C PHE A 53 8.89 -13.48 3.22
N THR A 54 8.61 -14.57 3.94
CA THR A 54 7.23 -14.96 4.24
C THR A 54 6.88 -14.71 5.70
N PRO A 55 6.36 -13.50 6.00
CA PRO A 55 5.98 -13.12 7.36
C PRO A 55 4.76 -13.88 7.85
N THR A 56 4.62 -13.98 9.17
CA THR A 56 3.48 -14.67 9.77
C THR A 56 2.33 -13.72 10.05
N LYS A 57 1.27 -14.24 10.64
CA LYS A 57 0.09 -13.43 10.96
C LYS A 57 0.48 -12.23 11.83
N GLU A 58 1.57 -12.36 12.56
CA GLU A 58 2.05 -11.29 13.41
C GLU A 58 2.65 -10.15 12.59
N ASP A 59 3.69 -10.47 11.83
CA ASP A 59 4.35 -9.47 10.99
C ASP A 59 3.35 -8.76 10.10
N VAL A 60 2.29 -9.46 9.72
CA VAL A 60 1.26 -8.90 8.87
C VAL A 60 0.45 -7.84 9.60
N LYS A 61 0.29 -8.02 10.91
CA LYS A 61 -0.45 -7.08 11.73
C LYS A 61 0.24 -5.73 11.78
N ILE A 62 1.56 -5.74 11.93
CA ILE A 62 2.35 -4.51 11.99
C ILE A 62 2.27 -3.76 10.66
N TRP A 63 2.21 -4.51 9.57
CA TRP A 63 2.13 -3.91 8.23
C TRP A 63 0.70 -3.50 7.91
N LEU A 64 -0.27 -4.16 8.54
CA LEU A 64 -1.67 -3.86 8.31
C LEU A 64 -2.13 -2.69 9.18
N GLN A 65 -1.44 -2.49 10.30
CA GLN A 65 -1.77 -1.41 11.21
C GLN A 65 -1.83 -0.08 10.48
N MET A 66 -0.71 0.30 9.84
CA MET A 66 -0.64 1.55 9.11
C MET A 66 -1.55 1.51 7.88
N ALA A 67 -1.48 0.42 7.14
CA ALA A 67 -2.31 0.26 5.95
C ALA A 67 -3.79 0.43 6.27
N ASP A 68 -4.15 0.17 7.52
CA ASP A 68 -5.53 0.29 7.96
C ASP A 68 -5.83 1.72 8.43
N THR A 69 -6.38 2.53 7.53
CA THR A 69 -6.71 3.91 7.85
C THR A 69 -8.10 4.02 8.45
N ASN A 70 -9.01 3.17 7.97
CA ASN A 70 -10.39 3.17 8.47
C ASN A 70 -10.53 2.28 9.70
N SER A 71 -9.40 1.77 10.19
CA SER A 71 -9.39 0.91 11.36
C SER A 71 -10.48 -0.16 11.25
N ASP A 72 -10.70 -0.65 10.02
CA ASP A 72 -11.70 -1.67 9.79
C ASP A 72 -11.07 -3.06 9.77
N GLY A 73 -9.75 -3.10 9.63
CA GLY A 73 -9.05 -4.38 9.60
C GLY A 73 -8.71 -4.82 8.19
N SER A 74 -8.72 -3.87 7.26
CA SER A 74 -8.41 -4.17 5.86
C SER A 74 -7.61 -3.04 5.23
N VAL A 75 -7.33 -3.18 3.94
CA VAL A 75 -6.56 -2.18 3.20
C VAL A 75 -7.13 -1.97 1.81
N SER A 76 -7.81 -0.83 1.61
CA SER A 76 -8.39 -0.51 0.32
C SER A 76 -7.34 -0.02 -0.66
N LEU A 77 -7.77 0.37 -1.84
CA LEU A 77 -6.86 0.87 -2.88
C LEU A 77 -6.23 2.19 -2.45
N GLU A 78 -7.03 3.04 -1.81
CA GLU A 78 -6.54 4.34 -1.35
C GLU A 78 -5.71 4.19 -0.08
N GLU A 79 -5.98 3.12 0.67
CA GLU A 79 -5.25 2.88 1.92
C GLU A 79 -3.95 2.13 1.64
N TYR A 80 -3.90 1.43 0.52
CA TYR A 80 -2.71 0.67 0.14
C TYR A 80 -1.67 1.57 -0.50
N GLU A 81 -2.13 2.45 -1.40
CA GLU A 81 -1.23 3.37 -2.10
C GLU A 81 -0.40 4.17 -1.10
N ASP A 82 -1.03 4.61 -0.02
CA ASP A 82 -0.35 5.39 1.01
C ASP A 82 0.91 4.68 1.48
N LEU A 83 0.80 3.37 1.70
CA LEU A 83 1.94 2.57 2.15
C LEU A 83 3.15 2.79 1.25
N ILE A 84 2.89 3.01 -0.04
CA ILE A 84 3.96 3.23 -1.00
C ILE A 84 4.47 4.67 -0.93
N ILE A 85 3.56 5.60 -0.68
CA ILE A 85 3.91 7.02 -0.58
C ILE A 85 5.07 7.22 0.39
N LYS A 86 5.16 6.34 1.39
CA LYS A 86 6.23 6.43 2.39
C LYS A 86 7.61 6.35 1.73
N SER A 87 7.87 5.23 1.08
CA SER A 87 9.15 5.02 0.39
C SER A 87 9.46 6.17 -0.56
N LEU A 88 8.42 6.67 -1.22
CA LEU A 88 8.56 7.77 -2.16
C LEU A 88 9.22 8.97 -1.50
N GLN A 89 9.10 9.06 -0.18
CA GLN A 89 9.69 10.15 0.57
C GLN A 89 11.21 10.07 0.56
N LYS A 90 11.75 8.96 1.06
CA LYS A 90 13.19 8.75 1.10
C LYS A 90 13.71 8.34 -0.27
N ALA A 91 12.80 8.12 -1.21
CA ALA A 91 13.17 7.71 -2.56
C ALA A 91 13.36 8.93 -3.47
N GLY A 92 13.44 10.11 -2.86
CA GLY A 92 13.61 11.33 -3.63
C GLY A 92 12.44 11.59 -4.56
N ILE A 93 11.25 11.20 -4.14
CA ILE A 93 10.05 11.40 -4.94
C ILE A 93 9.23 12.59 -4.44
N ARG A 94 9.19 13.65 -5.24
CA ARG A 94 8.44 14.85 -4.88
C ARG A 94 6.94 14.62 -5.01
N VAL A 95 6.29 14.37 -3.88
CA VAL A 95 4.85 14.12 -3.87
C VAL A 95 4.11 15.26 -3.16
N GLU A 96 3.08 15.78 -3.81
CA GLU A 96 2.28 16.86 -3.24
C GLU A 96 1.07 16.32 -2.49
N LYS A 97 1.12 16.40 -1.17
CA LYS A 97 0.01 15.92 -0.34
C LYS A 97 -0.24 16.88 0.83
N GLN A 98 -1.45 17.41 0.89
CA GLN A 98 -1.83 18.34 1.95
C GLN A 98 -1.69 17.68 3.33
N SER A 99 -0.85 18.26 4.17
CA SER A 99 -0.62 17.73 5.51
C SER A 99 -0.52 18.85 6.53
N LEU A 100 -1.24 18.70 7.65
CA LEU A 100 -1.24 19.71 8.70
C LEU A 100 -0.39 19.25 9.88
N VAL A 101 0.31 20.19 10.51
CA VAL A 101 1.15 19.89 11.65
C VAL A 101 0.57 20.47 12.94
N PHE A 102 0.76 19.75 14.05
CA PHE A 102 0.24 20.19 15.34
C PHE A 102 0.78 21.58 15.69
#